data_1SG5
#
_entry.id   1SG5
#
_entity_poly.entity_id   1
_entity_poly.type   'polypeptide(L)'
_entity_poly.pdbx_seq_one_letter_code
;MSMNDTYQPINCDDYDNLELACQHHLMLTLELKDGEKLQAKASDLVSRKNVEYLVVEAAGETRELRLDKITSFSHPEIGT
VVVSES
;
_entity_poly.pdbx_strand_id   A
#
# COMPACT_ATOMS: atom_id res chain seq x y z
N MET A 1 -26.29 -0.46 -14.17
CA MET A 1 -25.63 0.40 -15.19
C MET A 1 -24.18 -0.02 -15.41
N SER A 2 -23.39 0.03 -14.34
CA SER A 2 -21.98 -0.36 -14.43
C SER A 2 -21.71 -1.58 -13.56
N MET A 3 -21.03 -2.57 -14.14
CA MET A 3 -20.71 -3.79 -13.42
C MET A 3 -19.20 -3.90 -13.18
N ASN A 4 -18.41 -3.33 -14.09
CA ASN A 4 -16.96 -3.38 -13.98
C ASN A 4 -16.44 -2.09 -13.35
N ASP A 5 -15.50 -2.23 -12.42
CA ASP A 5 -14.90 -1.08 -11.74
C ASP A 5 -13.39 -1.19 -11.73
N THR A 6 -12.73 -0.19 -11.14
CA THR A 6 -11.27 -0.17 -11.06
C THR A 6 -10.80 0.74 -9.93
N TYR A 7 -11.60 0.82 -8.88
CA TYR A 7 -11.27 1.65 -7.73
C TYR A 7 -10.58 0.84 -6.65
N GLN A 8 -9.26 0.97 -6.56
CA GLN A 8 -8.49 0.24 -5.56
C GLN A 8 -8.13 1.16 -4.38
N PRO A 9 -8.17 0.62 -3.14
CA PRO A 9 -7.86 1.41 -1.94
C PRO A 9 -6.43 1.96 -1.93
N ILE A 10 -5.49 1.17 -2.46
CA ILE A 10 -4.09 1.58 -2.53
C ILE A 10 -3.37 0.72 -3.58
N ASN A 11 -3.09 -0.54 -3.22
CA ASN A 11 -2.39 -1.45 -4.12
C ASN A 11 -3.38 -2.29 -4.92
N CYS A 12 -3.01 -2.59 -6.17
CA CYS A 12 -3.87 -3.38 -7.06
C CYS A 12 -3.47 -4.86 -7.03
N ASP A 13 -3.92 -5.62 -8.02
CA ASP A 13 -3.61 -7.05 -8.09
C ASP A 13 -2.14 -7.27 -8.42
N ASP A 14 -1.75 -6.93 -9.65
CA ASP A 14 -0.38 -7.08 -10.09
C ASP A 14 0.49 -5.91 -9.64
N TYR A 15 -0.03 -4.70 -9.85
CA TYR A 15 0.68 -3.49 -9.48
C TYR A 15 1.16 -3.53 -8.03
N ASP A 16 0.50 -4.36 -7.22
CA ASP A 16 0.85 -4.52 -5.81
C ASP A 16 2.09 -5.39 -5.65
N ASN A 17 2.25 -6.35 -6.55
CA ASN A 17 3.38 -7.27 -6.51
C ASN A 17 4.67 -6.57 -6.93
N LEU A 18 4.57 -5.72 -7.94
CA LEU A 18 5.72 -5.01 -8.46
C LEU A 18 6.03 -3.77 -7.64
N GLU A 19 5.00 -3.12 -7.11
CA GLU A 19 5.21 -1.92 -6.31
C GLU A 19 5.83 -2.29 -4.97
N LEU A 20 5.29 -3.30 -4.32
CA LEU A 20 5.80 -3.68 -3.01
C LEU A 20 7.21 -4.26 -3.11
N ALA A 21 7.49 -5.00 -4.17
CA ALA A 21 8.82 -5.59 -4.32
C ALA A 21 9.82 -4.57 -4.85
N CYS A 22 9.53 -4.00 -6.02
CA CYS A 22 10.42 -3.04 -6.64
C CYS A 22 10.31 -1.63 -6.07
N GLN A 23 9.09 -1.18 -5.77
CA GLN A 23 8.89 0.17 -5.24
C GLN A 23 9.08 0.23 -3.73
N HIS A 24 8.70 -0.83 -3.02
CA HIS A 24 8.82 -0.84 -1.57
C HIS A 24 9.97 -1.73 -1.11
N HIS A 25 10.25 -2.78 -1.88
CA HIS A 25 11.34 -3.71 -1.54
C HIS A 25 11.31 -4.06 -0.04
N LEU A 26 10.12 -4.44 0.43
CA LEU A 26 9.92 -4.80 1.84
C LEU A 26 9.78 -3.57 2.72
N MET A 27 10.76 -2.68 2.68
CA MET A 27 10.74 -1.47 3.49
C MET A 27 10.05 -0.32 2.77
N LEU A 28 8.87 0.06 3.25
CA LEU A 28 8.11 1.15 2.64
C LEU A 28 7.95 2.32 3.62
N THR A 29 7.70 3.51 3.08
CA THR A 29 7.50 4.71 3.90
C THR A 29 6.07 5.21 3.75
N LEU A 30 5.25 5.04 4.79
CA LEU A 30 3.85 5.47 4.70
C LEU A 30 3.67 6.88 5.20
N GLU A 31 2.91 7.68 4.45
CA GLU A 31 2.66 9.06 4.81
C GLU A 31 1.17 9.40 4.73
N LEU A 32 0.74 10.31 5.60
CA LEU A 32 -0.67 10.72 5.65
C LEU A 32 -0.80 12.23 5.48
N LYS A 33 -2.01 12.68 5.10
CA LYS A 33 -2.28 14.11 4.93
C LYS A 33 -1.65 14.93 6.04
N ASP A 34 -1.63 14.35 7.24
CA ASP A 34 -1.02 15.00 8.41
C ASP A 34 0.50 14.93 8.34
N GLY A 35 1.02 14.94 7.12
CA GLY A 35 2.45 14.88 6.92
C GLY A 35 3.09 13.72 7.65
N GLU A 36 2.35 12.63 7.85
CA GLU A 36 2.89 11.47 8.52
C GLU A 36 3.89 10.77 7.62
N LYS A 37 4.88 10.11 8.22
CA LYS A 37 5.91 9.41 7.46
C LYS A 37 6.60 8.35 8.32
N LEU A 38 6.48 7.08 7.92
CA LEU A 38 7.09 6.00 8.68
C LEU A 38 7.44 4.80 7.80
N GLN A 39 8.66 4.31 7.95
CA GLN A 39 9.12 3.16 7.19
C GLN A 39 8.86 1.87 7.96
N ALA A 40 8.53 0.81 7.23
CA ALA A 40 8.24 -0.48 7.85
C ALA A 40 8.97 -1.61 7.15
N LYS A 41 9.68 -2.43 7.94
CA LYS A 41 10.43 -3.56 7.42
C LYS A 41 9.52 -4.74 7.13
N ALA A 42 9.80 -5.45 6.04
CA ALA A 42 9.02 -6.62 5.65
C ALA A 42 7.56 -6.24 5.40
N SER A 43 6.91 -6.93 4.48
CA SER A 43 5.52 -6.64 4.16
C SER A 43 4.99 -7.49 3.02
N ASP A 44 3.69 -7.75 3.05
CA ASP A 44 2.99 -8.52 2.03
C ASP A 44 1.59 -7.92 1.94
N LEU A 45 0.75 -8.36 1.01
CA LEU A 45 -0.60 -7.79 0.90
C LEU A 45 -1.67 -8.87 1.02
N VAL A 46 -2.86 -8.45 1.40
CA VAL A 46 -4.00 -9.34 1.53
C VAL A 46 -5.21 -8.72 0.85
N SER A 47 -5.95 -9.50 0.06
CA SER A 47 -7.11 -8.97 -0.64
C SER A 47 -8.41 -9.49 -0.04
N ARG A 48 -9.22 -8.57 0.46
CA ARG A 48 -10.50 -8.91 1.03
C ARG A 48 -11.51 -9.23 -0.07
N LYS A 49 -12.48 -10.08 0.24
CA LYS A 49 -13.49 -10.46 -0.74
C LYS A 49 -14.14 -9.24 -1.38
N ASN A 50 -14.12 -8.10 -0.67
CA ASN A 50 -14.74 -6.89 -1.18
C ASN A 50 -13.72 -5.91 -1.77
N VAL A 51 -12.51 -5.87 -1.20
CA VAL A 51 -11.48 -4.95 -1.68
C VAL A 51 -10.07 -5.55 -1.48
N GLU A 52 -9.07 -4.70 -1.30
CA GLU A 52 -7.70 -5.18 -1.11
C GLU A 52 -6.89 -4.23 -0.22
N TYR A 53 -6.22 -4.81 0.79
CA TYR A 53 -5.39 -4.03 1.71
C TYR A 53 -4.01 -4.64 1.83
N LEU A 54 -3.03 -3.84 2.25
CA LEU A 54 -1.66 -4.32 2.44
C LEU A 54 -1.43 -4.65 3.91
N VAL A 55 -0.61 -5.66 4.16
CA VAL A 55 -0.29 -6.06 5.53
C VAL A 55 1.21 -6.21 5.69
N VAL A 56 1.81 -5.32 6.50
CA VAL A 56 3.24 -5.37 6.71
C VAL A 56 3.58 -5.87 8.12
N GLU A 57 4.63 -6.68 8.19
CA GLU A 57 5.07 -7.23 9.45
C GLU A 57 6.06 -6.28 10.14
N ALA A 58 5.67 -5.78 11.31
CA ALA A 58 6.50 -4.85 12.06
C ALA A 58 7.39 -5.60 13.06
N ALA A 59 8.55 -6.05 12.59
CA ALA A 59 9.50 -6.76 13.44
C ALA A 59 8.91 -8.06 13.97
N GLY A 60 8.05 -7.96 14.97
CA GLY A 60 7.43 -9.14 15.55
C GLY A 60 5.93 -8.98 15.73
N GLU A 61 5.37 -7.89 15.21
CA GLU A 61 3.95 -7.65 15.32
C GLU A 61 3.34 -7.32 13.96
N THR A 62 2.32 -8.08 13.57
CA THR A 62 1.68 -7.87 12.28
C THR A 62 0.93 -6.55 12.26
N ARG A 63 1.02 -5.84 11.14
CA ARG A 63 0.36 -4.55 10.99
C ARG A 63 -0.35 -4.47 9.63
N GLU A 64 -1.41 -3.67 9.57
CA GLU A 64 -2.17 -3.50 8.34
C GLU A 64 -2.16 -2.04 7.89
N LEU A 65 -1.47 -1.77 6.78
CA LEU A 65 -1.38 -0.42 6.25
C LEU A 65 -1.85 -0.38 4.80
N ARG A 66 -2.69 0.61 4.48
CA ARG A 66 -3.27 0.80 3.13
C ARG A 66 -4.72 0.31 3.11
N LEU A 67 -5.16 -0.28 4.21
CA LEU A 67 -6.52 -0.78 4.35
C LEU A 67 -7.51 0.36 4.56
N ASP A 68 -6.97 1.54 4.86
CA ASP A 68 -7.80 2.71 5.10
C ASP A 68 -7.63 3.72 3.98
N LYS A 69 -7.00 3.31 2.88
CA LYS A 69 -6.76 4.19 1.76
C LYS A 69 -5.93 5.37 2.23
N ILE A 70 -4.66 5.09 2.55
CA ILE A 70 -3.77 6.11 3.05
C ILE A 70 -3.34 7.08 1.96
N THR A 71 -3.50 8.37 2.27
CA THR A 71 -3.16 9.44 1.35
C THR A 71 -2.05 9.05 0.42
N SER A 72 -0.87 8.73 0.95
CA SER A 72 0.25 8.38 0.08
C SER A 72 1.35 7.63 0.82
N PHE A 73 2.13 6.89 0.04
CA PHE A 73 3.25 6.13 0.56
C PHE A 73 4.44 6.33 -0.36
N SER A 74 5.54 6.81 0.19
CA SER A 74 6.73 7.08 -0.59
C SER A 74 7.88 6.13 -0.26
N HIS A 75 8.74 5.95 -1.25
CA HIS A 75 9.92 5.12 -1.11
C HIS A 75 11.12 5.80 -1.77
N PRO A 76 12.24 5.91 -1.03
CA PRO A 76 13.45 6.57 -1.52
C PRO A 76 13.84 6.17 -2.94
N GLU A 77 13.95 7.17 -3.82
CA GLU A 77 14.34 6.95 -5.21
C GLU A 77 13.30 6.14 -5.99
N ILE A 78 12.06 6.09 -5.49
CA ILE A 78 11.01 5.35 -6.18
C ILE A 78 9.84 6.27 -6.53
N GLY A 79 9.12 6.73 -5.50
CA GLY A 79 7.99 7.60 -5.76
C GLY A 79 6.99 7.64 -4.63
N THR A 80 5.93 8.43 -4.81
CA THR A 80 4.85 8.53 -3.82
C THR A 80 3.52 8.13 -4.45
N VAL A 81 2.80 7.21 -3.82
CA VAL A 81 1.51 6.76 -4.33
C VAL A 81 0.39 7.11 -3.36
N VAL A 82 -0.64 7.79 -3.88
CA VAL A 82 -1.78 8.19 -3.09
C VAL A 82 -2.99 7.30 -3.37
N VAL A 83 -3.66 6.85 -2.30
CA VAL A 83 -4.86 6.00 -2.41
C VAL A 83 -4.99 5.39 -3.81
N SER A 84 -4.04 4.54 -4.17
CA SER A 84 -4.03 3.90 -5.49
C SER A 84 -3.72 4.91 -6.60
N GLU A 85 -2.97 4.46 -7.59
CA GLU A 85 -2.59 5.32 -8.71
C GLU A 85 -3.82 5.90 -9.39
N SER A 86 -3.85 7.23 -9.51
CA SER A 86 -4.97 7.91 -10.14
C SER A 86 -4.72 9.42 -10.19
N MET A 1 -23.81 -8.87 -12.24
CA MET A 1 -23.72 -7.40 -12.10
C MET A 1 -22.33 -6.89 -12.50
N SER A 2 -22.27 -6.12 -13.58
CA SER A 2 -21.01 -5.57 -14.05
C SER A 2 -21.00 -4.06 -13.94
N MET A 3 -19.82 -3.46 -14.17
CA MET A 3 -19.68 -2.02 -14.09
C MET A 3 -19.92 -1.52 -12.66
N ASN A 4 -19.22 -2.12 -11.71
CA ASN A 4 -19.37 -1.74 -10.31
C ASN A 4 -18.40 -2.53 -9.43
N ASP A 5 -17.19 -2.76 -9.94
CA ASP A 5 -16.18 -3.50 -9.21
C ASP A 5 -14.78 -3.19 -9.73
N THR A 6 -14.25 -2.04 -9.33
CA THR A 6 -12.93 -1.62 -9.76
C THR A 6 -12.44 -0.41 -8.96
N TYR A 7 -12.83 -0.37 -7.69
CA TYR A 7 -12.43 0.73 -6.82
C TYR A 7 -11.11 0.43 -6.12
N GLN A 8 -10.03 1.03 -6.63
CA GLN A 8 -8.71 0.82 -6.08
C GLN A 8 -8.45 1.79 -4.91
N PRO A 9 -8.40 1.28 -3.66
CA PRO A 9 -8.17 2.12 -2.48
C PRO A 9 -6.76 2.68 -2.45
N ILE A 10 -5.82 1.99 -3.09
CA ILE A 10 -4.43 2.45 -3.13
C ILE A 10 -3.55 1.49 -3.94
N ASN A 11 -3.31 0.28 -3.44
CA ASN A 11 -2.48 -0.68 -4.15
C ASN A 11 -3.33 -1.64 -5.00
N CYS A 12 -2.78 -2.04 -6.14
CA CYS A 12 -3.47 -2.95 -7.05
C CYS A 12 -3.00 -4.39 -6.84
N ASP A 13 -3.44 -5.28 -7.72
CA ASP A 13 -3.07 -6.69 -7.63
C ASP A 13 -1.59 -6.92 -7.98
N ASP A 14 -1.21 -6.54 -9.19
CA ASP A 14 0.18 -6.70 -9.63
C ASP A 14 1.06 -5.56 -9.12
N TYR A 15 0.55 -4.34 -9.25
CA TYR A 15 1.27 -3.15 -8.81
C TYR A 15 1.74 -3.29 -7.36
N ASP A 16 1.08 -4.17 -6.61
CA ASP A 16 1.45 -4.40 -5.22
C ASP A 16 2.69 -5.28 -5.11
N ASN A 17 2.87 -6.17 -6.08
CA ASN A 17 4.00 -7.08 -6.07
C ASN A 17 5.28 -6.43 -6.61
N LEU A 18 5.15 -5.69 -7.70
CA LEU A 18 6.29 -5.05 -8.33
C LEU A 18 6.65 -3.73 -7.66
N GLU A 19 5.66 -3.05 -7.09
CA GLU A 19 5.91 -1.79 -6.41
C GLU A 19 6.38 -2.06 -4.99
N LEU A 20 5.71 -2.95 -4.30
CA LEU A 20 6.09 -3.24 -2.93
C LEU A 20 7.43 -3.97 -2.88
N ALA A 21 7.70 -4.80 -3.88
CA ALA A 21 8.96 -5.52 -3.91
C ALA A 21 10.09 -4.64 -4.45
N CYS A 22 9.92 -4.14 -5.67
CA CYS A 22 10.96 -3.33 -6.31
C CYS A 22 10.93 -1.86 -5.86
N GLN A 23 9.73 -1.30 -5.70
CA GLN A 23 9.61 0.11 -5.31
C GLN A 23 9.73 0.31 -3.79
N HIS A 24 9.37 -0.70 -3.02
CA HIS A 24 9.44 -0.59 -1.56
C HIS A 24 10.50 -1.52 -0.99
N HIS A 25 10.74 -2.65 -1.64
CA HIS A 25 11.75 -3.60 -1.17
C HIS A 25 11.52 -3.95 0.30
N LEU A 26 10.30 -4.33 0.63
CA LEU A 26 9.94 -4.69 2.00
C LEU A 26 9.79 -3.46 2.90
N MET A 27 10.83 -2.62 2.93
CA MET A 27 10.81 -1.42 3.75
C MET A 27 10.16 -0.25 3.01
N LEU A 28 8.94 0.08 3.38
CA LEU A 28 8.21 1.18 2.76
C LEU A 28 8.03 2.33 3.75
N THR A 29 7.85 3.55 3.23
CA THR A 29 7.65 4.73 4.07
C THR A 29 6.25 5.30 3.85
N LEU A 30 5.35 5.11 4.83
CA LEU A 30 3.98 5.59 4.68
C LEU A 30 3.83 7.00 5.23
N GLU A 31 3.14 7.85 4.47
CA GLU A 31 2.92 9.23 4.88
C GLU A 31 1.46 9.63 4.76
N LEU A 32 1.02 10.54 5.63
CA LEU A 32 -0.36 11.00 5.63
C LEU A 32 -0.44 12.52 5.48
N LYS A 33 -1.62 13.01 5.07
CA LYS A 33 -1.83 14.45 4.90
C LYS A 33 -1.23 15.21 6.08
N ASP A 34 -1.28 14.59 7.25
CA ASP A 34 -0.73 15.17 8.48
C ASP A 34 0.79 15.03 8.49
N GLY A 35 1.39 15.07 7.29
CA GLY A 35 2.82 14.95 7.17
C GLY A 35 3.38 13.74 7.89
N GLU A 36 2.57 12.68 8.01
CA GLU A 36 3.03 11.47 8.67
C GLU A 36 4.06 10.78 7.80
N LYS A 37 4.99 10.06 8.43
CA LYS A 37 6.03 9.35 7.71
C LYS A 37 6.62 8.22 8.56
N LEU A 38 6.45 6.98 8.12
CA LEU A 38 6.97 5.84 8.87
C LEU A 38 7.31 4.66 7.97
N GLN A 39 8.51 4.12 8.17
CA GLN A 39 8.96 2.98 7.38
C GLN A 39 8.63 1.67 8.10
N ALA A 40 8.37 0.62 7.33
CA ALA A 40 8.04 -0.67 7.91
C ALA A 40 8.74 -1.82 7.18
N LYS A 41 9.32 -2.73 7.96
CA LYS A 41 10.03 -3.87 7.40
C LYS A 41 9.06 -4.96 6.95
N ALA A 42 9.38 -5.60 5.83
CA ALA A 42 8.54 -6.66 5.28
C ALA A 42 7.14 -6.15 4.99
N SER A 43 6.29 -7.06 4.49
CA SER A 43 4.88 -6.74 4.16
C SER A 43 4.43 -7.39 2.87
N ASP A 44 3.12 -7.64 2.80
CA ASP A 44 2.45 -8.23 1.66
C ASP A 44 1.09 -7.56 1.58
N LEU A 45 0.28 -7.85 0.56
CA LEU A 45 -1.04 -7.21 0.48
C LEU A 45 -2.15 -8.26 0.46
N VAL A 46 -3.35 -7.83 0.85
CA VAL A 46 -4.51 -8.69 0.87
C VAL A 46 -5.70 -7.98 0.23
N SER A 47 -6.48 -8.69 -0.58
CA SER A 47 -7.62 -8.06 -1.24
C SER A 47 -8.93 -8.48 -0.61
N ARG A 48 -9.63 -7.49 -0.06
CA ARG A 48 -10.93 -7.72 0.57
C ARG A 48 -11.99 -7.95 -0.51
N LYS A 49 -13.01 -8.72 -0.18
CA LYS A 49 -14.07 -9.02 -1.12
C LYS A 49 -14.66 -7.75 -1.74
N ASN A 50 -14.56 -6.63 -1.01
CA ASN A 50 -15.09 -5.36 -1.50
C ASN A 50 -14.01 -4.44 -2.05
N VAL A 51 -12.80 -4.52 -1.52
CA VAL A 51 -11.70 -3.66 -1.98
C VAL A 51 -10.34 -4.37 -1.84
N GLU A 52 -9.28 -3.59 -1.65
CA GLU A 52 -7.94 -4.15 -1.52
C GLU A 52 -7.11 -3.35 -0.52
N TYR A 53 -6.54 -4.03 0.47
CA TYR A 53 -5.73 -3.39 1.48
C TYR A 53 -4.36 -4.04 1.58
N LEU A 54 -3.37 -3.31 2.10
CA LEU A 54 -2.02 -3.81 2.27
C LEU A 54 -1.82 -4.23 3.72
N VAL A 55 -1.01 -5.26 3.94
CA VAL A 55 -0.73 -5.73 5.30
C VAL A 55 0.76 -5.94 5.48
N VAL A 56 1.34 -5.39 6.53
CA VAL A 56 2.77 -5.55 6.75
C VAL A 56 3.03 -6.49 7.91
N GLU A 57 3.96 -7.40 7.70
CA GLU A 57 4.32 -8.36 8.73
C GLU A 57 5.72 -8.08 9.25
N ALA A 58 5.79 -7.53 10.45
CA ALA A 58 7.06 -7.21 11.07
C ALA A 58 7.56 -8.38 11.92
N ALA A 59 7.78 -9.51 11.27
CA ALA A 59 8.25 -10.72 11.96
C ALA A 59 7.16 -11.29 12.86
N GLY A 60 6.78 -10.53 13.89
CA GLY A 60 5.76 -10.99 14.81
C GLY A 60 4.61 -10.00 14.97
N GLU A 61 4.75 -8.81 14.40
CA GLU A 61 3.71 -7.79 14.49
C GLU A 61 3.01 -7.60 13.15
N THR A 62 1.70 -7.83 13.14
CA THR A 62 0.91 -7.67 11.92
C THR A 62 0.14 -6.34 11.94
N ARG A 63 0.26 -5.59 10.86
CA ARG A 63 -0.42 -4.30 10.75
C ARG A 63 -1.15 -4.17 9.41
N GLU A 64 -2.09 -3.23 9.35
CA GLU A 64 -2.86 -3.00 8.13
C GLU A 64 -2.71 -1.55 7.66
N LEU A 65 -1.92 -1.36 6.61
CA LEU A 65 -1.68 -0.02 6.07
C LEU A 65 -2.05 0.05 4.59
N ARG A 66 -2.79 1.11 4.22
CA ARG A 66 -3.26 1.33 2.85
C ARG A 66 -4.73 0.91 2.70
N LEU A 67 -5.24 0.28 3.75
CA LEU A 67 -6.63 -0.18 3.80
C LEU A 67 -7.58 1.01 3.96
N ASP A 68 -7.02 2.17 4.28
CA ASP A 68 -7.80 3.38 4.45
C ASP A 68 -7.49 4.38 3.35
N LYS A 69 -6.81 3.92 2.29
CA LYS A 69 -6.45 4.81 1.21
C LYS A 69 -5.60 5.94 1.76
N ILE A 70 -4.37 5.61 2.13
CA ILE A 70 -3.47 6.57 2.71
C ILE A 70 -2.96 7.57 1.68
N THR A 71 -3.13 8.85 2.01
CA THR A 71 -2.73 9.95 1.15
C THR A 71 -1.55 9.58 0.27
N SER A 72 -0.41 9.24 0.86
CA SER A 72 0.75 8.91 0.05
C SER A 72 1.78 8.08 0.80
N PHE A 73 2.58 7.34 0.05
CA PHE A 73 3.64 6.52 0.61
C PHE A 73 4.86 6.64 -0.28
N SER A 74 5.95 7.06 0.31
CA SER A 74 7.18 7.26 -0.43
C SER A 74 8.19 6.15 -0.23
N HIS A 75 9.01 5.96 -1.24
CA HIS A 75 10.06 4.95 -1.24
C HIS A 75 11.38 5.57 -1.69
N PRO A 76 12.42 5.48 -0.86
CA PRO A 76 13.74 6.06 -1.16
C PRO A 76 14.19 5.87 -2.61
N GLU A 77 14.38 6.99 -3.31
CA GLU A 77 14.84 6.97 -4.69
C GLU A 77 13.84 6.28 -5.62
N ILE A 78 12.58 6.20 -5.20
CA ILE A 78 11.56 5.56 -6.03
C ILE A 78 10.42 6.51 -6.35
N GLY A 79 9.64 6.89 -5.34
CA GLY A 79 8.55 7.80 -5.59
C GLY A 79 7.50 7.80 -4.49
N THR A 80 6.48 8.65 -4.64
CA THR A 80 5.38 8.74 -3.69
C THR A 80 4.05 8.43 -4.38
N VAL A 81 3.28 7.50 -3.83
CA VAL A 81 1.99 7.15 -4.41
C VAL A 81 0.84 7.55 -3.49
N VAL A 82 -0.10 8.31 -4.03
CA VAL A 82 -1.26 8.78 -3.26
C VAL A 82 -2.51 7.98 -3.61
N VAL A 83 -3.28 7.63 -2.57
CA VAL A 83 -4.54 6.88 -2.74
C VAL A 83 -4.70 6.34 -4.16
N SER A 84 -3.91 5.31 -4.47
CA SER A 84 -3.95 4.68 -5.79
C SER A 84 -3.52 5.67 -6.88
N GLU A 85 -2.78 5.18 -7.86
CA GLU A 85 -2.31 6.01 -8.95
C GLU A 85 -3.41 6.24 -9.99
N SER A 86 -3.44 7.43 -10.56
CA SER A 86 -4.45 7.77 -11.57
C SER A 86 -4.34 6.84 -12.77
N MET A 1 -17.35 -6.66 -18.69
CA MET A 1 -18.82 -6.45 -18.63
C MET A 1 -19.32 -6.49 -17.20
N SER A 2 -18.67 -7.29 -16.36
CA SER A 2 -19.05 -7.41 -14.96
C SER A 2 -18.29 -6.39 -14.10
N MET A 3 -18.88 -6.05 -12.95
CA MET A 3 -18.27 -5.09 -12.04
C MET A 3 -18.28 -3.69 -12.64
N ASN A 4 -17.50 -3.49 -13.70
CA ASN A 4 -17.43 -2.20 -14.36
C ASN A 4 -16.89 -1.13 -13.41
N ASP A 5 -16.02 -1.54 -12.49
CA ASP A 5 -15.44 -0.63 -11.53
C ASP A 5 -14.01 -1.06 -11.16
N THR A 6 -13.26 -0.14 -10.57
CA THR A 6 -11.89 -0.43 -10.16
C THR A 6 -11.43 0.52 -9.07
N TYR A 7 -12.30 0.80 -8.12
CA TYR A 7 -11.97 1.70 -7.02
C TYR A 7 -11.07 1.00 -6.00
N GLN A 8 -9.77 1.30 -6.06
CA GLN A 8 -8.80 0.69 -5.15
C GLN A 8 -8.34 1.70 -4.10
N PRO A 9 -8.35 1.30 -2.80
CA PRO A 9 -7.92 2.17 -1.71
C PRO A 9 -6.51 2.71 -1.90
N ILE A 10 -5.73 2.03 -2.74
CA ILE A 10 -4.35 2.44 -3.02
C ILE A 10 -3.65 1.40 -3.91
N ASN A 11 -3.49 0.19 -3.41
CA ASN A 11 -2.83 -0.88 -4.16
C ASN A 11 -3.83 -1.71 -4.96
N CYS A 12 -3.40 -2.18 -6.13
CA CYS A 12 -4.25 -2.99 -6.99
C CYS A 12 -3.91 -4.47 -6.85
N ASP A 13 -4.45 -5.30 -7.75
CA ASP A 13 -4.20 -6.73 -7.72
C ASP A 13 -2.76 -7.05 -8.14
N ASP A 14 -2.43 -6.70 -9.38
CA ASP A 14 -1.09 -6.93 -9.90
C ASP A 14 -0.13 -5.82 -9.47
N TYR A 15 -0.58 -4.58 -9.61
CA TYR A 15 0.22 -3.41 -9.25
C TYR A 15 0.74 -3.53 -7.82
N ASP A 16 0.07 -4.36 -7.01
CA ASP A 16 0.47 -4.57 -5.62
C ASP A 16 1.71 -5.46 -5.56
N ASN A 17 1.80 -6.39 -6.50
CA ASN A 17 2.92 -7.33 -6.55
C ASN A 17 4.20 -6.65 -7.04
N LEU A 18 4.05 -5.78 -8.03
CA LEU A 18 5.18 -5.09 -8.60
C LEU A 18 5.55 -3.84 -7.81
N GLU A 19 4.57 -3.22 -7.17
CA GLU A 19 4.83 -2.02 -6.38
C GLU A 19 5.53 -2.38 -5.08
N LEU A 20 5.03 -3.37 -4.39
CA LEU A 20 5.62 -3.75 -3.12
C LEU A 20 6.98 -4.42 -3.29
N ALA A 21 7.16 -5.19 -4.35
CA ALA A 21 8.44 -5.84 -4.56
C ALA A 21 9.46 -4.89 -5.16
N CYS A 22 9.12 -4.33 -6.32
CA CYS A 22 10.03 -3.43 -7.02
C CYS A 22 10.01 -2.01 -6.45
N GLN A 23 8.85 -1.48 -6.10
CA GLN A 23 8.77 -0.12 -5.58
C GLN A 23 9.05 -0.04 -4.08
N HIS A 24 8.65 -1.07 -3.33
CA HIS A 24 8.88 -1.06 -1.88
C HIS A 24 10.08 -1.93 -1.49
N HIS A 25 10.32 -2.99 -2.27
CA HIS A 25 11.45 -3.88 -1.99
C HIS A 25 11.50 -4.27 -0.51
N LEU A 26 10.39 -4.81 -0.01
CA LEU A 26 10.28 -5.24 1.38
C LEU A 26 10.07 -4.07 2.34
N MET A 27 10.94 -3.06 2.27
CA MET A 27 10.82 -1.90 3.15
C MET A 27 10.18 -0.70 2.45
N LEU A 28 9.01 -0.29 2.95
CA LEU A 28 8.29 0.85 2.37
C LEU A 28 8.17 2.00 3.37
N THR A 29 7.97 3.21 2.86
CA THR A 29 7.81 4.39 3.72
C THR A 29 6.41 4.98 3.58
N LEU A 30 5.54 4.78 4.57
CA LEU A 30 4.18 5.31 4.47
C LEU A 30 4.03 6.65 5.18
N GLU A 31 3.57 7.65 4.45
CA GLU A 31 3.38 8.99 5.01
C GLU A 31 1.91 9.37 5.05
N LEU A 32 1.52 10.16 6.05
CA LEU A 32 0.13 10.57 6.21
C LEU A 32 0.02 12.09 6.28
N LYS A 33 -1.18 12.60 5.99
CA LYS A 33 -1.48 14.03 6.01
C LYS A 33 -0.66 14.78 7.07
N ASP A 34 -0.45 14.13 8.20
CA ASP A 34 0.33 14.73 9.28
C ASP A 34 1.83 14.58 9.01
N GLY A 35 2.18 14.55 7.73
CA GLY A 35 3.57 14.39 7.34
C GLY A 35 4.27 13.32 8.15
N GLU A 36 3.53 12.28 8.52
CA GLU A 36 4.12 11.21 9.31
C GLU A 36 4.44 9.99 8.46
N LYS A 37 5.71 9.83 8.13
CA LYS A 37 6.16 8.70 7.31
C LYS A 37 6.87 7.64 8.15
N LEU A 38 6.64 6.38 7.81
CA LEU A 38 7.26 5.28 8.55
C LEU A 38 7.65 4.14 7.62
N GLN A 39 8.84 3.60 7.84
CA GLN A 39 9.32 2.49 7.04
C GLN A 39 9.02 1.16 7.73
N ALA A 40 8.57 0.18 6.94
CA ALA A 40 8.23 -1.13 7.49
C ALA A 40 8.90 -2.24 6.70
N LYS A 41 9.59 -3.12 7.42
CA LYS A 41 10.27 -4.27 6.83
C LYS A 41 9.30 -5.40 6.56
N ALA A 42 9.48 -6.09 5.43
CA ALA A 42 8.62 -7.21 5.07
C ALA A 42 7.16 -6.79 5.00
N SER A 43 6.41 -7.38 4.08
CA SER A 43 5.00 -7.06 3.93
C SER A 43 4.38 -7.74 2.72
N ASP A 44 3.07 -7.87 2.74
CA ASP A 44 2.30 -8.44 1.66
C ASP A 44 0.95 -7.74 1.68
N LEU A 45 0.07 -7.97 0.71
CA LEU A 45 -1.22 -7.32 0.72
C LEU A 45 -2.35 -8.33 0.68
N VAL A 46 -3.54 -7.92 1.12
CA VAL A 46 -4.71 -8.77 1.10
C VAL A 46 -5.89 -8.01 0.50
N SER A 47 -6.70 -8.68 -0.31
CA SER A 47 -7.84 -8.02 -0.94
C SER A 47 -9.14 -8.34 -0.21
N ARG A 48 -9.99 -7.33 -0.09
CA ARG A 48 -11.27 -7.50 0.58
C ARG A 48 -12.39 -7.60 -0.45
N LYS A 49 -13.45 -8.30 -0.10
CA LYS A 49 -14.59 -8.47 -1.00
C LYS A 49 -15.03 -7.13 -1.59
N ASN A 50 -14.76 -6.05 -0.87
CA ASN A 50 -15.16 -4.71 -1.33
C ASN A 50 -13.99 -3.94 -1.93
N VAL A 51 -12.78 -4.15 -1.42
CA VAL A 51 -11.61 -3.43 -1.94
C VAL A 51 -10.29 -4.18 -1.69
N GLU A 52 -9.50 -3.72 -0.72
CA GLU A 52 -8.22 -4.36 -0.40
C GLU A 52 -7.35 -3.50 0.49
N TYR A 53 -6.62 -4.16 1.38
CA TYR A 53 -5.71 -3.49 2.30
C TYR A 53 -4.34 -4.15 2.24
N LEU A 54 -3.30 -3.43 2.64
CA LEU A 54 -1.95 -3.95 2.67
C LEU A 54 -1.61 -4.35 4.10
N VAL A 55 -0.80 -5.38 4.27
CA VAL A 55 -0.41 -5.82 5.60
C VAL A 55 1.09 -6.05 5.69
N VAL A 56 1.78 -5.19 6.45
CA VAL A 56 3.22 -5.32 6.60
C VAL A 56 3.58 -5.75 8.01
N GLU A 57 4.62 -6.57 8.11
CA GLU A 57 5.09 -7.04 9.39
C GLU A 57 6.12 -6.06 9.95
N ALA A 58 5.82 -5.49 11.11
CA ALA A 58 6.73 -4.53 11.74
C ALA A 58 6.73 -4.65 13.25
N ALA A 59 7.92 -4.50 13.85
CA ALA A 59 8.08 -4.59 15.30
C ALA A 59 7.95 -6.03 15.80
N GLY A 60 7.70 -6.97 14.90
CA GLY A 60 7.57 -8.35 15.29
C GLY A 60 6.14 -8.84 15.18
N GLU A 61 5.26 -8.00 14.62
CA GLU A 61 3.87 -8.35 14.45
C GLU A 61 3.31 -7.77 13.16
N THR A 62 2.18 -8.32 12.70
CA THR A 62 1.55 -7.86 11.47
C THR A 62 0.78 -6.56 11.71
N ARG A 63 0.77 -5.70 10.69
CA ARG A 63 0.07 -4.41 10.79
C ARG A 63 -0.76 -4.16 9.53
N GLU A 64 -1.87 -3.46 9.67
CA GLU A 64 -2.74 -3.16 8.54
C GLU A 64 -2.60 -1.71 8.11
N LEU A 65 -1.91 -1.50 6.99
CA LEU A 65 -1.69 -0.16 6.44
C LEU A 65 -2.16 -0.09 5.00
N ARG A 66 -2.89 0.99 4.67
CA ARG A 66 -3.45 1.23 3.32
C ARG A 66 -4.94 0.88 3.30
N LEU A 67 -5.42 0.27 4.37
CA LEU A 67 -6.83 -0.11 4.51
C LEU A 67 -7.71 1.11 4.79
N ASP A 68 -7.07 2.22 5.16
CA ASP A 68 -7.78 3.44 5.45
C ASP A 68 -7.51 4.49 4.38
N LYS A 69 -6.92 4.07 3.26
CA LYS A 69 -6.62 4.99 2.19
C LYS A 69 -5.69 6.07 2.72
N ILE A 70 -4.46 5.68 3.00
CA ILE A 70 -3.47 6.59 3.57
C ILE A 70 -2.98 7.60 2.53
N THR A 71 -3.04 8.88 2.91
CA THR A 71 -2.64 9.99 2.07
C THR A 71 -1.64 9.58 1.02
N SER A 72 -0.45 9.14 1.43
CA SER A 72 0.56 8.74 0.46
C SER A 72 1.65 7.89 1.07
N PHE A 73 2.35 7.15 0.22
CA PHE A 73 3.43 6.31 0.64
C PHE A 73 4.56 6.42 -0.36
N SER A 74 5.72 6.80 0.11
CA SER A 74 6.86 6.98 -0.75
C SER A 74 7.83 5.82 -0.68
N HIS A 75 8.52 5.61 -1.77
CA HIS A 75 9.51 4.54 -1.89
C HIS A 75 10.81 5.11 -2.45
N PRO A 76 11.94 4.82 -1.77
CA PRO A 76 13.27 5.31 -2.17
C PRO A 76 13.53 5.22 -3.67
N GLU A 77 13.65 6.39 -4.30
CA GLU A 77 13.93 6.48 -5.73
C GLU A 77 12.84 5.83 -6.56
N ILE A 78 11.63 5.78 -6.04
CA ILE A 78 10.51 5.20 -6.76
C ILE A 78 9.40 6.20 -6.96
N GLY A 79 8.77 6.61 -5.86
CA GLY A 79 7.69 7.58 -5.97
C GLY A 79 6.77 7.61 -4.77
N THR A 80 5.78 8.51 -4.81
CA THR A 80 4.78 8.63 -3.75
C THR A 80 3.37 8.39 -4.31
N VAL A 81 2.59 7.52 -3.67
CA VAL A 81 1.24 7.24 -4.13
C VAL A 81 0.22 7.62 -3.06
N VAL A 82 -0.76 8.44 -3.46
CA VAL A 82 -1.80 8.90 -2.55
C VAL A 82 -3.11 8.17 -2.83
N VAL A 83 -3.86 7.89 -1.75
CA VAL A 83 -5.17 7.23 -1.84
C VAL A 83 -5.54 6.82 -3.27
N SER A 84 -5.53 5.52 -3.54
CA SER A 84 -5.85 5.01 -4.87
C SER A 84 -4.83 5.50 -5.89
N GLU A 85 -4.05 4.57 -6.45
CA GLU A 85 -3.03 4.91 -7.43
C GLU A 85 -3.63 5.71 -8.60
N SER A 86 -2.97 6.80 -8.95
CA SER A 86 -3.43 7.65 -10.04
C SER A 86 -4.84 8.19 -9.77
N MET A 1 -27.47 -8.54 -14.15
CA MET A 1 -27.90 -7.37 -14.98
C MET A 1 -27.32 -6.07 -14.45
N SER A 2 -26.14 -6.16 -13.85
CA SER A 2 -25.47 -4.99 -13.30
C SER A 2 -24.06 -4.83 -13.89
N MET A 3 -23.49 -3.64 -13.72
CA MET A 3 -22.15 -3.36 -14.22
C MET A 3 -21.08 -3.79 -13.23
N ASN A 4 -19.83 -3.47 -13.53
CA ASN A 4 -18.72 -3.83 -12.65
C ASN A 4 -18.08 -2.57 -12.05
N ASP A 5 -16.97 -2.77 -11.34
CA ASP A 5 -16.27 -1.65 -10.71
C ASP A 5 -14.76 -1.89 -10.72
N THR A 6 -14.00 -0.83 -10.49
CA THR A 6 -12.54 -0.92 -10.48
C THR A 6 -11.95 0.11 -9.52
N TYR A 7 -12.38 0.07 -8.27
CA TYR A 7 -11.88 0.99 -7.25
C TYR A 7 -10.61 0.46 -6.60
N GLN A 8 -9.50 1.17 -6.81
CA GLN A 8 -8.22 0.77 -6.26
C GLN A 8 -7.85 1.67 -5.08
N PRO A 9 -8.04 1.20 -3.84
CA PRO A 9 -7.73 1.97 -2.64
C PRO A 9 -6.32 2.54 -2.65
N ILE A 10 -5.38 1.80 -3.24
CA ILE A 10 -3.99 2.23 -3.34
C ILE A 10 -3.21 1.29 -4.26
N ASN A 11 -3.00 0.06 -3.81
CA ASN A 11 -2.25 -0.94 -4.58
C ASN A 11 -3.18 -1.74 -5.50
N CYS A 12 -2.67 -2.10 -6.67
CA CYS A 12 -3.43 -2.89 -7.64
C CYS A 12 -3.09 -4.37 -7.52
N ASP A 13 -3.54 -5.16 -8.48
CA ASP A 13 -3.29 -6.60 -8.48
C ASP A 13 -1.81 -6.91 -8.76
N ASP A 14 -1.33 -6.53 -9.95
CA ASP A 14 0.05 -6.76 -10.33
C ASP A 14 0.97 -5.68 -9.78
N TYR A 15 0.59 -4.43 -10.01
CA TYR A 15 1.38 -3.29 -9.55
C TYR A 15 1.74 -3.42 -8.07
N ASP A 16 0.95 -4.20 -7.34
CA ASP A 16 1.18 -4.43 -5.92
C ASP A 16 2.38 -5.34 -5.71
N ASN A 17 2.57 -6.28 -6.63
CA ASN A 17 3.67 -7.23 -6.55
C ASN A 17 5.00 -6.57 -6.91
N LEU A 18 4.97 -5.71 -7.91
CA LEU A 18 6.16 -5.04 -8.38
C LEU A 18 6.47 -3.80 -7.55
N GLU A 19 5.44 -3.17 -6.99
CA GLU A 19 5.66 -1.98 -6.18
C GLU A 19 6.21 -2.36 -4.81
N LEU A 20 5.61 -3.34 -4.17
CA LEU A 20 6.06 -3.73 -2.86
C LEU A 20 7.43 -4.37 -2.88
N ALA A 21 7.69 -5.22 -3.88
CA ALA A 21 8.98 -5.87 -3.95
C ALA A 21 10.06 -4.93 -4.48
N CYS A 22 9.83 -4.39 -5.68
CA CYS A 22 10.82 -3.51 -6.31
C CYS A 22 10.76 -2.07 -5.79
N GLN A 23 9.56 -1.53 -5.56
CA GLN A 23 9.43 -0.16 -5.10
C GLN A 23 9.57 -0.03 -3.59
N HIS A 24 9.12 -1.03 -2.84
CA HIS A 24 9.20 -0.98 -1.38
C HIS A 24 10.26 -1.92 -0.85
N HIS A 25 10.51 -3.03 -1.55
CA HIS A 25 11.51 -4.01 -1.11
C HIS A 25 11.33 -4.34 0.38
N LEU A 26 10.09 -4.61 0.76
CA LEU A 26 9.76 -4.95 2.15
C LEU A 26 9.65 -3.71 3.02
N MET A 27 10.70 -2.90 3.05
CA MET A 27 10.72 -1.70 3.87
C MET A 27 10.08 -0.52 3.13
N LEU A 28 8.90 -0.12 3.57
CA LEU A 28 8.18 1.00 2.94
C LEU A 28 8.03 2.17 3.92
N THR A 29 7.84 3.38 3.37
CA THR A 29 7.67 4.57 4.20
C THR A 29 6.25 5.12 4.03
N LEU A 30 5.42 4.98 5.07
CA LEU A 30 4.04 5.44 4.99
C LEU A 30 3.90 6.88 5.48
N GLU A 31 3.22 7.70 4.70
CA GLU A 31 3.02 9.10 5.07
C GLU A 31 1.56 9.51 4.94
N LEU A 32 1.11 10.41 5.82
CA LEU A 32 -0.27 10.88 5.82
C LEU A 32 -0.34 12.40 5.66
N LYS A 33 -1.51 12.91 5.25
CA LYS A 33 -1.72 14.34 5.09
C LYS A 33 -1.10 15.12 6.25
N ASP A 34 -1.15 14.53 7.43
CA ASP A 34 -0.59 15.13 8.64
C ASP A 34 0.93 15.00 8.63
N GLY A 35 1.51 15.00 7.44
CA GLY A 35 2.95 14.87 7.30
C GLY A 35 3.51 13.67 8.03
N GLU A 36 2.70 12.62 8.17
CA GLU A 36 3.17 11.42 8.85
C GLU A 36 4.18 10.71 7.97
N LYS A 37 5.11 9.99 8.59
CA LYS A 37 6.15 9.26 7.84
C LYS A 37 6.76 8.17 8.70
N LEU A 38 6.62 6.91 8.27
CA LEU A 38 7.17 5.79 9.03
C LEU A 38 7.52 4.60 8.15
N GLN A 39 8.72 4.07 8.33
CA GLN A 39 9.17 2.92 7.57
C GLN A 39 8.83 1.63 8.30
N ALA A 40 8.50 0.59 7.54
CA ALA A 40 8.14 -0.69 8.13
C ALA A 40 8.87 -1.85 7.46
N LYS A 41 9.52 -2.68 8.28
CA LYS A 41 10.26 -3.83 7.80
C LYS A 41 9.32 -4.99 7.45
N ALA A 42 9.62 -5.71 6.38
CA ALA A 42 8.81 -6.83 5.95
C ALA A 42 7.41 -6.37 5.62
N SER A 43 6.77 -7.03 4.64
CA SER A 43 5.43 -6.64 4.25
C SER A 43 4.93 -7.41 3.02
N ASP A 44 3.62 -7.56 2.96
CA ASP A 44 2.95 -8.23 1.84
C ASP A 44 1.58 -7.56 1.70
N LEU A 45 0.80 -7.90 0.70
CA LEU A 45 -0.51 -7.29 0.54
C LEU A 45 -1.61 -8.35 0.47
N VAL A 46 -2.83 -7.96 0.80
CA VAL A 46 -3.97 -8.85 0.76
C VAL A 46 -5.16 -8.16 0.08
N SER A 47 -6.06 -8.93 -0.52
CA SER A 47 -7.21 -8.33 -1.19
C SER A 47 -8.51 -8.66 -0.47
N ARG A 48 -9.15 -7.62 0.03
CA ARG A 48 -10.42 -7.75 0.73
C ARG A 48 -11.54 -8.06 -0.26
N LYS A 49 -12.55 -8.75 0.21
CA LYS A 49 -13.69 -9.12 -0.65
C LYS A 49 -14.27 -7.89 -1.34
N ASN A 50 -14.13 -6.72 -0.71
CA ASN A 50 -14.68 -5.48 -1.27
C ASN A 50 -13.61 -4.63 -1.95
N VAL A 51 -12.36 -4.72 -1.50
CA VAL A 51 -11.28 -3.93 -2.07
C VAL A 51 -9.93 -4.63 -1.90
N GLU A 52 -8.86 -3.86 -1.75
CA GLU A 52 -7.53 -4.42 -1.58
C GLU A 52 -6.69 -3.59 -0.62
N TYR A 53 -6.19 -4.23 0.44
CA TYR A 53 -5.35 -3.55 1.43
C TYR A 53 -4.02 -4.27 1.60
N LEU A 54 -3.01 -3.55 2.09
CA LEU A 54 -1.69 -4.10 2.31
C LEU A 54 -1.52 -4.48 3.77
N VAL A 55 -0.75 -5.54 4.02
CA VAL A 55 -0.50 -5.98 5.38
C VAL A 55 1.00 -6.19 5.58
N VAL A 56 1.61 -5.38 6.46
CA VAL A 56 3.02 -5.49 6.72
C VAL A 56 3.29 -6.09 8.08
N GLU A 57 4.27 -6.98 8.13
CA GLU A 57 4.65 -7.60 9.37
C GLU A 57 6.05 -7.14 9.77
N ALA A 58 6.11 -6.27 10.77
CA ALA A 58 7.38 -5.73 11.24
C ALA A 58 7.99 -6.64 12.32
N ALA A 59 8.89 -7.51 11.90
CA ALA A 59 9.57 -8.43 12.83
C ALA A 59 8.59 -9.45 13.40
N GLY A 60 7.62 -8.96 14.17
CA GLY A 60 6.63 -9.83 14.77
C GLY A 60 5.33 -9.12 15.07
N GLU A 61 5.07 -8.03 14.35
CA GLU A 61 3.86 -7.24 14.55
C GLU A 61 3.16 -6.98 13.22
N THR A 62 1.99 -7.57 13.05
CA THR A 62 1.21 -7.40 11.82
C THR A 62 0.43 -6.10 11.86
N ARG A 63 0.47 -5.34 10.77
CA ARG A 63 -0.23 -4.06 10.67
C ARG A 63 -1.02 -3.97 9.37
N GLU A 64 -2.04 -3.13 9.37
CA GLU A 64 -2.87 -2.95 8.17
C GLU A 64 -2.75 -1.52 7.65
N LEU A 65 -2.01 -1.36 6.56
CA LEU A 65 -1.80 -0.04 5.96
C LEU A 65 -2.19 -0.06 4.48
N ARG A 66 -2.93 0.96 4.05
CA ARG A 66 -3.42 1.10 2.67
C ARG A 66 -4.90 0.70 2.60
N LEU A 67 -5.41 0.16 3.70
CA LEU A 67 -6.81 -0.27 3.80
C LEU A 67 -7.74 0.93 4.01
N ASP A 68 -7.17 2.07 4.35
CA ASP A 68 -7.93 3.28 4.56
C ASP A 68 -7.65 4.30 3.47
N LYS A 69 -6.94 3.86 2.42
CA LYS A 69 -6.58 4.75 1.34
C LYS A 69 -5.76 5.90 1.90
N ILE A 70 -4.55 5.58 2.32
CA ILE A 70 -3.67 6.56 2.93
C ILE A 70 -3.10 7.54 1.93
N THR A 71 -3.14 8.82 2.31
CA THR A 71 -2.66 9.91 1.47
C THR A 71 -1.59 9.41 0.52
N SER A 72 -0.44 9.00 1.05
CA SER A 72 0.62 8.49 0.19
C SER A 72 1.67 7.70 0.95
N PHE A 73 2.46 6.96 0.20
CA PHE A 73 3.55 6.17 0.75
C PHE A 73 4.76 6.34 -0.12
N SER A 74 5.86 6.79 0.48
CA SER A 74 7.07 7.04 -0.26
C SER A 74 8.16 6.02 0.06
N HIS A 75 9.04 5.84 -0.92
CA HIS A 75 10.17 4.94 -0.79
C HIS A 75 11.42 5.59 -1.37
N PRO A 76 12.53 5.59 -0.62
CA PRO A 76 13.79 6.20 -1.04
C PRO A 76 14.18 5.88 -2.48
N GLU A 77 14.37 6.94 -3.27
CA GLU A 77 14.77 6.80 -4.66
C GLU A 77 13.73 6.06 -5.50
N ILE A 78 12.48 6.02 -5.04
CA ILE A 78 11.43 5.35 -5.79
C ILE A 78 10.30 6.31 -6.14
N GLY A 79 9.57 6.76 -5.12
CA GLY A 79 8.49 7.68 -5.36
C GLY A 79 7.45 7.70 -4.26
N THR A 80 6.42 8.53 -4.44
CA THR A 80 5.31 8.63 -3.49
C THR A 80 4.00 8.30 -4.18
N VAL A 81 3.19 7.42 -3.60
CA VAL A 81 1.90 7.07 -4.18
C VAL A 81 0.78 7.50 -3.26
N VAL A 82 -0.16 8.29 -3.78
CA VAL A 82 -1.30 8.77 -3.01
C VAL A 82 -2.57 8.00 -3.37
N VAL A 83 -3.27 7.51 -2.35
CA VAL A 83 -4.52 6.77 -2.54
C VAL A 83 -4.64 6.18 -3.95
N SER A 84 -3.64 5.39 -4.34
CA SER A 84 -3.61 4.76 -5.66
C SER A 84 -3.28 5.79 -6.74
N GLU A 85 -2.57 5.33 -7.77
CA GLU A 85 -2.18 6.21 -8.88
C GLU A 85 -3.41 6.88 -9.49
N SER A 86 -3.41 8.21 -9.47
CA SER A 86 -4.52 8.98 -10.02
C SER A 86 -4.25 10.48 -9.93
N MET A 1 -15.29 8.41 -10.77
CA MET A 1 -15.74 8.03 -12.14
C MET A 1 -16.79 6.93 -12.09
N SER A 2 -16.46 5.82 -11.41
CA SER A 2 -17.38 4.70 -11.29
C SER A 2 -18.27 4.86 -10.06
N MET A 3 -19.52 4.43 -10.19
CA MET A 3 -20.48 4.52 -9.09
C MET A 3 -20.01 3.72 -7.89
N ASN A 4 -20.21 4.27 -6.69
CA ASN A 4 -19.80 3.60 -5.46
C ASN A 4 -20.50 2.26 -5.32
N ASP A 5 -19.86 1.20 -5.82
CA ASP A 5 -20.43 -0.14 -5.74
C ASP A 5 -19.34 -1.18 -5.52
N THR A 6 -18.25 -1.06 -6.28
CA THR A 6 -17.13 -2.00 -6.15
C THR A 6 -15.81 -1.28 -6.39
N TYR A 7 -15.52 -0.29 -5.55
CA TYR A 7 -14.29 0.47 -5.66
C TYR A 7 -13.13 -0.24 -4.96
N GLN A 8 -12.19 -0.73 -5.75
CA GLN A 8 -11.04 -1.44 -5.21
C GLN A 8 -10.00 -0.45 -4.70
N PRO A 9 -9.72 -0.43 -3.38
CA PRO A 9 -8.73 0.48 -2.80
C PRO A 9 -7.39 0.37 -3.52
N ILE A 10 -6.33 0.92 -2.92
CA ILE A 10 -5.00 0.87 -3.53
C ILE A 10 -4.79 -0.47 -4.25
N ASN A 11 -5.10 -0.47 -5.55
CA ASN A 11 -4.99 -1.66 -6.38
C ASN A 11 -3.57 -1.87 -6.89
N CYS A 12 -3.18 -3.13 -7.01
CA CYS A 12 -1.84 -3.48 -7.48
C CYS A 12 -1.61 -4.99 -7.45
N ASP A 13 -1.97 -5.68 -8.54
CA ASP A 13 -1.78 -7.13 -8.61
C ASP A 13 -0.30 -7.48 -8.74
N ASP A 14 0.28 -7.19 -9.90
CA ASP A 14 1.70 -7.46 -10.15
C ASP A 14 2.57 -6.33 -9.60
N TYR A 15 2.16 -5.11 -9.91
CA TYR A 15 2.87 -3.90 -9.47
C TYR A 15 3.13 -3.94 -7.97
N ASP A 16 2.36 -4.73 -7.25
CA ASP A 16 2.53 -4.85 -5.81
C ASP A 16 3.71 -5.75 -5.47
N ASN A 17 3.92 -6.78 -6.28
CA ASN A 17 5.01 -7.73 -6.04
C ASN A 17 6.36 -7.22 -6.51
N LEU A 18 6.39 -6.57 -7.67
CA LEU A 18 7.63 -6.08 -8.23
C LEU A 18 7.99 -4.69 -7.71
N GLU A 19 6.98 -3.87 -7.42
CA GLU A 19 7.24 -2.53 -6.91
C GLU A 19 7.45 -2.56 -5.40
N LEU A 20 6.64 -3.32 -4.69
CA LEU A 20 6.79 -3.38 -3.25
C LEU A 20 8.02 -4.18 -2.86
N ALA A 21 8.35 -5.19 -3.64
CA ALA A 21 9.51 -6.01 -3.36
C ALA A 21 10.79 -5.33 -3.85
N CYS A 22 10.85 -5.04 -5.15
CA CYS A 22 12.04 -4.43 -5.73
C CYS A 22 12.10 -2.91 -5.54
N GLN A 23 10.95 -2.23 -5.65
CA GLN A 23 10.94 -0.78 -5.50
C GLN A 23 10.86 -0.34 -4.04
N HIS A 24 10.17 -1.12 -3.21
CA HIS A 24 10.03 -0.76 -1.80
C HIS A 24 10.95 -1.61 -0.92
N HIS A 25 11.21 -2.84 -1.35
CA HIS A 25 12.09 -3.73 -0.58
C HIS A 25 11.61 -3.87 0.87
N LEU A 26 10.34 -4.22 1.02
CA LEU A 26 9.74 -4.40 2.34
C LEU A 26 9.56 -3.07 3.07
N MET A 27 10.65 -2.32 3.24
CA MET A 27 10.58 -1.04 3.95
C MET A 27 9.86 0.02 3.12
N LEU A 28 8.60 0.27 3.45
CA LEU A 28 7.81 1.27 2.74
C LEU A 28 7.46 2.45 3.65
N THR A 29 7.17 3.59 3.05
CA THR A 29 6.81 4.79 3.82
C THR A 29 5.35 5.18 3.56
N LEU A 30 4.50 5.00 4.56
CA LEU A 30 3.08 5.32 4.40
C LEU A 30 2.77 6.74 4.86
N GLU A 31 2.02 7.46 4.02
CA GLU A 31 1.65 8.83 4.33
C GLU A 31 0.15 9.06 4.14
N LEU A 32 -0.42 9.96 4.95
CA LEU A 32 -1.85 10.27 4.88
C LEU A 32 -2.08 11.76 4.67
N LYS A 33 -3.28 12.11 4.20
CA LYS A 33 -3.65 13.51 3.98
C LYS A 33 -3.17 14.39 5.14
N ASP A 34 -3.23 13.82 6.34
CA ASP A 34 -2.79 14.52 7.55
C ASP A 34 -1.27 14.57 7.62
N GLY A 35 -0.63 14.63 6.45
CA GLY A 35 0.81 14.68 6.39
C GLY A 35 1.48 13.57 7.16
N GLU A 36 0.81 12.42 7.27
CA GLU A 36 1.39 11.30 7.98
C GLU A 36 2.50 10.68 7.15
N LYS A 37 3.49 10.08 7.81
CA LYS A 37 4.61 9.47 7.11
C LYS A 37 5.38 8.53 8.04
N LEU A 38 5.39 7.24 7.69
CA LEU A 38 6.12 6.27 8.50
C LEU A 38 6.57 5.05 7.70
N GLN A 39 7.81 4.63 7.92
CA GLN A 39 8.36 3.49 7.22
C GLN A 39 8.12 2.21 8.01
N ALA A 40 8.01 1.09 7.31
CA ALA A 40 7.76 -0.19 7.95
C ALA A 40 8.65 -1.29 7.39
N LYS A 41 9.36 -1.98 8.28
CA LYS A 41 10.26 -3.07 7.91
C LYS A 41 9.47 -4.35 7.66
N ALA A 42 9.89 -5.12 6.65
CA ALA A 42 9.23 -6.37 6.32
C ALA A 42 7.77 -6.12 5.94
N SER A 43 7.25 -6.88 4.98
CA SER A 43 5.87 -6.71 4.56
C SER A 43 5.54 -7.58 3.36
N ASP A 44 4.26 -7.96 3.26
CA ASP A 44 3.72 -8.74 2.16
C ASP A 44 2.33 -8.20 1.90
N LEU A 45 1.64 -8.66 0.87
CA LEU A 45 0.29 -8.17 0.61
C LEU A 45 -0.71 -9.32 0.55
N VAL A 46 -1.99 -9.00 0.77
CA VAL A 46 -3.05 -9.99 0.71
C VAL A 46 -4.20 -9.44 -0.11
N SER A 47 -4.82 -10.27 -0.94
CA SER A 47 -5.93 -9.80 -1.78
C SER A 47 -7.25 -10.43 -1.38
N ARG A 48 -8.19 -9.59 -0.97
CA ARG A 48 -9.52 -10.04 -0.58
C ARG A 48 -10.32 -10.41 -1.81
N LYS A 49 -11.26 -11.33 -1.65
CA LYS A 49 -12.10 -11.77 -2.77
C LYS A 49 -12.75 -10.59 -3.48
N ASN A 50 -12.88 -9.45 -2.79
CA ASN A 50 -13.50 -8.27 -3.37
C ASN A 50 -12.47 -7.24 -3.81
N VAL A 51 -11.39 -7.10 -3.05
CA VAL A 51 -10.34 -6.14 -3.37
C VAL A 51 -8.97 -6.65 -2.92
N GLU A 52 -8.09 -5.74 -2.47
CA GLU A 52 -6.76 -6.15 -2.03
C GLU A 52 -6.13 -5.13 -1.08
N TYR A 53 -5.50 -5.64 -0.04
CA TYR A 53 -4.84 -4.80 0.96
C TYR A 53 -3.42 -5.30 1.21
N LEU A 54 -2.54 -4.44 1.71
CA LEU A 54 -1.17 -4.80 2.00
C LEU A 54 -1.03 -5.06 3.50
N VAL A 55 -0.17 -5.98 3.87
CA VAL A 55 0.07 -6.29 5.27
C VAL A 55 1.55 -6.32 5.58
N VAL A 56 2.02 -5.40 6.43
CA VAL A 56 3.42 -5.35 6.77
C VAL A 56 3.65 -5.83 8.19
N GLU A 57 4.74 -6.56 8.37
CA GLU A 57 5.09 -7.08 9.69
C GLU A 57 5.97 -6.07 10.44
N ALA A 58 5.44 -5.60 11.57
CA ALA A 58 6.16 -4.62 12.39
C ALA A 58 7.07 -5.32 13.40
N ALA A 59 8.00 -6.12 12.89
CA ALA A 59 8.95 -6.83 13.74
C ALA A 59 8.23 -7.58 14.87
N GLY A 60 7.02 -8.04 14.58
CA GLY A 60 6.25 -8.76 15.59
C GLY A 60 4.77 -8.42 15.54
N GLU A 61 4.46 -7.16 15.27
CA GLU A 61 3.07 -6.72 15.20
C GLU A 61 2.66 -6.47 13.75
N THR A 62 1.78 -7.33 13.23
CA THR A 62 1.32 -7.19 11.86
C THR A 62 0.43 -5.96 11.70
N ARG A 63 0.52 -5.31 10.54
CA ARG A 63 -0.27 -4.13 10.27
C ARG A 63 -0.94 -4.23 8.90
N GLU A 64 -2.00 -3.44 8.70
CA GLU A 64 -2.73 -3.44 7.44
C GLU A 64 -2.81 -2.04 6.84
N LEU A 65 -2.08 -1.83 5.75
CA LEU A 65 -2.07 -0.54 5.07
C LEU A 65 -2.46 -0.72 3.60
N ARG A 66 -3.36 0.15 3.12
CA ARG A 66 -3.86 0.11 1.73
C ARG A 66 -5.28 -0.44 1.69
N LEU A 67 -5.76 -0.94 2.83
CA LEU A 67 -7.11 -1.49 2.93
C LEU A 67 -8.15 -0.39 3.09
N ASP A 68 -7.69 0.81 3.44
CA ASP A 68 -8.58 1.94 3.62
C ASP A 68 -8.35 2.98 2.52
N LYS A 69 -7.58 2.60 1.50
CA LYS A 69 -7.28 3.51 0.41
C LYS A 69 -6.53 4.71 0.97
N ILE A 70 -5.31 4.49 1.42
CA ILE A 70 -4.51 5.54 2.02
C ILE A 70 -4.02 6.55 0.99
N THR A 71 -4.26 7.82 1.30
CA THR A 71 -3.88 8.92 0.43
C THR A 71 -2.68 8.56 -0.42
N SER A 72 -1.53 8.29 0.21
CA SER A 72 -0.35 7.95 -0.57
C SER A 72 0.73 7.27 0.25
N PHE A 73 1.62 6.57 -0.46
CA PHE A 73 2.74 5.89 0.16
C PHE A 73 3.97 6.16 -0.67
N SER A 74 5.00 6.70 -0.04
CA SER A 74 6.21 7.04 -0.74
C SER A 74 7.38 6.14 -0.35
N HIS A 75 8.31 6.02 -1.29
CA HIS A 75 9.51 5.23 -1.09
C HIS A 75 10.73 5.99 -1.61
N PRO A 76 11.79 6.10 -0.79
CA PRO A 76 13.00 6.84 -1.15
C PRO A 76 13.50 6.54 -2.57
N GLU A 77 13.62 7.60 -3.37
CA GLU A 77 14.11 7.50 -4.74
C GLU A 77 13.19 6.65 -5.62
N ILE A 78 11.94 6.50 -5.23
CA ILE A 78 11.00 5.71 -6.02
C ILE A 78 9.80 6.54 -6.44
N GLY A 79 8.97 6.93 -5.47
CA GLY A 79 7.81 7.73 -5.80
C GLY A 79 6.73 7.68 -4.74
N THR A 80 5.63 8.40 -4.99
CA THR A 80 4.48 8.42 -4.09
C THR A 80 3.22 7.92 -4.82
N VAL A 81 2.51 6.98 -4.24
CA VAL A 81 1.29 6.47 -4.86
C VAL A 81 0.08 6.78 -3.99
N VAL A 82 -0.91 7.42 -4.60
CA VAL A 82 -2.14 7.79 -3.91
C VAL A 82 -3.29 6.86 -4.29
N VAL A 83 -4.06 6.44 -3.27
CA VAL A 83 -5.21 5.56 -3.45
C VAL A 83 -5.27 4.97 -4.86
N SER A 84 -4.72 3.77 -5.02
CA SER A 84 -4.71 3.07 -6.30
C SER A 84 -3.70 3.71 -7.25
N GLU A 85 -2.71 2.92 -7.68
CA GLU A 85 -1.68 3.39 -8.59
C GLU A 85 -2.27 3.69 -9.97
N SER A 86 -1.79 4.76 -10.60
CA SER A 86 -2.27 5.15 -11.92
C SER A 86 -3.76 5.44 -11.89
N MET A 1 -19.74 1.66 -21.97
CA MET A 1 -20.70 0.60 -22.35
C MET A 1 -20.58 -0.62 -21.44
N SER A 2 -19.36 -0.87 -20.95
CA SER A 2 -19.10 -2.00 -20.07
C SER A 2 -18.95 -1.55 -18.62
N MET A 3 -19.38 -2.38 -17.69
CA MET A 3 -19.29 -2.06 -16.27
C MET A 3 -17.91 -2.37 -15.73
N ASN A 4 -17.70 -2.09 -14.45
CA ASN A 4 -16.42 -2.35 -13.81
C ASN A 4 -16.57 -2.48 -12.29
N ASP A 5 -15.83 -3.43 -11.72
CA ASP A 5 -15.90 -3.66 -10.28
C ASP A 5 -14.52 -3.97 -9.72
N THR A 6 -13.77 -2.93 -9.36
CA THR A 6 -12.43 -3.11 -8.81
C THR A 6 -12.02 -1.90 -7.98
N TYR A 7 -12.66 -1.74 -6.83
CA TYR A 7 -12.36 -0.63 -5.94
C TYR A 7 -11.15 -0.95 -5.07
N GLN A 8 -9.99 -0.39 -5.45
CA GLN A 8 -8.76 -0.63 -4.70
C GLN A 8 -8.44 0.55 -3.79
N PRO A 9 -8.33 0.31 -2.46
CA PRO A 9 -8.03 1.36 -1.49
C PRO A 9 -6.66 1.99 -1.68
N ILE A 10 -5.76 1.29 -2.37
CA ILE A 10 -4.41 1.80 -2.63
C ILE A 10 -3.65 0.89 -3.59
N ASN A 11 -3.27 -0.29 -3.12
CA ASN A 11 -2.53 -1.25 -3.93
C ASN A 11 -3.42 -1.99 -4.92
N CYS A 12 -2.88 -2.29 -6.09
CA CYS A 12 -3.62 -3.00 -7.13
C CYS A 12 -3.35 -4.51 -7.03
N ASP A 13 -3.90 -5.26 -7.98
CA ASP A 13 -3.72 -6.71 -7.99
C ASP A 13 -2.28 -7.09 -8.34
N ASP A 14 -1.87 -6.75 -9.57
CA ASP A 14 -0.52 -7.05 -10.02
C ASP A 14 0.46 -5.97 -9.58
N TYR A 15 0.08 -4.71 -9.80
CA TYR A 15 0.91 -3.58 -9.43
C TYR A 15 1.37 -3.67 -7.98
N ASP A 16 0.64 -4.41 -7.16
CA ASP A 16 0.99 -4.58 -5.77
C ASP A 16 2.13 -5.58 -5.61
N ASN A 17 2.15 -6.60 -6.47
CA ASN A 17 3.17 -7.63 -6.40
C ASN A 17 4.49 -7.20 -7.05
N LEU A 18 4.40 -6.52 -8.19
CA LEU A 18 5.59 -6.10 -8.90
C LEU A 18 6.13 -4.76 -8.40
N GLU A 19 5.24 -3.89 -7.96
CA GLU A 19 5.67 -2.58 -7.46
C GLU A 19 6.09 -2.68 -6.00
N LEU A 20 5.31 -3.38 -5.19
CA LEU A 20 5.65 -3.50 -3.78
C LEU A 20 6.86 -4.41 -3.59
N ALA A 21 6.97 -5.43 -4.42
CA ALA A 21 8.09 -6.35 -4.31
C ALA A 21 9.34 -5.78 -4.97
N CYS A 22 9.25 -5.46 -6.25
CA CYS A 22 10.40 -4.94 -6.99
C CYS A 22 10.63 -3.45 -6.78
N GLN A 23 9.56 -2.66 -6.71
CA GLN A 23 9.70 -1.21 -6.55
C GLN A 23 9.87 -0.82 -5.08
N HIS A 24 9.20 -1.52 -4.18
CA HIS A 24 9.29 -1.20 -2.75
C HIS A 24 10.22 -2.16 -2.02
N HIS A 25 10.30 -3.40 -2.48
CA HIS A 25 11.16 -4.40 -1.84
C HIS A 25 10.86 -4.51 -0.35
N LEU A 26 9.59 -4.71 -0.03
CA LEU A 26 9.15 -4.86 1.36
C LEU A 26 9.22 -3.55 2.14
N MET A 27 10.39 -2.94 2.20
CA MET A 27 10.56 -1.69 2.95
C MET A 27 9.88 -0.52 2.26
N LEU A 28 8.78 -0.05 2.85
CA LEU A 28 8.03 1.07 2.29
C LEU A 28 7.98 2.24 3.27
N THR A 29 7.73 3.44 2.73
CA THR A 29 7.63 4.64 3.56
C THR A 29 6.19 5.17 3.54
N LEU A 30 5.50 5.04 4.66
CA LEU A 30 4.10 5.48 4.74
C LEU A 30 3.98 6.91 5.22
N GLU A 31 3.16 7.69 4.52
CA GLU A 31 2.93 9.09 4.89
C GLU A 31 1.45 9.42 4.94
N LEU A 32 1.08 10.32 5.86
CA LEU A 32 -0.32 10.72 6.03
C LEU A 32 -0.49 12.22 5.88
N LYS A 33 -1.72 12.65 5.62
CA LYS A 33 -2.03 14.08 5.47
C LYS A 33 -1.31 14.90 6.52
N ASP A 34 -1.18 14.33 7.72
CA ASP A 34 -0.49 14.98 8.83
C ASP A 34 1.02 14.92 8.64
N GLY A 35 1.44 14.92 7.37
CA GLY A 35 2.86 14.87 7.07
C GLY A 35 3.57 13.71 7.73
N GLU A 36 2.86 12.62 7.98
CA GLU A 36 3.46 11.46 8.60
C GLU A 36 4.39 10.77 7.61
N LYS A 37 5.42 10.11 8.13
CA LYS A 37 6.39 9.41 7.28
C LYS A 37 7.13 8.35 8.08
N LEU A 38 6.99 7.08 7.68
CA LEU A 38 7.66 5.99 8.39
C LEU A 38 7.94 4.80 7.49
N GLN A 39 9.16 4.29 7.55
CA GLN A 39 9.54 3.14 6.76
C GLN A 39 9.30 1.85 7.54
N ALA A 40 8.93 0.78 6.85
CA ALA A 40 8.65 -0.48 7.52
C ALA A 40 9.28 -1.66 6.78
N LYS A 41 10.01 -2.49 7.52
CA LYS A 41 10.66 -3.67 6.98
C LYS A 41 9.69 -4.83 6.82
N ALA A 42 9.84 -5.57 5.73
CA ALA A 42 8.98 -6.72 5.46
C ALA A 42 7.54 -6.25 5.25
N SER A 43 6.84 -6.90 4.33
CA SER A 43 5.46 -6.53 4.04
C SER A 43 4.85 -7.34 2.91
N ASP A 44 3.56 -7.60 3.04
CA ASP A 44 2.78 -8.34 2.04
C ASP A 44 1.40 -7.69 2.02
N LEU A 45 0.51 -8.10 1.12
CA LEU A 45 -0.82 -7.50 1.09
C LEU A 45 -1.91 -8.57 1.22
N VAL A 46 -3.09 -8.15 1.67
CA VAL A 46 -4.22 -9.05 1.84
C VAL A 46 -5.51 -8.38 1.39
N SER A 47 -6.47 -9.16 0.91
CA SER A 47 -7.75 -8.61 0.47
C SER A 47 -8.70 -8.46 1.64
N ARG A 48 -9.43 -7.35 1.65
CA ARG A 48 -10.38 -7.08 2.73
C ARG A 48 -11.82 -7.09 2.20
N LYS A 49 -12.50 -8.21 2.43
CA LYS A 49 -13.89 -8.37 2.00
C LYS A 49 -14.10 -7.93 0.54
N ASN A 50 -14.47 -6.67 0.34
CA ASN A 50 -14.71 -6.14 -1.01
C ASN A 50 -13.56 -5.26 -1.50
N VAL A 51 -12.54 -5.06 -0.66
CA VAL A 51 -11.41 -4.22 -1.03
C VAL A 51 -10.08 -4.94 -0.84
N GLU A 52 -8.99 -4.18 -0.77
CA GLU A 52 -7.66 -4.75 -0.59
C GLU A 52 -6.81 -3.88 0.33
N TYR A 53 -6.30 -4.48 1.39
CA TYR A 53 -5.45 -3.77 2.34
C TYR A 53 -4.07 -4.41 2.40
N LEU A 54 -3.05 -3.64 2.77
CA LEU A 54 -1.70 -4.16 2.87
C LEU A 54 -1.39 -4.52 4.32
N VAL A 55 -0.59 -5.55 4.51
CA VAL A 55 -0.20 -5.98 5.85
C VAL A 55 1.30 -6.13 5.93
N VAL A 56 1.96 -5.23 6.68
CA VAL A 56 3.40 -5.29 6.82
C VAL A 56 3.81 -5.75 8.21
N GLU A 57 4.85 -6.55 8.26
CA GLU A 57 5.36 -7.08 9.52
C GLU A 57 6.39 -6.12 10.11
N ALA A 58 6.06 -5.60 11.28
CA ALA A 58 6.94 -4.66 11.97
C ALA A 58 7.79 -5.36 13.03
N ALA A 59 9.01 -5.74 12.65
CA ALA A 59 9.92 -6.42 13.56
C ALA A 59 9.33 -7.73 14.07
N GLY A 60 8.49 -7.64 15.11
CA GLY A 60 7.88 -8.83 15.66
C GLY A 60 6.39 -8.65 15.90
N GLU A 61 5.78 -7.71 15.18
CA GLU A 61 4.36 -7.45 15.31
C GLU A 61 3.76 -7.06 13.97
N THR A 62 2.70 -7.76 13.56
CA THR A 62 2.04 -7.47 12.30
C THR A 62 1.30 -6.14 12.36
N ARG A 63 1.29 -5.42 11.25
CA ARG A 63 0.60 -4.14 11.18
C ARG A 63 -0.27 -4.06 9.93
N GLU A 64 -1.35 -3.28 10.02
CA GLU A 64 -2.26 -3.12 8.89
C GLU A 64 -2.22 -1.69 8.35
N LEU A 65 -1.57 -1.52 7.21
CA LEU A 65 -1.46 -0.21 6.57
C LEU A 65 -2.02 -0.24 5.17
N ARG A 66 -2.85 0.75 4.84
CA ARG A 66 -3.52 0.88 3.53
C ARG A 66 -4.97 0.40 3.62
N LEU A 67 -5.32 -0.16 4.77
CA LEU A 67 -6.68 -0.65 5.02
C LEU A 67 -7.63 0.50 5.27
N ASP A 68 -7.07 1.69 5.51
CA ASP A 68 -7.87 2.89 5.76
C ASP A 68 -7.72 3.87 4.61
N LYS A 69 -7.14 3.42 3.50
CA LYS A 69 -6.93 4.28 2.36
C LYS A 69 -6.09 5.47 2.80
N ILE A 70 -4.82 5.21 3.07
CA ILE A 70 -3.91 6.23 3.56
C ILE A 70 -3.50 7.22 2.47
N THR A 71 -3.58 8.50 2.84
CA THR A 71 -3.25 9.60 1.94
C THR A 71 -2.21 9.19 0.91
N SER A 72 -1.00 8.89 1.35
CA SER A 72 0.04 8.50 0.39
C SER A 72 1.20 7.77 1.04
N PHE A 73 1.93 7.03 0.22
CA PHE A 73 3.10 6.29 0.68
C PHE A 73 4.20 6.42 -0.34
N SER A 74 5.33 6.91 0.11
CA SER A 74 6.47 7.11 -0.78
C SER A 74 7.56 6.09 -0.57
N HIS A 75 8.31 5.86 -1.63
CA HIS A 75 9.43 4.93 -1.61
C HIS A 75 10.63 5.53 -2.34
N PRO A 76 11.82 5.46 -1.71
CA PRO A 76 13.06 6.02 -2.26
C PRO A 76 13.25 5.75 -3.75
N GLU A 77 13.31 6.81 -4.52
CA GLU A 77 13.52 6.74 -5.96
C GLU A 77 12.42 5.95 -6.67
N ILE A 78 11.25 5.83 -6.06
CA ILE A 78 10.15 5.11 -6.67
C ILE A 78 8.97 6.04 -6.93
N GLY A 79 8.35 6.52 -5.85
CA GLY A 79 7.21 7.41 -6.02
C GLY A 79 6.30 7.47 -4.81
N THR A 80 5.26 8.31 -4.90
CA THR A 80 4.26 8.43 -3.84
C THR A 80 2.87 8.09 -4.39
N VAL A 81 2.13 7.22 -3.69
CA VAL A 81 0.79 6.87 -4.14
C VAL A 81 -0.25 7.23 -3.08
N VAL A 82 -1.28 7.96 -3.50
CA VAL A 82 -2.36 8.39 -2.62
C VAL A 82 -3.61 7.56 -2.84
N VAL A 83 -4.22 7.10 -1.73
CA VAL A 83 -5.45 6.31 -1.77
C VAL A 83 -5.72 5.72 -3.16
N SER A 84 -4.76 4.94 -3.65
CA SER A 84 -4.86 4.32 -4.96
C SER A 84 -4.92 5.38 -6.07
N GLU A 85 -5.92 5.30 -6.95
CA GLU A 85 -6.06 6.26 -8.05
C GLU A 85 -5.95 7.70 -7.54
N SER A 86 -5.54 8.59 -8.43
CA SER A 86 -5.39 10.01 -8.09
C SER A 86 -4.39 10.17 -6.93
N MET A 1 -20.29 3.16 -19.08
CA MET A 1 -19.83 3.57 -17.73
C MET A 1 -20.31 2.60 -16.66
N SER A 2 -20.27 1.32 -16.99
CA SER A 2 -20.71 0.27 -16.05
C SER A 2 -19.53 -0.23 -15.22
N MET A 3 -19.75 -0.41 -13.92
CA MET A 3 -18.72 -0.89 -13.02
C MET A 3 -19.33 -1.53 -11.78
N ASN A 4 -18.49 -2.17 -10.98
CA ASN A 4 -18.95 -2.82 -9.76
C ASN A 4 -17.78 -3.37 -8.95
N ASP A 5 -16.86 -4.05 -9.64
CA ASP A 5 -15.68 -4.62 -8.98
C ASP A 5 -14.41 -4.20 -9.70
N THR A 6 -13.97 -2.97 -9.43
CA THR A 6 -12.75 -2.46 -10.05
C THR A 6 -12.26 -1.21 -9.31
N TYR A 7 -12.59 -1.14 -8.02
CA TYR A 7 -12.19 0.00 -7.20
C TYR A 7 -11.12 -0.41 -6.20
N GLN A 8 -9.87 -0.06 -6.52
CA GLN A 8 -8.74 -0.39 -5.65
C GLN A 8 -8.57 0.68 -4.56
N PRO A 9 -8.75 0.32 -3.28
CA PRO A 9 -8.60 1.25 -2.16
C PRO A 9 -7.25 1.96 -2.19
N ILE A 10 -6.27 1.36 -2.85
CA ILE A 10 -4.94 1.95 -2.95
C ILE A 10 -3.97 1.02 -3.70
N ASN A 11 -3.59 -0.11 -3.08
CA ASN A 11 -2.68 -1.05 -3.72
C ASN A 11 -3.43 -2.03 -4.61
N CYS A 12 -2.80 -2.43 -5.71
CA CYS A 12 -3.41 -3.37 -6.65
C CYS A 12 -2.88 -4.79 -6.44
N ASP A 13 -3.32 -5.71 -7.28
CA ASP A 13 -2.91 -7.11 -7.18
C ASP A 13 -1.44 -7.32 -7.58
N ASP A 14 -1.10 -6.97 -8.81
CA ASP A 14 0.27 -7.12 -9.31
C ASP A 14 1.17 -5.95 -8.88
N TYR A 15 0.71 -4.74 -9.15
CA TYR A 15 1.48 -3.54 -8.79
C TYR A 15 1.92 -3.59 -7.34
N ASP A 16 1.22 -4.35 -6.53
CA ASP A 16 1.56 -4.49 -5.13
C ASP A 16 2.74 -5.44 -4.94
N ASN A 17 2.83 -6.45 -5.81
CA ASN A 17 3.89 -7.44 -5.71
C ASN A 17 5.21 -6.96 -6.32
N LEU A 18 5.13 -6.30 -7.47
CA LEU A 18 6.32 -5.83 -8.16
C LEU A 18 6.81 -4.49 -7.63
N GLU A 19 5.88 -3.68 -7.12
CA GLU A 19 6.26 -2.38 -6.57
C GLU A 19 6.72 -2.53 -5.13
N LEU A 20 6.03 -3.34 -4.37
CA LEU A 20 6.40 -3.53 -2.98
C LEU A 20 7.71 -4.30 -2.86
N ALA A 21 7.90 -5.28 -3.73
CA ALA A 21 9.12 -6.06 -3.69
C ALA A 21 10.27 -5.33 -4.36
N CYS A 22 10.11 -4.99 -5.63
CA CYS A 22 11.17 -4.32 -6.38
C CYS A 22 11.23 -2.81 -6.14
N GLN A 23 10.08 -2.16 -6.00
CA GLN A 23 10.09 -0.71 -5.79
C GLN A 23 10.27 -0.34 -4.32
N HIS A 24 9.73 -1.16 -3.42
CA HIS A 24 9.84 -0.87 -1.99
C HIS A 24 10.90 -1.74 -1.32
N HIS A 25 11.09 -2.96 -1.84
CA HIS A 25 12.09 -3.86 -1.25
C HIS A 25 11.75 -4.18 0.20
N LEU A 26 10.45 -4.32 0.47
CA LEU A 26 9.97 -4.63 1.82
C LEU A 26 9.83 -3.37 2.68
N MET A 27 10.83 -2.50 2.63
CA MET A 27 10.81 -1.27 3.42
C MET A 27 10.09 -0.14 2.69
N LEU A 28 8.87 0.16 3.12
CA LEU A 28 8.08 1.23 2.51
C LEU A 28 7.91 2.40 3.48
N THR A 29 7.63 3.59 2.93
CA THR A 29 7.42 4.77 3.76
C THR A 29 5.98 5.24 3.63
N LEU A 30 5.19 5.03 4.68
CA LEU A 30 3.77 5.41 4.64
C LEU A 30 3.57 6.83 5.15
N GLU A 31 2.81 7.62 4.40
CA GLU A 31 2.55 9.00 4.78
C GLU A 31 1.05 9.32 4.72
N LEU A 32 0.62 10.23 5.59
CA LEU A 32 -0.80 10.61 5.67
C LEU A 32 -0.95 12.13 5.52
N LYS A 33 -2.16 12.57 5.16
CA LYS A 33 -2.46 13.98 5.01
C LYS A 33 -1.82 14.80 6.13
N ASP A 34 -1.77 14.21 7.32
CA ASP A 34 -1.17 14.85 8.49
C ASP A 34 0.36 14.80 8.41
N GLY A 35 0.87 14.82 7.18
CA GLY A 35 2.31 14.78 6.97
C GLY A 35 2.96 13.61 7.68
N GLU A 36 2.22 12.52 7.86
CA GLU A 36 2.77 11.34 8.51
C GLU A 36 3.78 10.67 7.60
N LYS A 37 4.76 10.01 8.18
CA LYS A 37 5.80 9.32 7.41
C LYS A 37 6.48 8.25 8.25
N LEU A 38 6.36 6.98 7.84
CA LEU A 38 6.98 5.89 8.60
C LEU A 38 7.36 4.72 7.70
N GLN A 39 8.59 4.24 7.87
CA GLN A 39 9.08 3.12 7.10
C GLN A 39 8.81 1.81 7.84
N ALA A 40 8.52 0.76 7.08
CA ALA A 40 8.23 -0.54 7.69
C ALA A 40 8.93 -1.68 6.95
N LYS A 41 9.60 -2.53 7.72
CA LYS A 41 10.33 -3.68 7.18
C LYS A 41 9.36 -4.82 6.88
N ALA A 42 9.62 -5.53 5.77
CA ALA A 42 8.77 -6.65 5.37
C ALA A 42 7.37 -6.16 5.05
N SER A 43 6.73 -6.76 4.06
CA SER A 43 5.38 -6.36 3.68
C SER A 43 4.83 -7.17 2.51
N ASP A 44 3.54 -7.41 2.55
CA ASP A 44 2.82 -8.13 1.50
C ASP A 44 1.41 -7.56 1.48
N LEU A 45 0.55 -7.94 0.55
CA LEU A 45 -0.80 -7.40 0.52
C LEU A 45 -1.84 -8.52 0.56
N VAL A 46 -3.06 -8.17 1.00
CA VAL A 46 -4.16 -9.11 1.08
C VAL A 46 -5.42 -8.47 0.52
N SER A 47 -6.33 -9.26 -0.03
CA SER A 47 -7.55 -8.71 -0.60
C SER A 47 -8.78 -9.15 0.18
N ARG A 48 -9.51 -8.16 0.70
CA ARG A 48 -10.73 -8.42 1.44
C ARG A 48 -11.84 -8.82 0.49
N LYS A 49 -12.78 -9.62 0.97
CA LYS A 49 -13.90 -10.05 0.14
C LYS A 49 -14.62 -8.86 -0.50
N ASN A 50 -14.53 -7.70 0.16
CA ASN A 50 -15.19 -6.49 -0.34
C ASN A 50 -14.21 -5.54 -1.03
N VAL A 51 -12.95 -5.55 -0.62
CA VAL A 51 -11.95 -4.66 -1.20
C VAL A 51 -10.55 -5.27 -1.13
N GLU A 52 -9.53 -4.43 -0.92
CA GLU A 52 -8.15 -4.91 -0.84
C GLU A 52 -7.28 -4.00 0.03
N TYR A 53 -6.56 -4.61 0.96
CA TYR A 53 -5.66 -3.87 1.86
C TYR A 53 -4.27 -4.48 1.88
N LEU A 54 -3.27 -3.69 2.28
CA LEU A 54 -1.90 -4.15 2.36
C LEU A 54 -1.61 -4.57 3.80
N VAL A 55 -0.77 -5.58 3.96
CA VAL A 55 -0.41 -6.05 5.30
C VAL A 55 1.10 -6.20 5.43
N VAL A 56 1.72 -5.36 6.26
CA VAL A 56 3.14 -5.42 6.47
C VAL A 56 3.47 -5.89 7.88
N GLU A 57 4.49 -6.71 7.99
CA GLU A 57 4.91 -7.24 9.28
C GLU A 57 5.92 -6.29 9.92
N ALA A 58 5.56 -5.79 11.10
CA ALA A 58 6.42 -4.85 11.83
C ALA A 58 7.59 -5.58 12.49
N ALA A 59 8.58 -5.95 11.68
CA ALA A 59 9.77 -6.64 12.17
C ALA A 59 9.43 -7.71 13.20
N GLY A 60 8.35 -8.45 12.95
CA GLY A 60 7.95 -9.50 13.87
C GLY A 60 6.44 -9.60 14.00
N GLU A 61 5.78 -8.46 14.16
CA GLU A 61 4.33 -8.43 14.30
C GLU A 61 3.66 -8.19 12.94
N THR A 62 2.35 -8.01 12.97
CA THR A 62 1.58 -7.77 11.75
C THR A 62 0.80 -6.46 11.84
N ARG A 63 0.82 -5.69 10.75
CA ARG A 63 0.11 -4.41 10.70
C ARG A 63 -0.73 -4.30 9.43
N GLU A 64 -1.80 -3.51 9.50
CA GLU A 64 -2.68 -3.33 8.34
C GLU A 64 -2.68 -1.87 7.88
N LEU A 65 -2.02 -1.63 6.76
CA LEU A 65 -1.94 -0.29 6.19
C LEU A 65 -2.40 -0.29 4.74
N ARG A 66 -3.23 0.70 4.37
CA ARG A 66 -3.80 0.85 3.01
C ARG A 66 -5.26 0.40 2.98
N LEU A 67 -5.71 -0.18 4.08
CA LEU A 67 -7.09 -0.65 4.21
C LEU A 67 -8.05 0.53 4.37
N ASP A 68 -7.49 1.70 4.66
CA ASP A 68 -8.28 2.90 4.84
C ASP A 68 -8.02 3.88 3.70
N LYS A 69 -7.37 3.41 2.64
CA LYS A 69 -7.05 4.26 1.52
C LYS A 69 -6.22 5.43 2.02
N ILE A 70 -4.98 5.14 2.35
CA ILE A 70 -4.07 6.13 2.91
C ILE A 70 -3.60 7.13 1.87
N THR A 71 -3.71 8.41 2.23
CA THR A 71 -3.33 9.51 1.37
C THR A 71 -2.23 9.11 0.42
N SER A 72 -1.05 8.79 0.94
CA SER A 72 0.05 8.40 0.05
C SER A 72 1.18 7.67 0.78
N PHE A 73 1.97 6.95 -0.01
CA PHE A 73 3.11 6.22 0.52
C PHE A 73 4.29 6.42 -0.41
N SER A 74 5.37 6.92 0.13
CA SER A 74 6.55 7.21 -0.67
C SER A 74 7.69 6.24 -0.40
N HIS A 75 8.52 6.09 -1.42
CA HIS A 75 9.70 5.23 -1.34
C HIS A 75 10.89 5.94 -2.01
N PRO A 76 12.03 5.99 -1.30
CA PRO A 76 13.25 6.66 -1.81
C PRO A 76 13.56 6.36 -3.26
N GLU A 77 13.63 7.41 -4.06
CA GLU A 77 13.95 7.30 -5.49
C GLU A 77 12.91 6.50 -6.26
N ILE A 78 11.70 6.38 -5.73
CA ILE A 78 10.65 5.64 -6.42
C ILE A 78 9.44 6.53 -6.69
N GLY A 79 8.73 6.92 -5.63
CA GLY A 79 7.58 7.77 -5.81
C GLY A 79 6.58 7.70 -4.67
N THR A 80 5.50 8.47 -4.78
CA THR A 80 4.44 8.49 -3.77
C THR A 80 3.11 8.10 -4.42
N VAL A 81 2.38 7.17 -3.82
CA VAL A 81 1.09 6.76 -4.35
C VAL A 81 -0.03 7.14 -3.39
N VAL A 82 -1.01 7.87 -3.91
CA VAL A 82 -2.14 8.31 -3.11
C VAL A 82 -3.39 7.48 -3.42
N VAL A 83 -4.13 7.13 -2.36
CA VAL A 83 -5.36 6.34 -2.49
C VAL A 83 -5.55 5.79 -3.92
N SER A 84 -4.70 4.83 -4.27
CA SER A 84 -4.73 4.20 -5.58
C SER A 84 -4.02 5.07 -6.62
N GLU A 85 -3.10 4.47 -7.36
CA GLU A 85 -2.35 5.17 -8.39
C GLU A 85 -3.28 5.82 -9.40
N SER A 86 -3.00 7.08 -9.75
CA SER A 86 -3.81 7.80 -10.71
C SER A 86 -5.26 7.89 -10.24
N MET A 1 -15.36 -10.76 -12.32
CA MET A 1 -16.50 -10.52 -11.40
C MET A 1 -17.12 -9.15 -11.62
N SER A 2 -16.28 -8.13 -11.74
CA SER A 2 -16.74 -6.76 -11.95
C SER A 2 -16.25 -6.22 -13.29
N MET A 3 -17.17 -5.63 -14.05
CA MET A 3 -16.82 -5.08 -15.35
C MET A 3 -17.30 -3.63 -15.47
N ASN A 4 -17.30 -2.92 -14.34
CA ASN A 4 -17.73 -1.52 -14.31
C ASN A 4 -16.98 -0.75 -13.24
N ASP A 5 -17.00 -1.26 -12.02
CA ASP A 5 -16.33 -0.62 -10.90
C ASP A 5 -14.81 -0.69 -11.07
N THR A 6 -14.10 0.27 -10.49
CA THR A 6 -12.65 0.31 -10.56
C THR A 6 -12.07 1.25 -9.52
N TYR A 7 -12.64 1.18 -8.31
CA TYR A 7 -12.19 2.04 -7.21
C TYR A 7 -11.05 1.37 -6.43
N GLN A 8 -9.83 1.81 -6.70
CA GLN A 8 -8.65 1.27 -6.03
C GLN A 8 -8.34 2.06 -4.76
N PRO A 9 -8.34 1.40 -3.59
CA PRO A 9 -8.06 2.05 -2.30
C PRO A 9 -6.71 2.76 -2.29
N ILE A 10 -5.73 2.17 -2.99
CA ILE A 10 -4.39 2.75 -3.08
C ILE A 10 -3.56 1.98 -4.11
N ASN A 11 -3.14 0.77 -3.74
CA ASN A 11 -2.33 -0.06 -4.62
C ASN A 11 -3.19 -1.02 -5.44
N CYS A 12 -2.77 -1.29 -6.68
CA CYS A 12 -3.50 -2.19 -7.56
C CYS A 12 -3.09 -3.63 -7.33
N ASP A 13 -3.91 -4.57 -7.80
CA ASP A 13 -3.64 -6.00 -7.63
C ASP A 13 -2.22 -6.36 -8.07
N ASP A 14 -1.87 -5.99 -9.29
CA ASP A 14 -0.54 -6.28 -9.82
C ASP A 14 0.48 -5.26 -9.33
N TYR A 15 0.16 -3.98 -9.53
CA TYR A 15 1.05 -2.90 -9.11
C TYR A 15 1.46 -3.06 -7.65
N ASP A 16 0.66 -3.80 -6.90
CA ASP A 16 0.95 -4.06 -5.49
C ASP A 16 2.01 -5.14 -5.35
N ASN A 17 1.98 -6.13 -6.25
CA ASN A 17 2.93 -7.24 -6.19
C ASN A 17 4.29 -6.90 -6.78
N LEU A 18 4.29 -6.18 -7.89
CA LEU A 18 5.53 -5.82 -8.57
C LEU A 18 6.16 -4.56 -7.99
N GLU A 19 5.33 -3.61 -7.57
CA GLU A 19 5.84 -2.37 -7.00
C GLU A 19 6.17 -2.54 -5.52
N LEU A 20 5.30 -3.21 -4.77
CA LEU A 20 5.56 -3.37 -3.35
C LEU A 20 6.68 -4.38 -3.11
N ALA A 21 6.73 -5.42 -3.94
CA ALA A 21 7.75 -6.44 -3.78
C ALA A 21 9.07 -5.99 -4.40
N CYS A 22 9.06 -5.68 -5.70
CA CYS A 22 10.28 -5.28 -6.38
C CYS A 22 10.63 -3.81 -6.18
N GLN A 23 9.62 -2.92 -6.15
CA GLN A 23 9.90 -1.50 -6.01
C GLN A 23 10.05 -1.11 -4.54
N HIS A 24 9.33 -1.79 -3.65
CA HIS A 24 9.40 -1.49 -2.23
C HIS A 24 10.33 -2.45 -1.50
N HIS A 25 10.42 -3.68 -1.98
CA HIS A 25 11.27 -4.68 -1.34
C HIS A 25 10.85 -4.90 0.11
N LEU A 26 9.54 -4.82 0.35
CA LEU A 26 8.97 -5.01 1.69
C LEU A 26 9.01 -3.73 2.52
N MET A 27 10.17 -3.08 2.56
CA MET A 27 10.33 -1.85 3.34
C MET A 27 9.72 -0.64 2.63
N LEU A 28 8.61 -0.14 3.17
CA LEU A 28 7.95 1.03 2.59
C LEU A 28 7.86 2.18 3.59
N THR A 29 7.71 3.40 3.09
CA THR A 29 7.61 4.58 3.95
C THR A 29 6.22 5.20 3.84
N LEU A 30 5.39 5.02 4.87
CA LEU A 30 4.02 5.54 4.83
C LEU A 30 3.94 6.95 5.39
N GLU A 31 3.20 7.81 4.71
CA GLU A 31 3.04 9.19 5.14
C GLU A 31 1.57 9.62 5.14
N LEU A 32 1.21 10.49 6.08
CA LEU A 32 -0.17 10.97 6.19
C LEU A 32 -0.24 12.49 6.12
N LYS A 33 -1.43 13.01 5.82
CA LYS A 33 -1.66 14.46 5.73
C LYS A 33 -0.95 15.17 6.88
N ASP A 34 -0.90 14.51 8.03
CA ASP A 34 -0.26 15.04 9.23
C ASP A 34 1.27 14.92 9.09
N GLY A 35 1.76 15.00 7.87
CA GLY A 35 3.18 14.89 7.61
C GLY A 35 3.79 13.65 8.24
N GLU A 36 2.99 12.60 8.38
CA GLU A 36 3.49 11.36 8.96
C GLU A 36 4.44 10.69 7.99
N LYS A 37 5.40 9.94 8.52
CA LYS A 37 6.37 9.23 7.68
C LYS A 37 7.02 8.09 8.47
N LEU A 38 6.79 6.85 8.04
CA LEU A 38 7.36 5.71 8.73
C LEU A 38 7.61 4.52 7.82
N GLN A 39 8.79 3.93 7.93
CA GLN A 39 9.14 2.78 7.12
C GLN A 39 8.78 1.50 7.86
N ALA A 40 8.41 0.46 7.11
CA ALA A 40 8.02 -0.81 7.71
C ALA A 40 8.68 -1.98 6.99
N LYS A 41 9.35 -2.83 7.77
CA LYS A 41 10.03 -4.01 7.26
C LYS A 41 9.05 -5.16 7.06
N ALA A 42 9.23 -5.92 5.99
CA ALA A 42 8.36 -7.05 5.69
C ALA A 42 6.93 -6.57 5.47
N SER A 43 6.24 -7.17 4.50
CA SER A 43 4.87 -6.77 4.21
C SER A 43 4.31 -7.49 2.99
N ASP A 44 3.00 -7.66 2.99
CA ASP A 44 2.26 -8.27 1.89
C ASP A 44 0.91 -7.57 1.82
N LEU A 45 0.07 -7.85 0.84
CA LEU A 45 -1.23 -7.19 0.77
C LEU A 45 -2.36 -8.22 0.71
N VAL A 46 -3.56 -7.80 1.08
CA VAL A 46 -4.73 -8.68 1.04
C VAL A 46 -5.89 -7.93 0.40
N SER A 47 -6.65 -8.60 -0.45
CA SER A 47 -7.77 -7.96 -1.13
C SER A 47 -9.11 -8.37 -0.50
N ARG A 48 -10.01 -7.40 -0.40
CA ARG A 48 -11.33 -7.64 0.16
C ARG A 48 -12.36 -7.78 -0.93
N LYS A 49 -13.41 -8.55 -0.66
CA LYS A 49 -14.46 -8.76 -1.64
C LYS A 49 -14.96 -7.43 -2.20
N ASN A 50 -14.79 -6.36 -1.43
CA ASN A 50 -15.23 -5.04 -1.85
C ASN A 50 -14.08 -4.17 -2.36
N VAL A 51 -12.89 -4.32 -1.77
CA VAL A 51 -11.74 -3.51 -2.18
C VAL A 51 -10.41 -4.22 -1.95
N GLU A 52 -9.62 -3.74 -0.97
CA GLU A 52 -8.33 -4.34 -0.66
C GLU A 52 -7.48 -3.46 0.23
N TYR A 53 -6.79 -4.09 1.17
CA TYR A 53 -5.91 -3.40 2.10
C TYR A 53 -4.55 -4.09 2.12
N LEU A 54 -3.51 -3.37 2.53
CA LEU A 54 -2.18 -3.93 2.63
C LEU A 54 -1.92 -4.32 4.07
N VAL A 55 -1.15 -5.37 4.28
CA VAL A 55 -0.81 -5.81 5.62
C VAL A 55 0.69 -6.05 5.74
N VAL A 56 1.35 -5.26 6.60
CA VAL A 56 2.78 -5.41 6.78
C VAL A 56 3.10 -6.03 8.11
N GLU A 57 4.04 -6.96 8.11
CA GLU A 57 4.46 -7.62 9.34
C GLU A 57 5.87 -7.19 9.70
N ALA A 58 5.98 -6.34 10.71
CA ALA A 58 7.29 -5.86 11.15
C ALA A 58 7.97 -6.85 12.09
N ALA A 59 8.86 -7.66 11.52
CA ALA A 59 9.60 -8.66 12.30
C ALA A 59 8.68 -9.75 12.83
N GLY A 60 7.74 -9.35 13.68
CA GLY A 60 6.80 -10.31 14.25
C GLY A 60 5.39 -9.74 14.36
N GLU A 61 5.30 -8.44 14.55
CA GLU A 61 3.99 -7.78 14.68
C GLU A 61 3.33 -7.61 13.31
N THR A 62 2.02 -7.42 13.33
CA THR A 62 1.25 -7.24 12.10
C THR A 62 0.49 -5.92 12.12
N ARG A 63 0.51 -5.20 11.01
CA ARG A 63 -0.18 -3.92 10.91
C ARG A 63 -1.02 -3.84 9.63
N GLU A 64 -1.98 -2.92 9.62
CA GLU A 64 -2.85 -2.73 8.46
C GLU A 64 -2.74 -1.31 7.93
N LEU A 65 -2.05 -1.16 6.80
CA LEU A 65 -1.87 0.15 6.18
C LEU A 65 -2.35 0.13 4.73
N ARG A 66 -3.11 1.17 4.36
CA ARG A 66 -3.69 1.32 3.01
C ARG A 66 -5.19 0.98 3.02
N LEU A 67 -5.63 0.42 4.15
CA LEU A 67 -7.04 0.05 4.32
C LEU A 67 -7.91 1.28 4.56
N ASP A 68 -7.28 2.41 4.85
CA ASP A 68 -7.99 3.65 5.08
C ASP A 68 -7.71 4.65 3.97
N LYS A 69 -7.08 4.19 2.89
CA LYS A 69 -6.74 5.08 1.80
C LYS A 69 -5.89 6.20 2.35
N ILE A 70 -4.65 5.86 2.69
CA ILE A 70 -3.74 6.80 3.28
C ILE A 70 -3.21 7.82 2.29
N THR A 71 -3.24 9.09 2.71
CA THR A 71 -2.80 10.20 1.89
C THR A 71 -1.74 9.78 0.90
N SER A 72 -0.58 9.33 1.39
CA SER A 72 0.48 8.93 0.47
C SER A 72 1.55 8.10 1.14
N PHE A 73 2.30 7.36 0.32
CA PHE A 73 3.39 6.54 0.80
C PHE A 73 4.57 6.70 -0.12
N SER A 74 5.70 7.10 0.43
CA SER A 74 6.90 7.32 -0.35
C SER A 74 7.95 6.25 -0.13
N HIS A 75 8.76 6.08 -1.16
CA HIS A 75 9.85 5.12 -1.15
C HIS A 75 10.89 5.48 -2.21
N PRO A 76 12.15 5.69 -1.80
CA PRO A 76 13.23 6.06 -2.74
C PRO A 76 13.47 4.99 -3.81
N GLU A 77 12.49 4.85 -4.70
CA GLU A 77 12.57 3.87 -5.77
C GLU A 77 11.33 3.91 -6.64
N ILE A 78 10.16 3.91 -6.00
CA ILE A 78 8.89 3.94 -6.73
C ILE A 78 8.31 5.34 -6.80
N GLY A 79 8.32 6.06 -5.67
CA GLY A 79 7.77 7.40 -5.67
C GLY A 79 6.82 7.63 -4.50
N THR A 80 5.90 8.58 -4.68
CA THR A 80 4.88 8.89 -3.67
C THR A 80 3.49 8.65 -4.24
N VAL A 81 2.72 7.76 -3.64
CA VAL A 81 1.37 7.48 -4.11
C VAL A 81 0.32 7.88 -3.08
N VAL A 82 -0.63 8.69 -3.52
CA VAL A 82 -1.71 9.17 -2.67
C VAL A 82 -3.01 8.44 -2.98
N VAL A 83 -3.74 8.04 -1.92
CA VAL A 83 -5.02 7.35 -2.04
C VAL A 83 -5.27 6.84 -3.47
N SER A 84 -4.41 5.93 -3.92
CA SER A 84 -4.51 5.37 -5.26
C SER A 84 -4.37 6.45 -6.32
N GLU A 85 -3.18 7.04 -6.42
CA GLU A 85 -2.90 8.09 -7.39
C GLU A 85 -3.26 7.63 -8.80
N SER A 86 -3.90 8.52 -9.56
CA SER A 86 -4.29 8.21 -10.94
C SER A 86 -5.25 7.03 -10.96
N MET A 1 -17.56 -9.94 -17.48
CA MET A 1 -16.94 -8.82 -16.71
C MET A 1 -16.37 -9.34 -15.38
N SER A 2 -15.37 -8.63 -14.86
CA SER A 2 -14.74 -9.01 -13.61
C SER A 2 -14.75 -7.85 -12.61
N MET A 3 -14.77 -8.18 -11.33
CA MET A 3 -14.78 -7.17 -10.29
C MET A 3 -16.04 -6.30 -10.38
N ASN A 4 -16.95 -6.47 -9.43
CA ASN A 4 -18.19 -5.70 -9.41
C ASN A 4 -17.90 -4.21 -9.30
N ASP A 5 -17.31 -3.80 -8.18
CA ASP A 5 -16.97 -2.41 -7.95
C ASP A 5 -15.75 -2.00 -8.78
N THR A 6 -15.27 -0.78 -8.57
CA THR A 6 -14.11 -0.28 -9.29
C THR A 6 -13.37 0.78 -8.48
N TYR A 7 -13.54 0.73 -7.17
CA TYR A 7 -12.88 1.69 -6.28
C TYR A 7 -11.52 1.20 -5.85
N GLN A 8 -10.50 2.05 -6.03
CA GLN A 8 -9.14 1.71 -5.67
C GLN A 8 -8.65 2.60 -4.52
N PRO A 9 -8.66 2.08 -3.29
CA PRO A 9 -8.21 2.83 -2.10
C PRO A 9 -6.77 3.32 -2.26
N ILE A 10 -5.98 2.56 -3.00
CA ILE A 10 -4.59 2.91 -3.23
C ILE A 10 -3.96 1.90 -4.20
N ASN A 11 -3.81 0.66 -3.76
CA ASN A 11 -3.22 -0.39 -4.60
C ASN A 11 -4.08 -0.64 -5.85
N CYS A 12 -3.46 -0.53 -7.02
CA CYS A 12 -4.17 -0.74 -8.28
C CYS A 12 -3.37 -1.62 -9.25
N ASP A 13 -2.44 -1.01 -9.99
CA ASP A 13 -1.63 -1.74 -10.97
C ASP A 13 -0.92 -2.94 -10.33
N ASP A 14 -0.02 -3.55 -11.10
CA ASP A 14 0.77 -4.68 -10.61
C ASP A 14 1.99 -4.18 -9.85
N TYR A 15 2.42 -2.98 -10.19
CA TYR A 15 3.58 -2.34 -9.59
C TYR A 15 3.53 -2.38 -8.06
N ASP A 16 2.34 -2.55 -7.52
CA ASP A 16 2.18 -2.62 -6.07
C ASP A 16 2.88 -3.87 -5.52
N ASN A 17 2.58 -5.02 -6.11
CA ASN A 17 3.15 -6.30 -5.66
C ASN A 17 4.56 -6.55 -6.20
N LEU A 18 4.83 -6.02 -7.38
CA LEU A 18 6.13 -6.21 -8.02
C LEU A 18 7.16 -5.19 -7.57
N GLU A 19 6.75 -3.94 -7.47
CA GLU A 19 7.68 -2.88 -7.05
C GLU A 19 7.82 -2.87 -5.54
N LEU A 20 6.74 -3.17 -4.84
CA LEU A 20 6.83 -3.19 -3.38
C LEU A 20 7.60 -4.40 -2.91
N ALA A 21 7.43 -5.52 -3.60
CA ALA A 21 8.13 -6.73 -3.23
C ALA A 21 9.56 -6.72 -3.77
N CYS A 22 9.71 -6.58 -5.09
CA CYS A 22 11.03 -6.59 -5.70
C CYS A 22 11.75 -5.25 -5.63
N GLN A 23 11.04 -4.14 -5.82
CA GLN A 23 11.69 -2.82 -5.80
C GLN A 23 11.84 -2.28 -4.38
N HIS A 24 11.06 -2.82 -3.45
CA HIS A 24 11.13 -2.35 -2.06
C HIS A 24 11.62 -3.44 -1.12
N HIS A 25 11.33 -4.70 -1.45
CA HIS A 25 11.76 -5.82 -0.61
C HIS A 25 10.93 -5.86 0.68
N LEU A 26 9.67 -5.45 0.58
CA LEU A 26 8.74 -5.45 1.71
C LEU A 26 8.84 -4.16 2.54
N MET A 27 10.02 -3.54 2.56
CA MET A 27 10.21 -2.31 3.33
C MET A 27 9.62 -1.11 2.60
N LEU A 28 8.52 -0.57 3.12
CA LEU A 28 7.87 0.59 2.49
C LEU A 28 7.89 1.81 3.42
N THR A 29 7.77 3.01 2.84
CA THR A 29 7.74 4.24 3.63
C THR A 29 6.38 4.91 3.50
N LEU A 30 5.57 4.85 4.56
CA LEU A 30 4.24 5.43 4.52
C LEU A 30 4.22 6.83 5.10
N GLU A 31 3.53 7.74 4.42
CA GLU A 31 3.43 9.12 4.87
C GLU A 31 1.98 9.62 4.86
N LEU A 32 1.67 10.54 5.76
CA LEU A 32 0.32 11.09 5.87
C LEU A 32 0.32 12.61 5.75
N LYS A 33 -0.84 13.19 5.43
CA LYS A 33 -0.99 14.64 5.31
C LYS A 33 -0.23 15.35 6.43
N ASP A 34 -0.23 14.74 7.61
CA ASP A 34 0.46 15.29 8.77
C ASP A 34 1.96 15.07 8.66
N GLY A 35 2.46 15.07 7.43
CA GLY A 35 3.88 14.89 7.19
C GLY A 35 4.43 13.65 7.87
N GLU A 36 3.58 12.65 8.07
CA GLU A 36 4.02 11.41 8.70
C GLU A 36 4.89 10.63 7.73
N LYS A 37 5.81 9.84 8.27
CA LYS A 37 6.71 9.03 7.44
C LYS A 37 7.28 7.87 8.24
N LEU A 38 7.03 6.63 7.78
CA LEU A 38 7.54 5.46 8.49
C LEU A 38 7.77 4.27 7.58
N GLN A 39 8.91 3.62 7.78
CA GLN A 39 9.25 2.44 6.99
C GLN A 39 8.87 1.17 7.76
N ALA A 40 8.42 0.15 7.04
CA ALA A 40 8.02 -1.10 7.68
C ALA A 40 8.62 -2.31 6.99
N LYS A 41 9.29 -3.15 7.78
CA LYS A 41 9.93 -4.36 7.27
C LYS A 41 8.91 -5.48 7.05
N ALA A 42 9.08 -6.24 5.98
CA ALA A 42 8.17 -7.33 5.66
C ALA A 42 6.80 -6.76 5.33
N SER A 43 6.12 -7.37 4.36
CA SER A 43 4.79 -6.90 3.97
C SER A 43 4.20 -7.70 2.82
N ASP A 44 2.88 -7.79 2.82
CA ASP A 44 2.11 -8.47 1.79
C ASP A 44 0.82 -7.68 1.60
N LEU A 45 -0.02 -8.04 0.65
CA LEU A 45 -1.26 -7.30 0.46
C LEU A 45 -2.48 -8.22 0.55
N VAL A 46 -3.62 -7.64 0.85
CA VAL A 46 -4.87 -8.38 0.97
C VAL A 46 -6.00 -7.62 0.30
N SER A 47 -6.77 -8.28 -0.55
CA SER A 47 -7.86 -7.62 -1.23
C SER A 47 -9.21 -7.99 -0.64
N ARG A 48 -9.88 -6.98 -0.09
CA ARG A 48 -11.19 -7.18 0.51
C ARG A 48 -12.23 -7.35 -0.59
N LYS A 49 -13.30 -8.08 -0.29
CA LYS A 49 -14.35 -8.32 -1.27
C LYS A 49 -14.85 -7.02 -1.88
N ASN A 50 -14.70 -5.92 -1.16
CA ASN A 50 -15.16 -4.62 -1.65
C ASN A 50 -14.02 -3.75 -2.21
N VAL A 51 -12.85 -3.83 -1.60
CA VAL A 51 -11.70 -3.02 -2.05
C VAL A 51 -10.39 -3.80 -1.98
N GLU A 52 -9.27 -3.09 -1.98
CA GLU A 52 -7.96 -3.71 -1.91
C GLU A 52 -7.02 -2.93 -1.00
N TYR A 53 -6.51 -3.60 0.04
CA TYR A 53 -5.61 -2.96 0.99
C TYR A 53 -4.35 -3.80 1.20
N LEU A 54 -3.28 -3.17 1.66
CA LEU A 54 -2.03 -3.87 1.92
C LEU A 54 -1.91 -4.17 3.40
N VAL A 55 -1.28 -5.29 3.73
CA VAL A 55 -1.09 -5.68 5.12
C VAL A 55 0.38 -6.02 5.35
N VAL A 56 1.05 -5.21 6.16
CA VAL A 56 2.46 -5.44 6.44
C VAL A 56 2.68 -5.96 7.85
N GLU A 57 3.60 -6.90 7.97
CA GLU A 57 3.92 -7.50 9.26
C GLU A 57 4.99 -6.69 9.98
N ALA A 58 4.62 -6.15 11.12
CA ALA A 58 5.51 -5.34 11.93
C ALA A 58 6.17 -6.16 13.04
N ALA A 59 7.34 -6.73 12.73
CA ALA A 59 8.08 -7.54 13.69
C ALA A 59 7.28 -8.76 14.11
N GLY A 60 6.33 -8.57 15.03
CA GLY A 60 5.52 -9.67 15.50
C GLY A 60 4.06 -9.30 15.62
N GLU A 61 3.64 -8.27 14.91
CA GLU A 61 2.25 -7.82 14.93
C GLU A 61 1.80 -7.36 13.54
N THR A 62 0.77 -8.02 13.03
CA THR A 62 0.23 -7.69 11.71
C THR A 62 -0.31 -6.26 11.68
N ARG A 63 -0.11 -5.59 10.56
CA ARG A 63 -0.58 -4.22 10.39
C ARG A 63 -1.24 -4.03 9.02
N GLU A 64 -2.03 -2.98 8.89
CA GLU A 64 -2.72 -2.71 7.63
C GLU A 64 -2.39 -1.31 7.12
N LEU A 65 -1.55 -1.23 6.10
CA LEU A 65 -1.15 0.05 5.52
C LEU A 65 -1.73 0.19 4.11
N ARG A 66 -2.55 1.23 3.92
CA ARG A 66 -3.22 1.51 2.64
C ARG A 66 -4.68 1.08 2.69
N LEU A 67 -5.07 0.49 3.82
CA LEU A 67 -6.44 0.03 4.04
C LEU A 67 -7.34 1.20 4.44
N ASP A 68 -6.72 2.31 4.80
CA ASP A 68 -7.46 3.50 5.21
C ASP A 68 -7.32 4.60 4.17
N LYS A 69 -6.78 4.26 2.99
CA LYS A 69 -6.60 5.25 1.94
C LYS A 69 -5.67 6.35 2.45
N ILE A 70 -4.41 5.98 2.71
CA ILE A 70 -3.44 6.91 3.24
C ILE A 70 -2.95 7.91 2.20
N THR A 71 -2.96 9.18 2.60
CA THR A 71 -2.54 10.28 1.75
C THR A 71 -1.50 9.84 0.75
N SER A 72 -0.32 9.42 1.21
CA SER A 72 0.73 9.03 0.27
C SER A 72 1.75 8.10 0.90
N PHE A 73 2.34 7.25 0.05
CA PHE A 73 3.36 6.31 0.49
C PHE A 73 4.49 6.33 -0.52
N SER A 74 5.70 6.60 -0.05
CA SER A 74 6.83 6.69 -0.94
C SER A 74 7.76 5.49 -0.86
N HIS A 75 8.42 5.26 -2.00
CA HIS A 75 9.37 4.17 -2.16
C HIS A 75 10.54 4.64 -3.03
N PRO A 76 11.78 4.60 -2.50
CA PRO A 76 12.97 5.03 -3.25
C PRO A 76 13.29 4.11 -4.43
N GLU A 77 12.31 3.96 -5.31
CA GLU A 77 12.46 3.12 -6.50
C GLU A 77 11.13 3.04 -7.24
N ILE A 78 10.05 2.85 -6.47
CA ILE A 78 8.71 2.76 -7.03
C ILE A 78 8.11 4.13 -7.27
N GLY A 79 8.02 4.92 -6.20
CA GLY A 79 7.44 6.25 -6.34
C GLY A 79 6.59 6.65 -5.15
N THR A 80 5.77 7.67 -5.34
CA THR A 80 4.85 8.15 -4.31
C THR A 80 3.41 8.04 -4.79
N VAL A 81 2.58 7.32 -4.06
CA VAL A 81 1.18 7.16 -4.43
C VAL A 81 0.26 7.69 -3.33
N VAL A 82 -0.67 8.56 -3.71
CA VAL A 82 -1.59 9.17 -2.76
C VAL A 82 -2.98 8.54 -2.83
N VAL A 83 -3.48 8.13 -1.67
CA VAL A 83 -4.81 7.54 -1.53
C VAL A 83 -5.36 6.99 -2.86
N SER A 84 -6.38 7.64 -3.42
CA SER A 84 -6.97 7.21 -4.68
C SER A 84 -7.16 8.40 -5.62
N GLU A 85 -8.26 8.43 -6.36
CA GLU A 85 -8.53 9.53 -7.28
C GLU A 85 -8.42 10.88 -6.57
N SER A 86 -8.10 11.92 -7.33
CA SER A 86 -7.96 13.26 -6.78
C SER A 86 -6.83 13.32 -5.75
N MET A 1 -23.88 0.13 -15.98
CA MET A 1 -23.99 0.52 -14.55
C MET A 1 -23.12 -0.38 -13.68
N SER A 2 -21.81 -0.22 -13.79
CA SER A 2 -20.86 -1.02 -13.01
C SER A 2 -20.61 -0.37 -11.65
N MET A 3 -20.70 -1.18 -10.60
CA MET A 3 -20.49 -0.69 -9.24
C MET A 3 -19.00 -0.58 -8.93
N ASN A 4 -18.20 -1.44 -9.54
CA ASN A 4 -16.77 -1.45 -9.34
C ASN A 4 -16.06 -2.38 -10.32
N ASP A 5 -15.27 -1.80 -11.21
CA ASP A 5 -14.54 -2.59 -12.20
C ASP A 5 -13.12 -2.90 -11.72
N THR A 6 -12.39 -1.85 -11.37
CA THR A 6 -11.02 -2.01 -10.89
C THR A 6 -10.69 -0.93 -9.86
N TYR A 7 -11.67 -0.60 -9.02
CA TYR A 7 -11.49 0.42 -8.00
C TYR A 7 -10.66 -0.12 -6.83
N GLN A 8 -9.38 0.25 -6.81
CA GLN A 8 -8.47 -0.18 -5.75
C GLN A 8 -8.36 0.88 -4.67
N PRO A 9 -8.29 0.47 -3.39
CA PRO A 9 -8.18 1.40 -2.27
C PRO A 9 -6.87 2.19 -2.31
N ILE A 10 -5.88 1.63 -3.02
CA ILE A 10 -4.58 2.27 -3.15
C ILE A 10 -3.58 1.34 -3.85
N ASN A 11 -3.21 0.24 -3.19
CA ASN A 11 -2.26 -0.70 -3.77
C ASN A 11 -2.93 -1.58 -4.83
N CYS A 12 -2.17 -1.93 -5.87
CA CYS A 12 -2.68 -2.76 -6.95
C CYS A 12 -2.30 -4.23 -6.74
N ASP A 13 -2.71 -5.08 -7.66
CA ASP A 13 -2.42 -6.51 -7.57
C ASP A 13 -0.94 -6.80 -7.83
N ASP A 14 -0.49 -6.46 -9.04
CA ASP A 14 0.90 -6.69 -9.42
C ASP A 14 1.82 -5.58 -8.94
N TYR A 15 1.47 -4.33 -9.26
CA TYR A 15 2.26 -3.18 -8.87
C TYR A 15 2.59 -3.20 -7.38
N ASP A 16 1.77 -3.92 -6.62
CA ASP A 16 2.00 -4.04 -5.19
C ASP A 16 3.09 -5.06 -4.89
N ASN A 17 3.16 -6.11 -5.70
CA ASN A 17 4.14 -7.17 -5.51
C ASN A 17 5.52 -6.82 -6.04
N LEU A 18 5.57 -6.17 -7.20
CA LEU A 18 6.85 -5.82 -7.81
C LEU A 18 7.38 -4.49 -7.30
N GLU A 19 6.50 -3.58 -6.95
CA GLU A 19 6.92 -2.28 -6.43
C GLU A 19 7.22 -2.36 -4.95
N LEU A 20 6.37 -3.06 -4.20
CA LEU A 20 6.60 -3.17 -2.77
C LEU A 20 7.77 -4.07 -2.46
N ALA A 21 7.93 -5.13 -3.24
CA ALA A 21 9.03 -6.05 -3.02
C ALA A 21 10.33 -5.51 -3.60
N CYS A 22 10.34 -5.26 -4.91
CA CYS A 22 11.54 -4.78 -5.58
C CYS A 22 11.76 -3.26 -5.44
N GLN A 23 10.68 -2.47 -5.49
CA GLN A 23 10.84 -1.03 -5.39
C GLN A 23 10.90 -0.56 -3.93
N HIS A 24 10.43 -1.39 -3.01
CA HIS A 24 10.45 -1.04 -1.60
C HIS A 24 11.42 -1.93 -0.82
N HIS A 25 11.58 -3.17 -1.27
CA HIS A 25 12.49 -4.10 -0.59
C HIS A 25 12.03 -4.36 0.84
N LEU A 26 10.73 -4.66 0.99
CA LEU A 26 10.14 -4.94 2.30
C LEU A 26 9.93 -3.67 3.13
N MET A 27 10.89 -2.74 3.08
CA MET A 27 10.78 -1.50 3.85
C MET A 27 10.10 -0.40 3.03
N LEU A 28 8.89 -0.03 3.43
CA LEU A 28 8.15 1.03 2.72
C LEU A 28 7.94 2.26 3.61
N THR A 29 7.76 3.42 2.99
CA THR A 29 7.55 4.67 3.74
C THR A 29 6.15 5.23 3.48
N LEU A 30 5.26 5.12 4.46
CA LEU A 30 3.89 5.60 4.27
C LEU A 30 3.71 7.00 4.83
N GLU A 31 2.97 7.84 4.09
CA GLU A 31 2.72 9.20 4.52
C GLU A 31 1.23 9.55 4.41
N LEU A 32 0.78 10.47 5.28
CA LEU A 32 -0.63 10.87 5.30
C LEU A 32 -0.77 12.39 5.13
N LYS A 33 -1.96 12.83 4.73
CA LYS A 33 -2.24 14.26 4.55
C LYS A 33 -1.63 15.08 5.69
N ASP A 34 -1.60 14.49 6.87
CA ASP A 34 -1.03 15.13 8.06
C ASP A 34 0.49 15.06 8.03
N GLY A 35 1.05 15.06 6.82
CA GLY A 35 2.48 14.99 6.66
C GLY A 35 3.09 13.83 7.41
N GLU A 36 2.32 12.76 7.58
CA GLU A 36 2.81 11.59 8.28
C GLU A 36 3.84 10.87 7.41
N LYS A 37 4.78 10.19 8.05
CA LYS A 37 5.82 9.46 7.34
C LYS A 37 6.40 8.35 8.22
N LEU A 38 6.26 7.10 7.78
CA LEU A 38 6.78 5.98 8.56
C LEU A 38 7.16 4.79 7.69
N GLN A 39 8.33 4.24 7.97
CA GLN A 39 8.80 3.08 7.23
C GLN A 39 8.52 1.80 8.00
N ALA A 40 8.26 0.72 7.28
CA ALA A 40 7.96 -0.55 7.92
C ALA A 40 8.75 -1.70 7.31
N LYS A 41 9.44 -2.45 8.18
CA LYS A 41 10.25 -3.58 7.77
C LYS A 41 9.37 -4.80 7.51
N ALA A 42 9.70 -5.58 6.48
CA ALA A 42 8.94 -6.77 6.14
C ALA A 42 7.49 -6.41 5.85
N SER A 43 6.85 -7.14 4.92
CA SER A 43 5.46 -6.86 4.58
C SER A 43 5.01 -7.62 3.33
N ASP A 44 3.72 -7.85 3.26
CA ASP A 44 3.07 -8.51 2.13
C ASP A 44 1.71 -7.85 1.95
N LEU A 45 0.95 -8.19 0.92
CA LEU A 45 -0.37 -7.59 0.76
C LEU A 45 -1.44 -8.67 0.65
N VAL A 46 -2.69 -8.31 0.94
CA VAL A 46 -3.80 -9.23 0.87
C VAL A 46 -4.97 -8.57 0.14
N SER A 47 -5.68 -9.31 -0.69
CA SER A 47 -6.81 -8.75 -1.43
C SER A 47 -8.12 -9.14 -0.79
N ARG A 48 -9.06 -8.19 -0.77
CA ARG A 48 -10.37 -8.43 -0.20
C ARG A 48 -11.39 -8.69 -1.30
N LYS A 49 -12.42 -9.46 -0.98
CA LYS A 49 -13.46 -9.78 -1.94
C LYS A 49 -13.98 -8.53 -2.62
N ASN A 50 -13.86 -7.39 -1.94
CA ASN A 50 -14.33 -6.12 -2.50
C ASN A 50 -13.19 -5.27 -3.05
N VAL A 51 -11.99 -5.38 -2.46
CA VAL A 51 -10.87 -4.57 -2.92
C VAL A 51 -9.51 -5.20 -2.58
N GLU A 52 -8.79 -4.63 -1.61
CA GLU A 52 -7.48 -5.15 -1.22
C GLU A 52 -6.73 -4.19 -0.30
N TYR A 53 -6.08 -4.76 0.71
CA TYR A 53 -5.30 -3.98 1.66
C TYR A 53 -3.92 -4.62 1.80
N LEU A 54 -2.93 -3.84 2.25
CA LEU A 54 -1.59 -4.36 2.46
C LEU A 54 -1.41 -4.72 3.92
N VAL A 55 -0.62 -5.75 4.20
CA VAL A 55 -0.36 -6.18 5.56
C VAL A 55 1.13 -6.34 5.79
N VAL A 56 1.70 -5.56 6.70
CA VAL A 56 3.12 -5.64 6.97
C VAL A 56 3.38 -6.31 8.30
N GLU A 57 4.33 -7.23 8.31
CA GLU A 57 4.68 -7.93 9.54
C GLU A 57 6.06 -7.51 10.01
N ALA A 58 6.10 -6.70 11.05
CA ALA A 58 7.36 -6.22 11.61
C ALA A 58 7.98 -7.27 12.53
N ALA A 59 8.47 -8.35 11.94
CA ALA A 59 9.10 -9.42 12.71
C ALA A 59 8.23 -9.85 13.89
N GLY A 60 6.92 -9.90 13.66
CA GLY A 60 6.01 -10.30 14.72
C GLY A 60 4.83 -9.36 14.89
N GLU A 61 4.99 -8.12 14.44
CA GLU A 61 3.93 -7.12 14.57
C GLU A 61 3.19 -6.95 13.24
N THR A 62 2.01 -7.53 13.15
CA THR A 62 1.19 -7.44 11.94
C THR A 62 0.40 -6.14 11.93
N ARG A 63 0.47 -5.41 10.82
CA ARG A 63 -0.23 -4.14 10.67
C ARG A 63 -1.02 -4.10 9.36
N GLU A 64 -1.95 -3.17 9.27
CA GLU A 64 -2.77 -3.02 8.07
C GLU A 64 -2.71 -1.60 7.53
N LEU A 65 -1.97 -1.42 6.44
CA LEU A 65 -1.84 -0.11 5.80
C LEU A 65 -2.24 -0.18 4.34
N ARG A 66 -3.05 0.80 3.90
CA ARG A 66 -3.54 0.88 2.52
C ARG A 66 -5.03 0.50 2.46
N LEU A 67 -5.55 -0.01 3.57
CA LEU A 67 -6.94 -0.42 3.66
C LEU A 67 -7.86 0.79 3.80
N ASP A 68 -7.28 1.95 4.09
CA ASP A 68 -8.06 3.17 4.23
C ASP A 68 -7.76 4.14 3.09
N LYS A 69 -7.07 3.67 2.05
CA LYS A 69 -6.72 4.53 0.95
C LYS A 69 -5.93 5.71 1.49
N ILE A 70 -4.69 5.42 1.88
CA ILE A 70 -3.83 6.42 2.47
C ILE A 70 -3.33 7.43 1.46
N THR A 71 -3.47 8.70 1.83
CA THR A 71 -3.08 9.81 0.96
C THR A 71 -1.93 9.46 0.05
N SER A 72 -0.76 9.16 0.62
CA SER A 72 0.39 8.84 -0.23
C SER A 72 1.43 7.99 0.49
N PHE A 73 2.16 7.20 -0.30
CA PHE A 73 3.22 6.35 0.22
C PHE A 73 4.38 6.38 -0.75
N SER A 74 5.58 6.65 -0.24
CA SER A 74 6.74 6.74 -1.09
C SER A 74 7.69 5.57 -0.96
N HIS A 75 8.39 5.33 -2.06
CA HIS A 75 9.37 4.26 -2.16
C HIS A 75 10.72 4.84 -2.61
N PRO A 76 11.79 4.59 -1.83
CA PRO A 76 13.13 5.10 -2.13
C PRO A 76 13.50 5.08 -3.61
N GLU A 77 13.58 6.27 -4.21
CA GLU A 77 13.96 6.42 -5.61
C GLU A 77 12.97 5.72 -6.55
N ILE A 78 11.72 5.59 -6.10
CA ILE A 78 10.70 4.94 -6.91
C ILE A 78 9.53 5.88 -7.18
N GLY A 79 8.83 6.29 -6.12
CA GLY A 79 7.71 7.19 -6.30
C GLY A 79 6.75 7.20 -5.13
N THR A 80 5.73 8.05 -5.22
CA THR A 80 4.69 8.16 -4.20
C THR A 80 3.32 7.86 -4.81
N VAL A 81 2.52 7.02 -4.18
CA VAL A 81 1.18 6.72 -4.70
C VAL A 81 0.11 7.21 -3.74
N VAL A 82 -0.79 8.03 -4.27
CA VAL A 82 -1.88 8.59 -3.48
C VAL A 82 -3.19 7.90 -3.79
N VAL A 83 -3.99 7.67 -2.75
CA VAL A 83 -5.32 7.03 -2.86
C VAL A 83 -5.63 6.61 -4.31
N SER A 84 -5.66 5.31 -4.55
CA SER A 84 -5.94 4.78 -5.88
C SER A 84 -7.20 5.44 -6.47
N GLU A 85 -8.31 5.33 -5.75
CA GLU A 85 -9.57 5.91 -6.19
C GLU A 85 -9.39 7.36 -6.62
N SER A 86 -10.28 7.82 -7.50
CA SER A 86 -10.21 9.19 -8.01
C SER A 86 -10.45 10.18 -6.88
N MET A 1 -21.68 -9.72 -7.28
CA MET A 1 -22.77 -8.87 -7.84
C MET A 1 -22.31 -7.41 -7.98
N SER A 2 -21.04 -7.24 -8.30
CA SER A 2 -20.48 -5.90 -8.45
C SER A 2 -20.47 -5.48 -9.92
N MET A 3 -20.22 -4.19 -10.17
CA MET A 3 -20.19 -3.66 -11.52
C MET A 3 -18.75 -3.57 -12.03
N ASN A 4 -17.89 -4.45 -11.55
CA ASN A 4 -16.49 -4.46 -11.96
C ASN A 4 -15.79 -3.18 -11.52
N ASP A 5 -16.03 -2.10 -12.24
CA ASP A 5 -15.40 -0.81 -11.92
C ASP A 5 -13.89 -0.92 -11.98
N THR A 6 -13.21 0.06 -11.39
CA THR A 6 -11.75 0.09 -11.37
C THR A 6 -11.24 1.05 -10.31
N TYR A 7 -11.88 1.03 -9.15
CA TYR A 7 -11.50 1.91 -8.05
C TYR A 7 -10.54 1.20 -7.09
N GLN A 8 -9.25 1.51 -7.21
CA GLN A 8 -8.24 0.90 -6.36
C GLN A 8 -7.90 1.81 -5.18
N PRO A 9 -7.86 1.27 -3.95
CA PRO A 9 -7.55 2.05 -2.75
C PRO A 9 -6.15 2.64 -2.79
N ILE A 10 -5.25 2.00 -3.53
CA ILE A 10 -3.88 2.47 -3.67
C ILE A 10 -3.04 1.48 -4.49
N ASN A 11 -2.87 0.27 -3.97
CA ASN A 11 -2.07 -0.75 -4.67
C ASN A 11 -2.92 -1.64 -5.56
N CYS A 12 -2.35 -2.05 -6.68
CA CYS A 12 -3.04 -2.92 -7.63
C CYS A 12 -2.66 -4.38 -7.43
N ASP A 13 -3.12 -5.24 -8.32
CA ASP A 13 -2.84 -6.67 -8.23
C ASP A 13 -1.37 -6.98 -8.52
N ASP A 14 -0.93 -6.62 -9.72
CA ASP A 14 0.47 -6.86 -10.12
C ASP A 14 1.39 -5.77 -9.58
N TYR A 15 0.97 -4.52 -9.75
CA TYR A 15 1.76 -3.38 -9.29
C TYR A 15 2.14 -3.54 -7.82
N ASP A 16 1.39 -4.36 -7.09
CA ASP A 16 1.67 -4.60 -5.70
C ASP A 16 2.83 -5.58 -5.52
N ASN A 17 2.95 -6.53 -6.44
CA ASN A 17 3.99 -7.54 -6.37
C ASN A 17 5.34 -7.03 -6.86
N LEU A 18 5.33 -6.28 -7.95
CA LEU A 18 6.57 -5.78 -8.53
C LEU A 18 7.03 -4.47 -7.89
N GLU A 19 6.07 -3.67 -7.44
CA GLU A 19 6.41 -2.39 -6.81
C GLU A 19 6.74 -2.61 -5.34
N LEU A 20 5.93 -3.39 -4.65
CA LEU A 20 6.19 -3.61 -3.24
C LEU A 20 7.42 -4.50 -3.04
N ALA A 21 7.64 -5.42 -3.95
CA ALA A 21 8.79 -6.31 -3.85
C ALA A 21 10.06 -5.62 -4.35
N CYS A 22 10.04 -5.19 -5.61
CA CYS A 22 11.21 -4.56 -6.20
C CYS A 22 11.34 -3.07 -5.84
N GLN A 23 10.23 -2.34 -5.80
CA GLN A 23 10.28 -0.91 -5.51
C GLN A 23 10.31 -0.64 -4.00
N HIS A 24 9.67 -1.50 -3.21
CA HIS A 24 9.63 -1.30 -1.77
C HIS A 24 10.52 -2.31 -1.04
N HIS A 25 10.71 -3.48 -1.64
CA HIS A 25 11.55 -4.53 -1.02
C HIS A 25 11.22 -4.71 0.45
N LEU A 26 9.93 -4.86 0.75
CA LEU A 26 9.45 -5.05 2.12
C LEU A 26 9.44 -3.74 2.92
N MET A 27 10.59 -3.09 3.02
CA MET A 27 10.70 -1.84 3.77
C MET A 27 10.10 -0.67 3.01
N LEU A 28 8.90 -0.26 3.40
CA LEU A 28 8.21 0.87 2.75
C LEU A 28 8.04 2.02 3.74
N THR A 29 7.87 3.24 3.20
CA THR A 29 7.69 4.43 4.05
C THR A 29 6.28 5.00 3.88
N LEU A 30 5.45 4.85 4.90
CA LEU A 30 4.07 5.33 4.84
C LEU A 30 3.95 6.74 5.38
N GLU A 31 3.30 7.62 4.60
CA GLU A 31 3.11 9.00 5.00
C GLU A 31 1.64 9.42 4.89
N LEU A 32 1.20 10.28 5.80
CA LEU A 32 -0.19 10.75 5.80
C LEU A 32 -0.25 12.28 5.76
N LYS A 33 -1.40 12.81 5.36
CA LYS A 33 -1.61 14.26 5.28
C LYS A 33 -1.00 14.97 6.49
N ASP A 34 -1.06 14.33 7.64
CA ASP A 34 -0.50 14.86 8.88
C ASP A 34 1.02 14.74 8.88
N GLY A 35 1.61 14.82 7.68
CA GLY A 35 3.04 14.71 7.56
C GLY A 35 3.60 13.47 8.22
N GLU A 36 2.80 12.41 8.28
CA GLU A 36 3.26 11.17 8.88
C GLU A 36 4.26 10.50 7.96
N LYS A 37 5.19 9.75 8.53
CA LYS A 37 6.21 9.06 7.74
C LYS A 37 6.88 7.96 8.56
N LEU A 38 6.73 6.71 8.12
CA LEU A 38 7.33 5.59 8.84
C LEU A 38 7.64 4.41 7.93
N GLN A 39 8.80 3.82 8.12
CA GLN A 39 9.20 2.66 7.34
C GLN A 39 8.78 1.38 8.04
N ALA A 40 8.45 0.35 7.27
CA ALA A 40 8.02 -0.92 7.84
C ALA A 40 8.69 -2.10 7.18
N LYS A 41 9.32 -2.94 7.99
CA LYS A 41 10.01 -4.14 7.53
C LYS A 41 9.02 -5.27 7.24
N ALA A 42 9.28 -6.02 6.18
CA ALA A 42 8.42 -7.14 5.81
C ALA A 42 7.02 -6.63 5.47
N SER A 43 6.39 -7.24 4.46
CA SER A 43 5.05 -6.81 4.06
C SER A 43 4.58 -7.50 2.79
N ASP A 44 3.26 -7.65 2.70
CA ASP A 44 2.60 -8.24 1.54
C ASP A 44 1.24 -7.57 1.44
N LEU A 45 0.44 -7.83 0.41
CA LEU A 45 -0.87 -7.20 0.31
C LEU A 45 -1.97 -8.25 0.18
N VAL A 46 -3.19 -7.87 0.53
CA VAL A 46 -4.34 -8.76 0.43
C VAL A 46 -5.49 -8.03 -0.26
N SER A 47 -6.24 -8.73 -1.10
CA SER A 47 -7.35 -8.11 -1.81
C SER A 47 -8.68 -8.34 -1.09
N ARG A 48 -9.52 -7.32 -1.08
CA ARG A 48 -10.83 -7.41 -0.44
C ARG A 48 -11.93 -7.53 -1.48
N LYS A 49 -13.02 -8.19 -1.11
CA LYS A 49 -14.14 -8.37 -2.02
C LYS A 49 -14.54 -7.06 -2.69
N ASN A 50 -14.28 -5.95 -2.01
CA ASN A 50 -14.64 -4.63 -2.55
C ASN A 50 -13.46 -3.96 -3.23
N VAL A 51 -12.23 -4.26 -2.79
CA VAL A 51 -11.05 -3.64 -3.39
C VAL A 51 -9.76 -4.36 -2.97
N GLU A 52 -9.05 -3.81 -1.99
CA GLU A 52 -7.80 -4.42 -1.52
C GLU A 52 -7.05 -3.54 -0.54
N TYR A 53 -6.41 -4.18 0.43
CA TYR A 53 -5.63 -3.49 1.45
C TYR A 53 -4.25 -4.13 1.55
N LEU A 54 -3.27 -3.41 2.06
CA LEU A 54 -1.92 -3.95 2.22
C LEU A 54 -1.75 -4.43 3.66
N VAL A 55 -0.97 -5.48 3.84
CA VAL A 55 -0.73 -6.01 5.17
C VAL A 55 0.75 -6.23 5.38
N VAL A 56 1.35 -5.47 6.30
CA VAL A 56 2.78 -5.61 6.57
C VAL A 56 3.03 -6.27 7.90
N GLU A 57 4.03 -7.13 7.93
CA GLU A 57 4.40 -7.83 9.16
C GLU A 57 5.42 -7.01 9.94
N ALA A 58 5.04 -6.60 11.14
CA ALA A 58 5.91 -5.82 12.00
C ALA A 58 6.66 -6.70 12.98
N ALA A 59 7.45 -7.63 12.44
CA ALA A 59 8.23 -8.55 13.28
C ALA A 59 7.31 -9.34 14.21
N GLY A 60 6.10 -9.61 13.76
CA GLY A 60 5.16 -10.34 14.57
C GLY A 60 3.81 -9.67 14.65
N GLU A 61 3.80 -8.35 14.49
CA GLU A 61 2.56 -7.57 14.56
C GLU A 61 2.16 -7.08 13.16
N THR A 62 1.17 -7.73 12.57
CA THR A 62 0.69 -7.35 11.24
C THR A 62 -0.06 -6.03 11.31
N ARG A 63 0.06 -5.23 10.24
CA ARG A 63 -0.62 -3.94 10.18
C ARG A 63 -1.42 -3.81 8.89
N GLU A 64 -2.41 -2.92 8.88
CA GLU A 64 -3.25 -2.72 7.72
C GLU A 64 -3.13 -1.29 7.19
N LEU A 65 -2.41 -1.13 6.08
CA LEU A 65 -2.22 0.18 5.46
C LEU A 65 -2.60 0.14 3.99
N ARG A 66 -3.36 1.15 3.56
CA ARG A 66 -3.85 1.28 2.17
C ARG A 66 -5.34 0.99 2.09
N LEU A 67 -5.90 0.46 3.18
CA LEU A 67 -7.32 0.13 3.24
C LEU A 67 -8.18 1.37 3.43
N ASP A 68 -7.54 2.48 3.79
CA ASP A 68 -8.26 3.73 3.99
C ASP A 68 -7.86 4.75 2.93
N LYS A 69 -7.15 4.30 1.90
CA LYS A 69 -6.70 5.20 0.86
C LYS A 69 -5.84 6.27 1.50
N ILE A 70 -4.65 5.87 1.92
CA ILE A 70 -3.73 6.76 2.62
C ILE A 70 -3.10 7.81 1.70
N THR A 71 -3.12 9.05 2.16
CA THR A 71 -2.58 10.18 1.42
C THR A 71 -1.48 9.72 0.47
N SER A 72 -0.36 9.25 1.02
CA SER A 72 0.73 8.81 0.16
C SER A 72 1.75 7.95 0.89
N PHE A 73 2.53 7.21 0.11
CA PHE A 73 3.57 6.36 0.65
C PHE A 73 4.80 6.48 -0.22
N SER A 74 5.91 6.85 0.38
CA SER A 74 7.13 7.04 -0.36
C SER A 74 8.11 5.89 -0.18
N HIS A 75 8.92 5.70 -1.21
CA HIS A 75 9.93 4.66 -1.22
C HIS A 75 11.28 5.24 -1.63
N PRO A 76 12.34 4.98 -0.84
CA PRO A 76 13.69 5.50 -1.09
C PRO A 76 14.11 5.42 -2.56
N GLU A 77 14.33 6.58 -3.17
CA GLU A 77 14.77 6.67 -4.56
C GLU A 77 13.77 6.04 -5.52
N ILE A 78 12.50 5.98 -5.12
CA ILE A 78 11.47 5.42 -5.97
C ILE A 78 10.36 6.43 -6.26
N GLY A 79 9.62 6.82 -5.22
CA GLY A 79 8.55 7.78 -5.44
C GLY A 79 7.51 7.78 -4.34
N THR A 80 6.52 8.67 -4.47
CA THR A 80 5.43 8.77 -3.52
C THR A 80 4.09 8.54 -4.23
N VAL A 81 3.23 7.68 -3.70
CA VAL A 81 1.93 7.42 -4.31
C VAL A 81 0.82 7.83 -3.37
N VAL A 82 -0.08 8.68 -3.87
CA VAL A 82 -1.21 9.15 -3.10
C VAL A 82 -2.49 8.46 -3.56
N VAL A 83 -3.36 8.11 -2.59
CA VAL A 83 -4.64 7.46 -2.88
C VAL A 83 -4.82 7.15 -4.37
N SER A 84 -4.75 5.86 -4.71
CA SER A 84 -4.89 5.41 -6.10
C SER A 84 -5.89 6.27 -6.87
N GLU A 85 -7.07 6.47 -6.30
CA GLU A 85 -8.12 7.27 -6.93
C GLU A 85 -7.56 8.61 -7.41
N SER A 86 -8.17 9.15 -8.46
CA SER A 86 -7.73 10.43 -9.02
C SER A 86 -6.29 10.34 -9.53
N MET A 1 -25.50 5.75 -11.68
CA MET A 1 -24.67 6.27 -12.81
C MET A 1 -23.91 5.14 -13.49
N SER A 2 -22.86 4.65 -12.83
CA SER A 2 -22.05 3.57 -13.38
C SER A 2 -21.97 2.40 -12.39
N MET A 3 -21.42 1.29 -12.86
CA MET A 3 -21.27 0.10 -12.03
C MET A 3 -19.97 -0.63 -12.34
N ASN A 4 -18.99 -0.47 -11.46
CA ASN A 4 -17.70 -1.10 -11.62
C ASN A 4 -17.64 -2.43 -10.88
N ASP A 5 -16.78 -3.34 -11.35
CA ASP A 5 -16.63 -4.65 -10.72
C ASP A 5 -15.20 -4.88 -10.27
N THR A 6 -14.53 -3.80 -9.86
CA THR A 6 -13.15 -3.89 -9.41
C THR A 6 -12.70 -2.54 -8.84
N TYR A 7 -12.92 -2.35 -7.54
CA TYR A 7 -12.56 -1.11 -6.87
C TYR A 7 -11.17 -1.21 -6.23
N GLN A 8 -10.19 -0.59 -6.87
CA GLN A 8 -8.82 -0.59 -6.37
C GLN A 8 -8.67 0.39 -5.20
N PRO A 9 -8.50 -0.12 -3.97
CA PRO A 9 -8.37 0.72 -2.77
C PRO A 9 -7.02 1.43 -2.72
N ILE A 10 -5.99 0.81 -3.28
CA ILE A 10 -4.67 1.40 -3.30
C ILE A 10 -3.69 0.54 -4.10
N ASN A 11 -3.30 -0.63 -3.58
CA ASN A 11 -2.38 -1.50 -4.29
C ASN A 11 -3.14 -2.49 -5.19
N CYS A 12 -2.55 -2.78 -6.34
CA CYS A 12 -3.16 -3.70 -7.31
C CYS A 12 -2.67 -5.12 -7.09
N ASP A 13 -3.06 -6.03 -7.99
CA ASP A 13 -2.66 -7.43 -7.89
C ASP A 13 -1.17 -7.61 -8.20
N ASP A 14 -0.79 -7.30 -9.45
CA ASP A 14 0.60 -7.43 -9.87
C ASP A 14 1.42 -6.21 -9.46
N TYR A 15 0.89 -5.03 -9.76
CA TYR A 15 1.56 -3.77 -9.43
C TYR A 15 1.99 -3.74 -7.96
N ASP A 16 1.33 -4.56 -7.14
CA ASP A 16 1.64 -4.63 -5.72
C ASP A 16 2.90 -5.47 -5.49
N ASN A 17 3.09 -6.46 -6.33
CA ASN A 17 4.24 -7.36 -6.21
C ASN A 17 5.54 -6.66 -6.62
N LEU A 18 5.45 -5.86 -7.67
CA LEU A 18 6.61 -5.15 -8.18
C LEU A 18 6.87 -3.87 -7.41
N GLU A 19 5.81 -3.20 -6.96
CA GLU A 19 5.97 -1.97 -6.21
C GLU A 19 6.53 -2.25 -4.83
N LEU A 20 5.99 -3.25 -4.16
CA LEU A 20 6.45 -3.55 -2.82
C LEU A 20 7.86 -4.13 -2.81
N ALA A 21 8.20 -4.91 -3.83
CA ALA A 21 9.53 -5.50 -3.88
C ALA A 21 10.54 -4.49 -4.42
N CYS A 22 10.30 -3.98 -5.62
CA CYS A 22 11.23 -3.05 -6.25
C CYS A 22 11.05 -1.60 -5.76
N GLN A 23 9.81 -1.18 -5.56
CA GLN A 23 9.56 0.20 -5.14
C GLN A 23 9.65 0.36 -3.62
N HIS A 24 9.26 -0.67 -2.87
CA HIS A 24 9.31 -0.59 -1.41
C HIS A 24 10.46 -1.42 -0.84
N HIS A 25 10.82 -2.50 -1.53
CA HIS A 25 11.90 -3.38 -1.08
C HIS A 25 11.80 -3.66 0.42
N LEU A 26 10.61 -4.09 0.84
CA LEU A 26 10.35 -4.39 2.25
C LEU A 26 10.11 -3.13 3.07
N MET A 27 11.07 -2.21 3.05
CA MET A 27 10.96 -0.98 3.80
C MET A 27 10.24 0.12 3.00
N LEU A 28 9.00 0.40 3.38
CA LEU A 28 8.21 1.43 2.70
C LEU A 28 7.93 2.61 3.62
N THR A 29 7.66 3.77 3.04
CA THR A 29 7.35 4.97 3.83
C THR A 29 5.91 5.41 3.59
N LEU A 30 5.05 5.21 4.58
CA LEU A 30 3.63 5.57 4.42
C LEU A 30 3.36 6.98 4.92
N GLU A 31 2.57 7.73 4.14
CA GLU A 31 2.23 9.10 4.51
C GLU A 31 0.73 9.35 4.39
N LEU A 32 0.21 10.25 5.24
CA LEU A 32 -1.21 10.57 5.26
C LEU A 32 -1.44 12.08 5.08
N LYS A 33 -2.66 12.44 4.68
CA LYS A 33 -3.02 13.86 4.50
C LYS A 33 -2.45 14.71 5.63
N ASP A 34 -2.42 14.15 6.82
CA ASP A 34 -1.89 14.82 8.00
C ASP A 34 -0.37 14.83 7.98
N GLY A 35 0.19 14.87 6.78
CA GLY A 35 1.63 14.89 6.62
C GLY A 35 2.32 13.78 7.39
N GLU A 36 1.62 12.66 7.58
CA GLU A 36 2.20 11.53 8.29
C GLU A 36 3.26 10.88 7.41
N LYS A 37 4.25 10.26 8.05
CA LYS A 37 5.32 9.60 7.32
C LYS A 37 6.02 8.57 8.21
N LEU A 38 6.00 7.30 7.80
CA LEU A 38 6.64 6.26 8.59
C LEU A 38 7.09 5.08 7.74
N GLN A 39 8.32 4.64 7.98
CA GLN A 39 8.88 3.52 7.26
C GLN A 39 8.64 2.21 8.03
N ALA A 40 8.43 1.12 7.30
CA ALA A 40 8.17 -0.17 7.94
C ALA A 40 8.98 -1.28 7.27
N LYS A 41 9.67 -2.06 8.10
CA LYS A 41 10.49 -3.17 7.62
C LYS A 41 9.62 -4.38 7.30
N ALA A 42 9.95 -5.09 6.23
CA ALA A 42 9.22 -6.27 5.82
C ALA A 42 7.77 -5.93 5.54
N SER A 43 7.17 -6.56 4.53
CA SER A 43 5.78 -6.29 4.19
C SER A 43 5.33 -7.03 2.94
N ASP A 44 4.05 -7.36 2.91
CA ASP A 44 3.42 -8.06 1.79
C ASP A 44 1.99 -7.54 1.72
N LEU A 45 1.21 -7.92 0.72
CA LEU A 45 -0.17 -7.45 0.65
C LEU A 45 -1.15 -8.62 0.58
N VAL A 46 -2.39 -8.38 0.97
CA VAL A 46 -3.43 -9.40 0.94
C VAL A 46 -4.69 -8.82 0.31
N SER A 47 -5.37 -9.61 -0.51
CA SER A 47 -6.59 -9.12 -1.17
C SER A 47 -7.83 -9.67 -0.47
N ARG A 48 -8.84 -8.83 -0.35
CA ARG A 48 -10.08 -9.23 0.29
C ARG A 48 -11.12 -9.58 -0.77
N LYS A 49 -12.03 -10.48 -0.42
CA LYS A 49 -13.08 -10.89 -1.35
C LYS A 49 -13.75 -9.69 -2.00
N ASN A 50 -13.74 -8.56 -1.31
CA ASN A 50 -14.37 -7.34 -1.83
C ASN A 50 -13.34 -6.35 -2.38
N VAL A 51 -12.13 -6.31 -1.82
CA VAL A 51 -11.12 -5.36 -2.28
C VAL A 51 -9.69 -5.88 -2.04
N GLU A 52 -8.96 -5.22 -1.13
CA GLU A 52 -7.58 -5.62 -0.83
C GLU A 52 -6.87 -4.61 0.06
N TYR A 53 -6.09 -5.13 1.01
CA TYR A 53 -5.32 -4.31 1.93
C TYR A 53 -3.88 -4.81 1.96
N LEU A 54 -2.94 -3.95 2.38
CA LEU A 54 -1.55 -4.34 2.49
C LEU A 54 -1.27 -4.73 3.94
N VAL A 55 -0.37 -5.67 4.14
CA VAL A 55 -0.03 -6.11 5.49
C VAL A 55 1.48 -6.18 5.66
N VAL A 56 2.02 -5.38 6.56
CA VAL A 56 3.45 -5.38 6.81
C VAL A 56 3.79 -6.00 8.15
N GLU A 57 4.85 -6.79 8.16
CA GLU A 57 5.28 -7.45 9.38
C GLU A 57 6.25 -6.57 10.17
N ALA A 58 5.83 -6.19 11.37
CA ALA A 58 6.65 -5.34 12.22
C ALA A 58 7.33 -6.16 13.32
N ALA A 59 8.56 -6.57 13.05
CA ALA A 59 9.33 -7.37 14.01
C ALA A 59 8.67 -8.71 14.27
N GLY A 60 7.63 -8.70 15.09
CA GLY A 60 6.91 -9.93 15.40
C GLY A 60 5.41 -9.73 15.47
N GLU A 61 4.92 -8.67 14.84
CA GLU A 61 3.49 -8.37 14.84
C GLU A 61 3.05 -7.86 13.48
N THR A 62 2.03 -8.50 12.91
CA THR A 62 1.50 -8.11 11.61
C THR A 62 0.67 -6.84 11.72
N ARG A 63 0.72 -6.01 10.69
CA ARG A 63 -0.04 -4.76 10.67
C ARG A 63 -0.81 -4.62 9.36
N GLU A 64 -1.90 -3.87 9.39
CA GLU A 64 -2.72 -3.66 8.20
C GLU A 64 -2.71 -2.19 7.77
N LEU A 65 -1.96 -1.91 6.71
CA LEU A 65 -1.84 -0.55 6.19
C LEU A 65 -2.21 -0.50 4.71
N ARG A 66 -3.03 0.50 4.34
CA ARG A 66 -3.51 0.70 2.97
C ARG A 66 -4.93 0.14 2.80
N LEU A 67 -5.41 -0.50 3.85
CA LEU A 67 -6.77 -1.06 3.89
C LEU A 67 -7.81 0.05 3.99
N ASP A 68 -7.33 1.26 4.29
CA ASP A 68 -8.21 2.41 4.42
C ASP A 68 -7.97 3.39 3.28
N LYS A 69 -7.25 2.94 2.25
CA LYS A 69 -6.94 3.79 1.13
C LYS A 69 -6.17 5.00 1.62
N ILE A 70 -4.93 4.77 1.98
CA ILE A 70 -4.09 5.82 2.53
C ILE A 70 -3.65 6.81 1.46
N THR A 71 -3.88 8.08 1.77
CA THR A 71 -3.55 9.19 0.88
C THR A 71 -2.38 8.87 -0.01
N SER A 72 -1.20 8.63 0.56
CA SER A 72 -0.03 8.35 -0.25
C SER A 72 1.07 7.64 0.51
N PHE A 73 1.91 6.93 -0.24
CA PHE A 73 3.03 6.22 0.33
C PHE A 73 4.23 6.42 -0.58
N SER A 74 5.31 6.95 -0.02
CA SER A 74 6.49 7.22 -0.79
C SER A 74 7.60 6.21 -0.54
N HIS A 75 8.43 6.05 -1.55
CA HIS A 75 9.56 5.13 -1.49
C HIS A 75 10.81 5.85 -2.00
N PRO A 76 11.89 5.87 -1.18
CA PRO A 76 13.14 6.54 -1.54
C PRO A 76 13.59 6.30 -2.97
N GLU A 77 13.66 7.39 -3.75
CA GLU A 77 14.10 7.34 -5.13
C GLU A 77 13.15 6.52 -6.00
N ILE A 78 11.90 6.36 -5.57
CA ILE A 78 10.92 5.60 -6.33
C ILE A 78 9.73 6.46 -6.70
N GLY A 79 8.93 6.84 -5.69
CA GLY A 79 7.77 7.65 -5.97
C GLY A 79 6.74 7.64 -4.86
N THR A 80 5.66 8.41 -5.05
CA THR A 80 4.56 8.47 -4.09
C THR A 80 3.24 8.04 -4.75
N VAL A 81 2.53 7.10 -4.13
CA VAL A 81 1.27 6.63 -4.69
C VAL A 81 0.11 6.98 -3.75
N VAL A 82 -0.90 7.65 -4.29
CA VAL A 82 -2.07 8.05 -3.50
C VAL A 82 -3.27 7.17 -3.80
N VAL A 83 -3.89 6.65 -2.73
CA VAL A 83 -5.09 5.81 -2.85
C VAL A 83 -5.22 5.15 -4.23
N SER A 84 -4.21 4.36 -4.58
CA SER A 84 -4.18 3.64 -5.86
C SER A 84 -3.79 4.54 -7.04
N GLU A 85 -4.13 5.82 -6.96
CA GLU A 85 -3.80 6.75 -8.04
C GLU A 85 -2.30 7.03 -8.08
N SER A 86 -1.80 7.38 -9.27
CA SER A 86 -0.38 7.67 -9.44
C SER A 86 0.46 6.46 -9.12
N MET A 1 -17.25 -6.54 -6.15
CA MET A 1 -17.62 -5.88 -7.43
C MET A 1 -16.54 -6.08 -8.48
N SER A 2 -16.80 -6.98 -9.43
CA SER A 2 -15.84 -7.28 -10.49
C SER A 2 -16.48 -7.09 -11.86
N MET A 3 -15.70 -6.59 -12.82
CA MET A 3 -16.20 -6.37 -14.17
C MET A 3 -17.36 -5.38 -14.17
N ASN A 4 -17.26 -4.36 -13.32
CA ASN A 4 -18.29 -3.34 -13.22
C ASN A 4 -17.74 -2.05 -12.63
N ASP A 5 -16.97 -2.19 -11.55
CA ASP A 5 -16.37 -1.03 -10.88
C ASP A 5 -14.86 -1.03 -11.08
N THR A 6 -14.18 -0.11 -10.39
CA THR A 6 -12.74 0.00 -10.48
C THR A 6 -12.20 0.98 -9.45
N TYR A 7 -12.79 0.96 -8.25
CA TYR A 7 -12.37 1.84 -7.17
C TYR A 7 -11.28 1.20 -6.33
N GLN A 8 -10.03 1.61 -6.56
CA GLN A 8 -8.89 1.08 -5.83
C GLN A 8 -8.61 1.91 -4.59
N PRO A 9 -8.65 1.29 -3.39
CA PRO A 9 -8.39 2.00 -2.13
C PRO A 9 -7.09 2.78 -2.18
N ILE A 10 -6.13 2.29 -2.95
CA ILE A 10 -4.85 2.96 -3.09
C ILE A 10 -3.90 2.17 -4.01
N ASN A 11 -3.50 0.97 -3.60
CA ASN A 11 -2.59 0.15 -4.42
C ASN A 11 -3.36 -0.60 -5.51
N CYS A 12 -2.71 -0.77 -6.65
CA CYS A 12 -3.30 -1.47 -7.79
C CYS A 12 -3.07 -2.98 -7.70
N ASP A 13 -3.57 -3.72 -8.67
CA ASP A 13 -3.42 -5.16 -8.69
C ASP A 13 -1.98 -5.59 -8.99
N ASP A 14 -1.48 -5.20 -10.16
CA ASP A 14 -0.12 -5.54 -10.57
C ASP A 14 0.90 -4.57 -9.97
N TYR A 15 0.65 -3.28 -10.15
CA TYR A 15 1.55 -2.24 -9.65
C TYR A 15 1.86 -2.46 -8.17
N ASP A 16 1.00 -3.18 -7.49
CA ASP A 16 1.21 -3.47 -6.07
C ASP A 16 2.23 -4.59 -5.88
N ASN A 17 2.26 -5.53 -6.81
CA ASN A 17 3.18 -6.66 -6.72
C ASN A 17 4.58 -6.34 -7.19
N LEU A 18 4.69 -5.56 -8.27
CA LEU A 18 5.98 -5.21 -8.82
C LEU A 18 6.58 -3.98 -8.15
N GLU A 19 5.73 -3.08 -7.70
CA GLU A 19 6.21 -1.87 -7.04
C GLU A 19 6.47 -2.14 -5.57
N LEU A 20 5.56 -2.84 -4.91
CA LEU A 20 5.74 -3.12 -3.50
C LEU A 20 6.86 -4.14 -3.29
N ALA A 21 7.01 -5.08 -4.21
CA ALA A 21 8.05 -6.08 -4.08
C ALA A 21 9.39 -5.55 -4.55
N CYS A 22 9.45 -5.10 -5.81
CA CYS A 22 10.69 -4.61 -6.38
C CYS A 22 10.99 -3.16 -6.02
N GLN A 23 9.97 -2.31 -5.97
CA GLN A 23 10.19 -0.90 -5.64
C GLN A 23 10.24 -0.65 -4.14
N HIS A 24 9.49 -1.44 -3.37
CA HIS A 24 9.47 -1.28 -1.92
C HIS A 24 10.34 -2.32 -1.24
N HIS A 25 10.47 -3.51 -1.85
CA HIS A 25 11.30 -4.57 -1.27
C HIS A 25 10.90 -4.83 0.18
N LEU A 26 9.60 -5.03 0.40
CA LEU A 26 9.05 -5.29 1.73
C LEU A 26 9.02 -4.03 2.60
N MET A 27 10.13 -3.29 2.62
CA MET A 27 10.21 -2.07 3.43
C MET A 27 9.60 -0.87 2.71
N LEU A 28 8.45 -0.41 3.19
CA LEU A 28 7.76 0.73 2.59
C LEU A 28 7.67 1.90 3.56
N THR A 29 7.53 3.11 3.03
CA THR A 29 7.42 4.31 3.86
C THR A 29 6.03 4.93 3.70
N LEU A 30 5.19 4.82 4.73
CA LEU A 30 3.83 5.36 4.64
C LEU A 30 3.75 6.76 5.24
N GLU A 31 3.06 7.65 4.54
CA GLU A 31 2.90 9.02 4.99
C GLU A 31 1.44 9.47 4.93
N LEU A 32 1.06 10.36 5.83
CA LEU A 32 -0.31 10.87 5.89
C LEU A 32 -0.36 12.38 5.81
N LYS A 33 -1.52 12.93 5.45
CA LYS A 33 -1.72 14.37 5.35
C LYS A 33 -1.06 15.09 6.52
N ASP A 34 -1.09 14.45 7.69
CA ASP A 34 -0.49 14.99 8.90
C ASP A 34 1.03 14.83 8.86
N GLY A 35 1.58 14.88 7.66
CA GLY A 35 3.02 14.75 7.48
C GLY A 35 3.57 13.50 8.15
N GLU A 36 2.76 12.46 8.26
CA GLU A 36 3.20 11.22 8.87
C GLU A 36 4.16 10.51 7.92
N LYS A 37 5.10 9.74 8.49
CA LYS A 37 6.08 9.01 7.68
C LYS A 37 6.68 7.86 8.48
N LEU A 38 6.49 6.63 8.01
CA LEU A 38 7.02 5.48 8.72
C LEU A 38 7.31 4.30 7.79
N GLN A 39 8.48 3.70 7.97
CA GLN A 39 8.87 2.56 7.17
C GLN A 39 8.50 1.27 7.88
N ALA A 40 8.15 0.24 7.13
CA ALA A 40 7.77 -1.05 7.71
C ALA A 40 8.47 -2.20 7.01
N LYS A 41 9.13 -3.05 7.81
CA LYS A 41 9.85 -4.20 7.30
C LYS A 41 8.90 -5.35 6.98
N ALA A 42 9.17 -6.06 5.90
CA ALA A 42 8.33 -7.19 5.49
C ALA A 42 6.92 -6.73 5.20
N SER A 43 6.24 -7.39 4.27
CA SER A 43 4.88 -7.02 3.91
C SER A 43 4.33 -7.88 2.78
N ASP A 44 3.01 -8.02 2.77
CA ASP A 44 2.28 -8.77 1.76
C ASP A 44 0.94 -8.07 1.58
N LEU A 45 0.09 -8.49 0.66
CA LEU A 45 -1.20 -7.81 0.49
C LEU A 45 -2.38 -8.76 0.64
N VAL A 46 -3.53 -8.19 0.99
CA VAL A 46 -4.76 -8.95 1.15
C VAL A 46 -5.92 -8.21 0.47
N SER A 47 -6.70 -8.91 -0.33
CA SER A 47 -7.82 -8.29 -1.03
C SER A 47 -9.12 -8.49 -0.28
N ARG A 48 -9.74 -7.38 0.10
CA ARG A 48 -11.01 -7.41 0.81
C ARG A 48 -12.15 -7.74 -0.16
N LYS A 49 -13.19 -8.38 0.35
CA LYS A 49 -14.33 -8.73 -0.47
C LYS A 49 -14.92 -7.51 -1.17
N ASN A 50 -14.67 -6.33 -0.60
CA ASN A 50 -15.19 -5.09 -1.15
C ASN A 50 -14.12 -4.31 -1.92
N VAL A 51 -12.86 -4.53 -1.59
CA VAL A 51 -11.77 -3.81 -2.26
C VAL A 51 -10.42 -4.54 -2.08
N GLU A 52 -9.32 -3.80 -2.00
CA GLU A 52 -8.00 -4.41 -1.83
C GLU A 52 -7.13 -3.58 -0.89
N TYR A 53 -6.54 -4.24 0.10
CA TYR A 53 -5.67 -3.56 1.06
C TYR A 53 -4.34 -4.29 1.21
N LEU A 54 -3.31 -3.58 1.67
CA LEU A 54 -2.00 -4.16 1.88
C LEU A 54 -1.85 -4.50 3.36
N VAL A 55 -1.12 -5.57 3.63
CA VAL A 55 -0.88 -5.98 5.01
C VAL A 55 0.60 -6.22 5.24
N VAL A 56 1.22 -5.37 6.04
CA VAL A 56 2.64 -5.52 6.31
C VAL A 56 2.88 -6.01 7.73
N GLU A 57 3.88 -6.87 7.86
CA GLU A 57 4.21 -7.45 9.16
C GLU A 57 5.21 -6.56 9.89
N ALA A 58 4.79 -6.06 11.04
CA ALA A 58 5.62 -5.19 11.87
C ALA A 58 6.38 -6.00 12.93
N ALA A 59 7.57 -6.46 12.57
CA ALA A 59 8.40 -7.23 13.49
C ALA A 59 7.72 -8.55 13.85
N GLY A 60 6.79 -8.49 14.81
CA GLY A 60 6.08 -9.67 15.23
C GLY A 60 4.59 -9.45 15.36
N GLU A 61 4.10 -8.34 14.82
CA GLU A 61 2.68 -8.01 14.88
C GLU A 61 2.16 -7.60 13.51
N THR A 62 1.10 -8.26 13.05
CA THR A 62 0.50 -7.97 11.75
C THR A 62 -0.04 -6.55 11.71
N ARG A 63 0.24 -5.86 10.60
CA ARG A 63 -0.22 -4.49 10.41
C ARG A 63 -1.01 -4.37 9.12
N GLU A 64 -1.96 -3.42 9.08
CA GLU A 64 -2.78 -3.20 7.90
C GLU A 64 -2.65 -1.76 7.43
N LEU A 65 -1.90 -1.56 6.34
CA LEU A 65 -1.69 -0.23 5.78
C LEU A 65 -2.11 -0.17 4.32
N ARG A 66 -2.84 0.89 3.96
CA ARG A 66 -3.36 1.09 2.60
C ARG A 66 -4.83 0.72 2.52
N LEU A 67 -5.34 0.14 3.60
CA LEU A 67 -6.74 -0.27 3.70
C LEU A 67 -7.65 0.93 3.94
N ASP A 68 -7.06 2.07 4.29
CA ASP A 68 -7.81 3.28 4.55
C ASP A 68 -7.56 4.33 3.48
N LYS A 69 -6.91 3.93 2.39
CA LYS A 69 -6.60 4.87 1.33
C LYS A 69 -5.80 6.00 1.92
N ILE A 70 -4.55 5.69 2.26
CA ILE A 70 -3.67 6.64 2.89
C ILE A 70 -3.19 7.71 1.92
N THR A 71 -3.29 8.97 2.36
CA THR A 71 -2.90 10.12 1.55
C THR A 71 -1.76 9.80 0.61
N SER A 72 -0.59 9.47 1.15
CA SER A 72 0.55 9.18 0.27
C SER A 72 1.58 8.28 0.94
N PHE A 73 2.26 7.48 0.13
CA PHE A 73 3.28 6.58 0.63
C PHE A 73 4.46 6.59 -0.33
N SER A 74 5.63 6.84 0.20
CA SER A 74 6.82 6.90 -0.63
C SER A 74 7.72 5.70 -0.48
N HIS A 75 8.43 5.42 -1.56
CA HIS A 75 9.36 4.31 -1.62
C HIS A 75 10.74 4.82 -2.08
N PRO A 76 11.81 4.42 -1.36
CA PRO A 76 13.19 4.86 -1.67
C PRO A 76 13.51 4.88 -3.16
N GLU A 77 13.70 6.08 -3.69
CA GLU A 77 14.05 6.27 -5.09
C GLU A 77 12.99 5.70 -6.03
N ILE A 78 11.74 5.66 -5.58
CA ILE A 78 10.65 5.16 -6.40
C ILE A 78 9.57 6.20 -6.62
N GLY A 79 8.97 6.65 -5.54
CA GLY A 79 7.92 7.65 -5.67
C GLY A 79 6.93 7.65 -4.52
N THR A 80 5.94 8.53 -4.60
CA THR A 80 4.87 8.62 -3.61
C THR A 80 3.52 8.40 -4.27
N VAL A 81 2.68 7.54 -3.70
CA VAL A 81 1.35 7.30 -4.26
C VAL A 81 0.28 7.76 -3.28
N VAL A 82 -0.62 8.61 -3.77
CA VAL A 82 -1.70 9.13 -2.95
C VAL A 82 -3.03 8.47 -3.28
N VAL A 83 -3.81 8.16 -2.24
CA VAL A 83 -5.14 7.54 -2.40
C VAL A 83 -5.40 7.09 -3.84
N SER A 84 -4.80 5.96 -4.20
CA SER A 84 -4.94 5.39 -5.54
C SER A 84 -3.87 5.92 -6.48
N GLU A 85 -3.03 5.03 -6.99
CA GLU A 85 -1.96 5.41 -7.91
C GLU A 85 -2.51 6.17 -9.11
N SER A 86 -1.85 7.27 -9.47
CA SER A 86 -2.28 8.09 -10.59
C SER A 86 -3.69 8.62 -10.37
N MET A 1 -11.58 -9.59 -7.44
CA MET A 1 -13.01 -9.70 -7.04
C MET A 1 -13.73 -8.36 -7.17
N SER A 2 -13.71 -7.80 -8.37
CA SER A 2 -14.37 -6.52 -8.62
C SER A 2 -15.81 -6.73 -9.09
N MET A 3 -16.69 -5.82 -8.71
CA MET A 3 -18.09 -5.90 -9.10
C MET A 3 -18.27 -5.56 -10.59
N ASN A 4 -18.22 -4.27 -10.90
CA ASN A 4 -18.37 -3.81 -12.27
C ASN A 4 -17.52 -2.57 -12.53
N ASP A 5 -17.60 -1.60 -11.64
CA ASP A 5 -16.83 -0.37 -11.76
C ASP A 5 -15.33 -0.66 -11.71
N THR A 6 -14.54 0.36 -11.42
CA THR A 6 -13.09 0.21 -11.34
C THR A 6 -12.51 1.18 -10.32
N TYR A 7 -13.01 1.14 -9.10
CA TYR A 7 -12.55 2.02 -8.04
C TYR A 7 -11.32 1.45 -7.35
N GLN A 8 -10.19 2.11 -7.54
CA GLN A 8 -8.93 1.67 -6.95
C GLN A 8 -8.79 2.20 -5.52
N PRO A 9 -8.69 1.31 -4.52
CA PRO A 9 -8.54 1.70 -3.12
C PRO A 9 -7.28 2.52 -2.90
N ILE A 10 -6.21 2.10 -3.57
CA ILE A 10 -4.93 2.78 -3.49
C ILE A 10 -3.91 2.08 -4.39
N ASN A 11 -3.50 0.85 -4.04
CA ASN A 11 -2.54 0.11 -4.85
C ASN A 11 -3.26 -0.77 -5.87
N CYS A 12 -2.80 -0.72 -7.12
CA CYS A 12 -3.42 -1.51 -8.19
C CYS A 12 -3.23 -3.00 -7.95
N ASP A 13 -3.78 -3.82 -8.85
CA ASP A 13 -3.69 -5.28 -8.73
C ASP A 13 -2.26 -5.76 -9.00
N ASP A 14 -1.75 -5.47 -10.19
CA ASP A 14 -0.41 -5.87 -10.57
C ASP A 14 0.64 -4.90 -10.05
N TYR A 15 0.44 -3.61 -10.33
CA TYR A 15 1.36 -2.56 -9.89
C TYR A 15 1.65 -2.66 -8.40
N ASP A 16 0.75 -3.31 -7.66
CA ASP A 16 0.93 -3.50 -6.23
C ASP A 16 1.92 -4.62 -5.95
N ASN A 17 1.94 -5.61 -6.83
CA ASN A 17 2.83 -6.76 -6.67
C ASN A 17 4.26 -6.41 -7.03
N LEU A 18 4.42 -5.59 -8.06
CA LEU A 18 5.74 -5.20 -8.54
C LEU A 18 6.27 -4.01 -7.75
N GLU A 19 5.40 -3.07 -7.40
CA GLU A 19 5.83 -1.90 -6.64
C GLU A 19 6.24 -2.29 -5.24
N LEU A 20 5.45 -3.15 -4.62
CA LEU A 20 5.73 -3.54 -3.26
C LEU A 20 6.94 -4.45 -3.16
N ALA A 21 7.13 -5.32 -4.14
CA ALA A 21 8.27 -6.22 -4.11
C ALA A 21 9.53 -5.51 -4.60
N CYS A 22 9.50 -5.01 -5.82
CA CYS A 22 10.66 -4.35 -6.39
C CYS A 22 10.81 -2.89 -5.96
N GLN A 23 9.70 -2.15 -5.86
CA GLN A 23 9.78 -0.74 -5.48
C GLN A 23 9.83 -0.55 -3.97
N HIS A 24 9.34 -1.52 -3.21
CA HIS A 24 9.34 -1.42 -1.75
C HIS A 24 10.24 -2.46 -1.11
N HIS A 25 10.36 -3.63 -1.75
CA HIS A 25 11.19 -4.71 -1.22
C HIS A 25 10.86 -5.00 0.24
N LEU A 26 9.56 -5.20 0.51
CA LEU A 26 9.07 -5.50 1.86
C LEU A 26 9.05 -4.25 2.75
N MET A 27 10.18 -3.54 2.82
CA MET A 27 10.27 -2.34 3.66
C MET A 27 9.75 -1.11 2.94
N LEU A 28 8.59 -0.62 3.36
CA LEU A 28 7.97 0.57 2.75
C LEU A 28 7.84 1.71 3.77
N THR A 29 7.75 2.94 3.27
CA THR A 29 7.59 4.11 4.13
C THR A 29 6.23 4.76 3.89
N LEU A 30 5.31 4.63 4.83
CA LEU A 30 3.97 5.21 4.64
C LEU A 30 3.82 6.56 5.31
N GLU A 31 3.44 7.56 4.51
CA GLU A 31 3.23 8.92 5.00
C GLU A 31 1.75 9.29 4.95
N LEU A 32 1.29 10.08 5.92
CA LEU A 32 -0.10 10.50 5.98
C LEU A 32 -0.24 12.01 6.04
N LYS A 33 -1.42 12.51 5.68
CA LYS A 33 -1.73 13.94 5.70
C LYS A 33 -0.97 14.69 6.79
N ASP A 34 -0.81 14.05 7.94
CA ASP A 34 -0.10 14.65 9.05
C ASP A 34 1.41 14.50 8.87
N GLY A 35 1.84 14.46 7.60
CA GLY A 35 3.26 14.32 7.31
C GLY A 35 3.91 13.26 8.15
N GLU A 36 3.16 12.21 8.48
CA GLU A 36 3.69 11.14 9.31
C GLU A 36 4.07 9.92 8.48
N LYS A 37 5.37 9.75 8.23
CA LYS A 37 5.87 8.63 7.45
C LYS A 37 6.52 7.58 8.36
N LEU A 38 6.32 6.31 8.03
CA LEU A 38 6.89 5.23 8.81
C LEU A 38 7.26 4.03 7.95
N GLN A 39 8.42 3.45 8.21
CA GLN A 39 8.87 2.30 7.46
C GLN A 39 8.46 1.01 8.16
N ALA A 40 8.15 -0.02 7.36
CA ALA A 40 7.73 -1.29 7.92
C ALA A 40 8.37 -2.47 7.19
N LYS A 41 8.95 -3.37 7.97
CA LYS A 41 9.61 -4.56 7.44
C LYS A 41 8.59 -5.63 7.07
N ALA A 42 8.83 -6.34 5.97
CA ALA A 42 7.93 -7.39 5.52
C ALA A 42 6.58 -6.80 5.15
N SER A 43 5.94 -7.36 4.13
CA SER A 43 4.66 -6.86 3.69
C SER A 43 4.11 -7.63 2.49
N ASP A 44 2.79 -7.74 2.44
CA ASP A 44 2.07 -8.41 1.37
C ASP A 44 0.74 -7.70 1.23
N LEU A 45 -0.10 -8.02 0.26
CA LEU A 45 -1.38 -7.33 0.12
C LEU A 45 -2.56 -8.32 0.16
N VAL A 46 -3.72 -7.80 0.52
CA VAL A 46 -4.94 -8.59 0.59
C VAL A 46 -6.10 -7.83 -0.04
N SER A 47 -6.88 -8.48 -0.89
CA SER A 47 -8.00 -7.82 -1.54
C SER A 47 -9.32 -8.21 -0.89
N ARG A 48 -10.01 -7.20 -0.36
CA ARG A 48 -11.30 -7.42 0.28
C ARG A 48 -12.37 -7.67 -0.78
N LYS A 49 -13.40 -8.42 -0.40
CA LYS A 49 -14.47 -8.73 -1.33
C LYS A 49 -15.06 -7.46 -1.94
N ASN A 50 -14.95 -6.35 -1.20
CA ASN A 50 -15.49 -5.07 -1.67
C ASN A 50 -14.40 -4.15 -2.23
N VAL A 51 -13.17 -4.27 -1.72
CA VAL A 51 -12.09 -3.40 -2.17
C VAL A 51 -10.73 -4.12 -2.13
N GLU A 52 -9.65 -3.36 -1.94
CA GLU A 52 -8.31 -3.92 -1.88
C GLU A 52 -7.42 -3.14 -0.94
N TYR A 53 -6.80 -3.84 0.00
CA TYR A 53 -5.91 -3.21 0.98
C TYR A 53 -4.58 -3.96 1.08
N LEU A 54 -3.54 -3.27 1.55
CA LEU A 54 -2.23 -3.87 1.74
C LEU A 54 -2.09 -4.26 3.21
N VAL A 55 -1.37 -5.34 3.48
CA VAL A 55 -1.17 -5.79 4.85
C VAL A 55 0.29 -6.08 5.11
N VAL A 56 0.93 -5.23 5.91
CA VAL A 56 2.34 -5.42 6.21
C VAL A 56 2.53 -5.84 7.66
N GLU A 57 3.51 -6.70 7.88
CA GLU A 57 3.80 -7.20 9.22
C GLU A 57 4.78 -6.26 9.93
N ALA A 58 4.34 -5.70 11.04
CA ALA A 58 5.15 -4.78 11.82
C ALA A 58 6.17 -5.52 12.67
N ALA A 59 7.32 -5.82 12.06
CA ALA A 59 8.39 -6.53 12.76
C ALA A 59 7.94 -7.92 13.21
N GLY A 60 7.21 -7.96 14.32
CA GLY A 60 6.72 -9.23 14.84
C GLY A 60 5.20 -9.24 15.00
N GLU A 61 4.54 -8.27 14.40
CA GLU A 61 3.09 -8.17 14.47
C GLU A 61 2.48 -7.99 13.08
N THR A 62 1.17 -7.79 13.03
CA THR A 62 0.47 -7.59 11.77
C THR A 62 -0.22 -6.24 11.72
N ARG A 63 -0.08 -5.53 10.61
CA ARG A 63 -0.69 -4.22 10.45
C ARG A 63 -1.34 -4.09 9.07
N GLU A 64 -2.37 -3.26 8.98
CA GLU A 64 -3.07 -3.04 7.73
C GLU A 64 -2.93 -1.59 7.28
N LEU A 65 -2.19 -1.37 6.20
CA LEU A 65 -1.97 -0.03 5.68
C LEU A 65 -2.40 0.06 4.21
N ARG A 66 -3.14 1.12 3.89
CA ARG A 66 -3.67 1.38 2.54
C ARG A 66 -5.13 0.95 2.44
N LEU A 67 -5.62 0.31 3.49
CA LEU A 67 -7.02 -0.13 3.55
C LEU A 67 -7.94 1.06 3.77
N ASP A 68 -7.35 2.18 4.17
CA ASP A 68 -8.09 3.41 4.41
C ASP A 68 -7.72 4.46 3.37
N LYS A 69 -7.02 4.05 2.32
CA LYS A 69 -6.60 4.98 1.29
C LYS A 69 -5.73 6.06 1.93
N ILE A 70 -4.54 5.66 2.34
CA ILE A 70 -3.63 6.56 3.01
C ILE A 70 -3.02 7.57 2.04
N THR A 71 -3.07 8.83 2.45
CA THR A 71 -2.56 9.94 1.66
C THR A 71 -1.48 9.50 0.69
N SER A 72 -0.37 8.98 1.19
CA SER A 72 0.70 8.57 0.31
C SER A 72 1.71 7.64 0.97
N PHE A 73 2.38 6.85 0.15
CA PHE A 73 3.41 5.94 0.61
C PHE A 73 4.63 6.11 -0.26
N SER A 74 5.76 6.45 0.35
CA SER A 74 6.97 6.69 -0.38
C SER A 74 8.04 5.65 -0.11
N HIS A 75 8.92 5.50 -1.10
CA HIS A 75 10.05 4.59 -1.02
C HIS A 75 11.29 5.27 -1.58
N PRO A 76 12.40 5.24 -0.83
CA PRO A 76 13.66 5.87 -1.23
C PRO A 76 14.04 5.63 -2.68
N GLU A 77 14.19 6.72 -3.43
CA GLU A 77 14.58 6.65 -4.83
C GLU A 77 13.54 5.94 -5.68
N ILE A 78 12.29 5.89 -5.22
CA ILE A 78 11.23 5.24 -5.99
C ILE A 78 10.12 6.23 -6.29
N GLY A 79 9.37 6.63 -5.28
CA GLY A 79 8.28 7.56 -5.50
C GLY A 79 7.25 7.58 -4.38
N THR A 80 6.26 8.47 -4.52
CA THR A 80 5.16 8.57 -3.56
C THR A 80 3.80 8.32 -4.23
N VAL A 81 3.00 7.42 -3.66
CA VAL A 81 1.69 7.12 -4.21
C VAL A 81 0.60 7.55 -3.24
N VAL A 82 -0.30 8.43 -3.70
CA VAL A 82 -1.38 8.93 -2.89
C VAL A 82 -2.72 8.30 -3.28
N VAL A 83 -3.58 8.09 -2.27
CA VAL A 83 -4.92 7.51 -2.47
C VAL A 83 -5.17 7.14 -3.93
N SER A 84 -4.77 5.94 -4.29
CA SER A 84 -4.92 5.43 -5.65
C SER A 84 -4.06 6.24 -6.63
N GLU A 85 -3.17 5.55 -7.33
CA GLU A 85 -2.29 6.20 -8.30
C GLU A 85 -3.09 6.78 -9.46
N SER A 86 -2.68 7.97 -9.91
CA SER A 86 -3.36 8.64 -11.01
C SER A 86 -4.82 8.94 -10.66
N MET A 1 -20.35 3.04 -17.78
CA MET A 1 -21.53 2.14 -17.70
C MET A 1 -21.10 0.70 -17.44
N SER A 2 -20.17 0.52 -16.52
CA SER A 2 -19.67 -0.81 -16.17
C SER A 2 -20.15 -1.23 -14.79
N MET A 3 -20.70 -2.44 -14.70
CA MET A 3 -21.19 -2.97 -13.44
C MET A 3 -20.07 -3.61 -12.63
N ASN A 4 -19.08 -4.14 -13.33
CA ASN A 4 -17.94 -4.78 -12.68
C ASN A 4 -17.22 -3.80 -11.75
N ASP A 5 -16.45 -4.35 -10.81
CA ASP A 5 -15.72 -3.52 -9.86
C ASP A 5 -14.33 -3.18 -10.39
N THR A 6 -13.79 -2.06 -9.95
CA THR A 6 -12.46 -1.62 -10.37
C THR A 6 -11.97 -0.46 -9.50
N TYR A 7 -12.43 -0.44 -8.26
CA TYR A 7 -12.05 0.62 -7.33
C TYR A 7 -11.17 0.05 -6.22
N GLN A 8 -9.86 0.29 -6.32
CA GLN A 8 -8.92 -0.20 -5.32
C GLN A 8 -8.62 0.87 -4.28
N PRO A 9 -8.49 0.49 -2.99
CA PRO A 9 -8.20 1.43 -1.90
C PRO A 9 -6.83 2.09 -2.03
N ILE A 10 -5.91 1.42 -2.73
CA ILE A 10 -4.56 1.96 -2.94
C ILE A 10 -3.78 1.08 -3.93
N ASN A 11 -3.48 -0.15 -3.51
CA ASN A 11 -2.72 -1.08 -4.34
C ASN A 11 -3.63 -1.93 -5.22
N CYS A 12 -3.15 -2.25 -6.42
CA CYS A 12 -3.90 -3.06 -7.37
C CYS A 12 -3.55 -4.54 -7.24
N ASP A 13 -4.05 -5.35 -8.16
CA ASP A 13 -3.79 -6.79 -8.14
C ASP A 13 -2.32 -7.10 -8.50
N ASP A 14 -1.95 -6.78 -9.73
CA ASP A 14 -0.58 -7.03 -10.20
C ASP A 14 0.35 -5.89 -9.78
N TYR A 15 -0.10 -4.66 -10.03
CA TYR A 15 0.67 -3.47 -9.69
C TYR A 15 1.14 -3.51 -8.24
N ASP A 16 0.45 -4.28 -7.41
CA ASP A 16 0.80 -4.42 -6.00
C ASP A 16 1.99 -5.34 -5.82
N ASN A 17 2.10 -6.32 -6.70
CA ASN A 17 3.19 -7.29 -6.63
C ASN A 17 4.50 -6.67 -7.08
N LEU A 18 4.44 -5.84 -8.10
CA LEU A 18 5.61 -5.21 -8.65
C LEU A 18 5.98 -3.95 -7.87
N GLU A 19 4.98 -3.21 -7.40
CA GLU A 19 5.24 -2.00 -6.64
C GLU A 19 5.83 -2.31 -5.28
N LEU A 20 5.24 -3.27 -4.59
CA LEU A 20 5.70 -3.60 -3.27
C LEU A 20 7.05 -4.30 -3.29
N ALA A 21 7.29 -5.13 -4.29
CA ALA A 21 8.56 -5.83 -4.38
C ALA A 21 9.64 -4.93 -4.96
N CYS A 22 9.41 -4.43 -6.17
CA CYS A 22 10.40 -3.59 -6.85
C CYS A 22 10.34 -2.12 -6.40
N GLN A 23 9.14 -1.58 -6.18
CA GLN A 23 9.03 -0.17 -5.78
C GLN A 23 9.20 0.03 -4.29
N HIS A 24 8.89 -0.98 -3.49
CA HIS A 24 9.02 -0.87 -2.04
C HIS A 24 10.05 -1.84 -1.48
N HIS A 25 10.21 -2.99 -2.14
CA HIS A 25 11.18 -3.99 -1.69
C HIS A 25 11.03 -4.27 -0.19
N LEU A 26 9.80 -4.60 0.21
CA LEU A 26 9.51 -4.90 1.61
C LEU A 26 9.49 -3.63 2.46
N MET A 27 10.62 -2.97 2.55
CA MET A 27 10.73 -1.73 3.34
C MET A 27 10.04 -0.57 2.65
N LEU A 28 8.87 -0.20 3.15
CA LEU A 28 8.11 0.91 2.56
C LEU A 28 7.97 2.07 3.54
N THR A 29 7.74 3.27 3.02
CA THR A 29 7.56 4.45 3.86
C THR A 29 6.14 4.99 3.72
N LEU A 30 5.31 4.83 4.73
CA LEU A 30 3.92 5.28 4.65
C LEU A 30 3.76 6.68 5.24
N GLU A 31 3.23 7.58 4.42
CA GLU A 31 3.00 8.97 4.81
C GLU A 31 1.52 9.33 4.78
N LEU A 32 1.09 10.15 5.73
CA LEU A 32 -0.31 10.55 5.81
C LEU A 32 -0.45 12.06 5.83
N LYS A 33 -1.65 12.54 5.47
CA LYS A 33 -1.98 13.98 5.43
C LYS A 33 -1.22 14.77 6.50
N ASP A 34 -1.05 14.17 7.67
CA ASP A 34 -0.34 14.81 8.77
C ASP A 34 1.16 14.71 8.56
N GLY A 35 1.58 14.67 7.30
CA GLY A 35 2.99 14.56 6.97
C GLY A 35 3.69 13.54 7.83
N GLU A 36 2.98 12.48 8.21
CA GLU A 36 3.57 11.45 9.06
C GLU A 36 3.97 10.23 8.25
N LYS A 37 5.27 10.10 7.97
CA LYS A 37 5.77 8.97 7.19
C LYS A 37 6.58 8.02 8.06
N LEU A 38 6.49 6.72 7.76
CA LEU A 38 7.21 5.71 8.52
C LEU A 38 7.57 4.50 7.66
N GLN A 39 8.80 4.03 7.80
CA GLN A 39 9.25 2.88 7.03
C GLN A 39 9.00 1.59 7.82
N ALA A 40 8.74 0.51 7.09
CA ALA A 40 8.47 -0.78 7.72
C ALA A 40 9.17 -1.92 7.01
N LYS A 41 9.90 -2.73 7.80
CA LYS A 41 10.64 -3.86 7.29
C LYS A 41 9.72 -5.06 7.04
N ALA A 42 9.98 -5.79 5.95
CA ALA A 42 9.18 -6.96 5.61
C ALA A 42 7.73 -6.57 5.41
N SER A 43 7.04 -7.29 4.53
CA SER A 43 5.64 -7.01 4.25
C SER A 43 5.09 -7.86 3.12
N ASP A 44 3.78 -8.04 3.15
CA ASP A 44 3.05 -8.78 2.12
C ASP A 44 1.68 -8.12 2.03
N LEU A 45 0.82 -8.51 1.09
CA LEU A 45 -0.50 -7.90 1.00
C LEU A 45 -1.61 -8.94 1.09
N VAL A 46 -2.80 -8.48 1.47
CA VAL A 46 -3.98 -9.33 1.58
C VAL A 46 -5.15 -8.65 0.91
N SER A 47 -5.89 -9.38 0.08
CA SER A 47 -7.03 -8.79 -0.63
C SER A 47 -8.35 -9.25 -0.05
N ARG A 48 -9.15 -8.28 0.39
CA ARG A 48 -10.46 -8.56 0.95
C ARG A 48 -11.46 -8.82 -0.17
N LYS A 49 -12.48 -9.62 0.12
CA LYS A 49 -13.49 -9.96 -0.87
C LYS A 49 -14.10 -8.70 -1.50
N ASN A 50 -14.02 -7.57 -0.79
CA ASN A 50 -14.58 -6.32 -1.29
C ASN A 50 -13.51 -5.38 -1.85
N VAL A 51 -12.30 -5.43 -1.30
CA VAL A 51 -11.23 -4.57 -1.76
C VAL A 51 -9.85 -5.22 -1.56
N GLU A 52 -8.80 -4.41 -1.39
CA GLU A 52 -7.46 -4.94 -1.20
C GLU A 52 -6.64 -4.08 -0.23
N TYR A 53 -6.08 -4.72 0.79
CA TYR A 53 -5.26 -4.02 1.78
C TYR A 53 -3.86 -4.63 1.85
N LEU A 54 -2.89 -3.86 2.34
CA LEU A 54 -1.52 -4.33 2.48
C LEU A 54 -1.26 -4.67 3.95
N VAL A 55 -0.44 -5.67 4.20
CA VAL A 55 -0.11 -6.05 5.56
C VAL A 55 1.39 -6.22 5.75
N VAL A 56 2.02 -5.29 6.48
CA VAL A 56 3.44 -5.37 6.72
C VAL A 56 3.75 -5.71 8.17
N GLU A 57 4.79 -6.50 8.36
CA GLU A 57 5.21 -6.90 9.69
C GLU A 57 6.18 -5.87 10.26
N ALA A 58 5.79 -5.25 11.37
CA ALA A 58 6.63 -4.24 12.01
C ALA A 58 6.58 -4.33 13.53
N ALA A 59 7.71 -4.04 14.16
CA ALA A 59 7.82 -4.07 15.62
C ALA A 59 7.80 -5.49 16.17
N GLY A 60 7.66 -6.48 15.28
CA GLY A 60 7.62 -7.86 15.72
C GLY A 60 6.22 -8.43 15.66
N GLU A 61 5.33 -7.76 14.92
CA GLU A 61 3.95 -8.20 14.78
C GLU A 61 3.36 -7.74 13.45
N THR A 62 2.27 -8.38 13.05
CA THR A 62 1.60 -8.03 11.81
C THR A 62 0.90 -6.68 11.91
N ARG A 63 1.02 -5.88 10.86
CA ARG A 63 0.40 -4.56 10.82
C ARG A 63 -0.43 -4.38 9.55
N GLU A 64 -1.53 -3.64 9.65
CA GLU A 64 -2.39 -3.41 8.50
C GLU A 64 -2.32 -1.95 8.02
N LEU A 65 -1.61 -1.74 6.92
CA LEU A 65 -1.45 -0.42 6.35
C LEU A 65 -1.88 -0.41 4.88
N ARG A 66 -2.65 0.61 4.49
CA ARG A 66 -3.18 0.75 3.12
C ARG A 66 -4.65 0.35 3.08
N LEU A 67 -5.12 -0.21 4.20
CA LEU A 67 -6.50 -0.65 4.34
C LEU A 67 -7.45 0.51 4.60
N ASP A 68 -6.88 1.67 4.94
CA ASP A 68 -7.68 2.85 5.22
C ASP A 68 -7.48 3.89 4.13
N LYS A 69 -6.84 3.49 3.02
CA LYS A 69 -6.58 4.40 1.93
C LYS A 69 -5.75 5.56 2.46
N ILE A 70 -4.49 5.25 2.78
CA ILE A 70 -3.59 6.25 3.33
C ILE A 70 -3.13 7.25 2.28
N THR A 71 -3.26 8.53 2.62
CA THR A 71 -2.90 9.63 1.73
C THR A 71 -1.85 9.21 0.72
N SER A 72 -0.67 8.82 1.18
CA SER A 72 0.38 8.44 0.25
C SER A 72 1.48 7.60 0.90
N PHE A 73 2.17 6.83 0.08
CA PHE A 73 3.27 6.01 0.54
C PHE A 73 4.46 6.19 -0.39
N SER A 74 5.58 6.61 0.15
CA SER A 74 6.76 6.87 -0.64
C SER A 74 7.88 5.87 -0.39
N HIS A 75 8.70 5.71 -1.41
CA HIS A 75 9.86 4.83 -1.34
C HIS A 75 11.08 5.54 -1.95
N PRO A 76 12.23 5.50 -1.23
CA PRO A 76 13.47 6.15 -1.67
C PRO A 76 13.77 5.97 -3.15
N GLU A 77 13.85 7.10 -3.86
CA GLU A 77 14.18 7.09 -5.28
C GLU A 77 13.14 6.33 -6.10
N ILE A 78 11.91 6.24 -5.59
CA ILE A 78 10.85 5.53 -6.30
C ILE A 78 9.67 6.46 -6.58
N GLY A 79 8.98 6.87 -5.52
CA GLY A 79 7.84 7.76 -5.72
C GLY A 79 6.85 7.73 -4.57
N THR A 80 5.79 8.54 -4.68
CA THR A 80 4.73 8.60 -3.68
C THR A 80 3.38 8.23 -4.30
N VAL A 81 2.64 7.32 -3.68
CA VAL A 81 1.34 6.93 -4.19
C VAL A 81 0.24 7.30 -3.20
N VAL A 82 -0.75 8.06 -3.66
CA VAL A 82 -1.86 8.49 -2.83
C VAL A 82 -3.12 7.69 -3.13
N VAL A 83 -3.84 7.31 -2.06
CA VAL A 83 -5.09 6.54 -2.16
C VAL A 83 -5.30 5.98 -3.58
N SER A 84 -4.39 5.10 -3.98
CA SER A 84 -4.43 4.48 -5.30
C SER A 84 -4.36 5.53 -6.40
N GLU A 85 -3.83 5.14 -7.55
CA GLU A 85 -3.70 6.06 -8.69
C GLU A 85 -5.07 6.44 -9.23
N SER A 86 -5.31 7.74 -9.37
CA SER A 86 -6.58 8.24 -9.89
C SER A 86 -7.74 7.78 -9.01
N MET A 1 -25.28 -8.08 -8.15
CA MET A 1 -24.91 -6.71 -8.61
C MET A 1 -23.41 -6.49 -8.49
N SER A 2 -22.83 -6.92 -7.38
CA SER A 2 -21.39 -6.77 -7.15
C SER A 2 -20.65 -8.08 -7.43
N MET A 3 -19.36 -7.98 -7.71
CA MET A 3 -18.55 -9.16 -7.99
C MET A 3 -17.09 -8.77 -8.22
N ASN A 4 -16.88 -7.65 -8.91
CA ASN A 4 -15.53 -7.18 -9.20
C ASN A 4 -15.23 -5.88 -8.46
N ASP A 5 -14.07 -5.31 -8.73
CA ASP A 5 -13.65 -4.07 -8.09
C ASP A 5 -14.27 -2.86 -8.79
N THR A 6 -13.62 -1.71 -8.68
CA THR A 6 -14.11 -0.48 -9.30
C THR A 6 -13.02 0.56 -9.28
N TYR A 7 -12.73 1.07 -8.09
CA TYR A 7 -11.70 2.08 -7.93
C TYR A 7 -10.51 1.51 -7.14
N GLN A 8 -9.30 1.89 -7.56
CA GLN A 8 -8.08 1.42 -6.90
C GLN A 8 -7.76 2.29 -5.68
N PRO A 9 -7.86 1.73 -4.46
CA PRO A 9 -7.58 2.46 -3.23
C PRO A 9 -6.17 3.04 -3.20
N ILE A 10 -5.22 2.35 -3.84
CA ILE A 10 -3.84 2.81 -3.91
C ILE A 10 -3.03 1.93 -4.86
N ASN A 11 -2.84 0.66 -4.51
CA ASN A 11 -2.07 -0.26 -5.33
C ASN A 11 -2.98 -1.07 -6.26
N CYS A 12 -2.47 -1.37 -7.46
CA CYS A 12 -3.23 -2.13 -8.45
C CYS A 12 -2.90 -3.63 -8.36
N ASP A 13 -3.31 -4.38 -9.37
CA ASP A 13 -3.07 -5.83 -9.41
C ASP A 13 -1.59 -6.15 -9.63
N ASP A 14 -1.08 -5.76 -10.80
CA ASP A 14 0.32 -6.01 -11.14
C ASP A 14 1.23 -4.94 -10.55
N TYR A 15 0.86 -3.68 -10.75
CA TYR A 15 1.64 -2.56 -10.25
C TYR A 15 1.96 -2.73 -8.77
N ASP A 16 1.15 -3.54 -8.07
CA ASP A 16 1.34 -3.80 -6.65
C ASP A 16 2.47 -4.79 -6.42
N ASN A 17 2.64 -5.71 -7.36
CA ASN A 17 3.67 -6.73 -7.24
C ASN A 17 5.06 -6.16 -7.50
N LEU A 18 5.14 -5.25 -8.46
CA LEU A 18 6.40 -4.64 -8.82
C LEU A 18 6.74 -3.47 -7.91
N GLU A 19 5.73 -2.73 -7.48
CA GLU A 19 5.96 -1.60 -6.60
C GLU A 19 6.40 -2.06 -5.22
N LEU A 20 5.70 -3.03 -4.67
CA LEU A 20 6.02 -3.49 -3.34
C LEU A 20 7.34 -4.24 -3.29
N ALA A 21 7.66 -5.01 -4.33
CA ALA A 21 8.90 -5.75 -4.34
C ALA A 21 10.08 -4.86 -4.73
N CYS A 22 9.99 -4.25 -5.91
CA CYS A 22 11.08 -3.40 -6.40
C CYS A 22 11.03 -1.98 -5.83
N GLN A 23 9.85 -1.41 -5.70
CA GLN A 23 9.73 -0.04 -5.19
C GLN A 23 9.75 0.03 -3.66
N HIS A 24 9.22 -0.99 -3.01
CA HIS A 24 9.17 -1.01 -1.55
C HIS A 24 10.18 -2.00 -0.96
N HIS A 25 10.44 -3.07 -1.69
CA HIS A 25 11.39 -4.09 -1.23
C HIS A 25 11.11 -4.46 0.23
N LEU A 26 9.85 -4.80 0.51
CA LEU A 26 9.43 -5.19 1.85
C LEU A 26 9.30 -3.97 2.78
N MET A 27 10.37 -3.20 2.89
CA MET A 27 10.36 -2.01 3.75
C MET A 27 9.81 -0.79 3.04
N LEU A 28 8.60 -0.38 3.43
CA LEU A 28 7.95 0.78 2.82
C LEU A 28 7.76 1.90 3.84
N THR A 29 7.63 3.13 3.36
CA THR A 29 7.42 4.29 4.25
C THR A 29 6.05 4.90 4.01
N LEU A 30 5.14 4.77 4.99
CA LEU A 30 3.79 5.31 4.82
C LEU A 30 3.66 6.69 5.45
N GLU A 31 3.08 7.62 4.70
CA GLU A 31 2.90 8.99 5.18
C GLU A 31 1.46 9.49 4.97
N LEU A 32 1.03 10.39 5.84
CA LEU A 32 -0.33 10.95 5.77
C LEU A 32 -0.30 12.48 5.71
N LYS A 33 -1.40 13.07 5.24
CA LYS A 33 -1.52 14.52 5.16
C LYS A 33 -0.94 15.19 6.41
N ASP A 34 -1.11 14.53 7.55
CA ASP A 34 -0.61 15.03 8.82
C ASP A 34 0.91 14.83 8.92
N GLY A 35 1.58 14.88 7.77
CA GLY A 35 3.01 14.71 7.74
C GLY A 35 3.47 13.44 8.43
N GLU A 36 2.61 12.42 8.46
CA GLU A 36 2.98 11.16 9.08
C GLU A 36 3.98 10.44 8.19
N LYS A 37 4.84 9.62 8.81
CA LYS A 37 5.86 8.89 8.05
C LYS A 37 6.40 7.73 8.87
N LEU A 38 6.25 6.50 8.37
CA LEU A 38 6.75 5.33 9.09
C LEU A 38 7.09 4.18 8.16
N GLN A 39 8.25 3.59 8.37
CA GLN A 39 8.70 2.47 7.56
C GLN A 39 8.30 1.15 8.22
N ALA A 40 8.00 0.15 7.40
CA ALA A 40 7.59 -1.15 7.92
C ALA A 40 8.32 -2.29 7.21
N LYS A 41 8.89 -3.18 8.01
CA LYS A 41 9.63 -4.34 7.49
C LYS A 41 8.67 -5.44 7.05
N ALA A 42 9.00 -6.10 5.95
CA ALA A 42 8.17 -7.19 5.43
C ALA A 42 6.76 -6.70 5.12
N SER A 43 6.15 -7.25 4.07
CA SER A 43 4.81 -6.84 3.69
C SER A 43 4.33 -7.55 2.42
N ASP A 44 3.02 -7.70 2.33
CA ASP A 44 2.36 -8.33 1.19
C ASP A 44 1.02 -7.62 1.04
N LEU A 45 0.23 -7.92 0.01
CA LEU A 45 -1.06 -7.24 -0.14
C LEU A 45 -2.22 -8.23 -0.12
N VAL A 46 -3.40 -7.72 0.22
CA VAL A 46 -4.62 -8.51 0.28
C VAL A 46 -5.75 -7.75 -0.39
N SER A 47 -6.51 -8.42 -1.26
CA SER A 47 -7.61 -7.77 -1.95
C SER A 47 -8.94 -8.03 -1.25
N ARG A 48 -9.58 -6.96 -0.82
CA ARG A 48 -10.88 -7.04 -0.15
C ARG A 48 -11.96 -7.32 -1.17
N LYS A 49 -13.02 -7.99 -0.74
CA LYS A 49 -14.14 -8.31 -1.64
C LYS A 49 -14.68 -7.06 -2.32
N ASN A 50 -14.49 -5.91 -1.68
CA ASN A 50 -14.97 -4.65 -2.24
C ASN A 50 -13.87 -3.83 -2.89
N VAL A 51 -12.63 -4.00 -2.44
CA VAL A 51 -11.51 -3.25 -2.99
C VAL A 51 -10.18 -3.99 -2.80
N GLU A 52 -9.09 -3.26 -2.59
CA GLU A 52 -7.78 -3.86 -2.41
C GLU A 52 -6.94 -3.07 -1.39
N TYR A 53 -6.40 -3.77 -0.41
CA TYR A 53 -5.58 -3.13 0.62
C TYR A 53 -4.24 -3.85 0.78
N LEU A 54 -3.25 -3.16 1.33
CA LEU A 54 -1.94 -3.73 1.56
C LEU A 54 -1.85 -4.20 3.01
N VAL A 55 -1.11 -5.27 3.23
CA VAL A 55 -0.95 -5.81 4.57
C VAL A 55 0.52 -6.07 4.86
N VAL A 56 1.11 -5.31 5.79
CA VAL A 56 2.50 -5.50 6.14
C VAL A 56 2.66 -6.14 7.51
N GLU A 57 3.62 -7.02 7.62
CA GLU A 57 3.89 -7.72 8.87
C GLU A 57 4.87 -6.92 9.71
N ALA A 58 4.41 -6.50 10.88
CA ALA A 58 5.23 -5.71 11.79
C ALA A 58 5.82 -6.59 12.89
N ALA A 59 7.03 -7.11 12.65
CA ALA A 59 7.69 -7.98 13.61
C ALA A 59 6.90 -9.27 13.85
N GLY A 60 5.86 -9.17 14.66
CA GLY A 60 5.04 -10.33 14.96
C GLY A 60 3.56 -10.00 14.97
N GLU A 61 3.18 -8.92 14.29
CA GLU A 61 1.79 -8.51 14.22
C GLU A 61 1.48 -7.90 12.86
N THR A 62 0.46 -8.44 12.20
CA THR A 62 0.05 -7.95 10.88
C THR A 62 -0.64 -6.59 10.99
N ARG A 63 -0.44 -5.74 9.99
CA ARG A 63 -1.05 -4.42 9.98
C ARG A 63 -1.73 -4.14 8.64
N GLU A 64 -2.81 -3.38 8.68
CA GLU A 64 -3.55 -3.06 7.46
C GLU A 64 -3.38 -1.59 7.08
N LEU A 65 -2.56 -1.35 6.07
CA LEU A 65 -2.28 0.01 5.59
C LEU A 65 -2.58 0.12 4.08
N ARG A 66 -3.26 1.20 3.70
CA ARG A 66 -3.65 1.47 2.30
C ARG A 66 -5.13 1.13 2.09
N LEU A 67 -5.73 0.53 3.10
CA LEU A 67 -7.15 0.17 3.07
C LEU A 67 -8.03 1.39 3.22
N ASP A 68 -7.43 2.51 3.62
CA ASP A 68 -8.17 3.75 3.80
C ASP A 68 -7.76 4.77 2.76
N LYS A 69 -7.03 4.32 1.74
CA LYS A 69 -6.56 5.23 0.70
C LYS A 69 -5.74 6.32 1.35
N ILE A 70 -4.56 5.94 1.81
CA ILE A 70 -3.68 6.87 2.50
C ILE A 70 -3.04 7.87 1.55
N THR A 71 -3.11 9.15 1.95
CA THR A 71 -2.57 10.25 1.17
C THR A 71 -1.38 9.81 0.33
N SER A 72 -0.29 9.37 0.96
CA SER A 72 0.87 8.97 0.19
C SER A 72 1.83 8.10 0.98
N PHE A 73 2.64 7.35 0.24
CA PHE A 73 3.65 6.50 0.83
C PHE A 73 4.92 6.58 0.01
N SER A 74 6.00 6.95 0.65
CA SER A 74 7.26 7.11 -0.04
C SER A 74 8.22 5.96 0.20
N HIS A 75 9.08 5.76 -0.78
CA HIS A 75 10.09 4.71 -0.74
C HIS A 75 11.45 5.29 -1.13
N PRO A 76 12.45 5.19 -0.24
CA PRO A 76 13.80 5.73 -0.45
C PRO A 76 14.31 5.55 -1.88
N GLU A 77 14.55 6.67 -2.55
CA GLU A 77 15.08 6.67 -3.91
C GLU A 77 14.10 6.04 -4.90
N ILE A 78 12.82 6.00 -4.55
CA ILE A 78 11.82 5.42 -5.44
C ILE A 78 10.74 6.42 -5.79
N GLY A 79 9.94 6.81 -4.81
CA GLY A 79 8.88 7.77 -5.08
C GLY A 79 7.78 7.79 -4.02
N THR A 80 6.81 8.68 -4.21
CA THR A 80 5.66 8.79 -3.31
C THR A 80 4.35 8.54 -4.07
N VAL A 81 3.51 7.66 -3.57
CA VAL A 81 2.23 7.38 -4.23
C VAL A 81 1.07 7.82 -3.35
N VAL A 82 0.19 8.63 -3.92
CA VAL A 82 -0.99 9.15 -3.22
C VAL A 82 -2.25 8.43 -3.68
N VAL A 83 -3.13 8.12 -2.72
CA VAL A 83 -4.41 7.45 -3.00
C VAL A 83 -4.50 6.97 -4.45
N SER A 84 -3.67 5.98 -4.78
CA SER A 84 -3.62 5.42 -6.13
C SER A 84 -2.85 6.32 -7.08
N GLU A 85 -1.90 5.73 -7.81
CA GLU A 85 -1.09 6.48 -8.75
C GLU A 85 -1.96 7.18 -9.79
N SER A 86 -1.64 8.45 -10.06
CA SER A 86 -2.39 9.24 -11.03
C SER A 86 -3.86 9.35 -10.62
N MET A 1 -20.82 7.14 -10.05
CA MET A 1 -20.04 6.68 -8.87
C MET A 1 -19.38 5.32 -9.14
N SER A 2 -20.19 4.35 -9.57
CA SER A 2 -19.68 3.01 -9.87
C SER A 2 -19.72 2.74 -11.37
N MET A 3 -19.11 1.64 -11.78
CA MET A 3 -19.08 1.26 -13.19
C MET A 3 -19.28 -0.24 -13.36
N ASN A 4 -18.47 -1.03 -12.66
CA ASN A 4 -18.56 -2.48 -12.73
C ASN A 4 -17.75 -3.14 -11.63
N ASP A 5 -16.43 -3.12 -11.76
CA ASP A 5 -15.55 -3.72 -10.76
C ASP A 5 -14.09 -3.41 -11.08
N THR A 6 -13.57 -2.34 -10.48
CA THR A 6 -12.18 -1.94 -10.70
C THR A 6 -11.75 -0.89 -9.69
N TYR A 7 -12.29 -0.98 -8.48
CA TYR A 7 -11.95 -0.05 -7.42
C TYR A 7 -10.73 -0.51 -6.64
N GLN A 8 -9.59 0.10 -6.95
CA GLN A 8 -8.33 -0.25 -6.29
C GLN A 8 -8.16 0.56 -5.01
N PRO A 9 -8.17 -0.09 -3.83
CA PRO A 9 -8.00 0.60 -2.54
C PRO A 9 -6.79 1.53 -2.54
N ILE A 10 -5.77 1.14 -3.29
CA ILE A 10 -4.55 1.94 -3.39
C ILE A 10 -3.53 1.27 -4.31
N ASN A 11 -3.05 0.08 -3.96
CA ASN A 11 -2.07 -0.63 -4.77
C ASN A 11 -2.76 -1.60 -5.74
N CYS A 12 -2.18 -1.75 -6.93
CA CYS A 12 -2.74 -2.65 -7.94
C CYS A 12 -2.37 -4.11 -7.65
N ASP A 13 -2.82 -5.01 -8.52
CA ASP A 13 -2.55 -6.43 -8.36
C ASP A 13 -1.07 -6.77 -8.60
N ASP A 14 -0.59 -6.39 -9.78
CA ASP A 14 0.81 -6.64 -10.14
C ASP A 14 1.72 -5.57 -9.58
N TYR A 15 1.36 -4.31 -9.82
CA TYR A 15 2.14 -3.18 -9.33
C TYR A 15 2.41 -3.31 -7.83
N ASP A 16 1.59 -4.08 -7.15
CA ASP A 16 1.77 -4.31 -5.73
C ASP A 16 2.88 -5.31 -5.46
N ASN A 17 2.99 -6.33 -6.32
CA ASN A 17 3.99 -7.37 -6.14
C ASN A 17 5.37 -6.97 -6.65
N LEU A 18 5.42 -6.31 -7.80
CA LEU A 18 6.69 -5.91 -8.39
C LEU A 18 7.18 -4.58 -7.85
N GLU A 19 6.27 -3.68 -7.54
CA GLU A 19 6.67 -2.39 -7.00
C GLU A 19 6.90 -2.46 -5.51
N LEU A 20 6.05 -3.19 -4.79
CA LEU A 20 6.23 -3.27 -3.35
C LEU A 20 7.42 -4.16 -3.00
N ALA A 21 7.61 -5.22 -3.75
CA ALA A 21 8.72 -6.11 -3.48
C ALA A 21 10.03 -5.56 -4.04
N CYS A 22 10.06 -5.31 -5.35
CA CYS A 22 11.27 -4.82 -5.98
C CYS A 22 11.45 -3.31 -5.84
N GLN A 23 10.37 -2.54 -5.95
CA GLN A 23 10.47 -1.08 -5.87
C GLN A 23 10.47 -0.59 -4.42
N HIS A 24 9.87 -1.37 -3.52
CA HIS A 24 9.80 -1.00 -2.12
C HIS A 24 10.78 -1.81 -1.28
N HIS A 25 11.04 -3.04 -1.70
CA HIS A 25 11.97 -3.90 -0.96
C HIS A 25 11.50 -4.11 0.47
N LEU A 26 10.19 -4.35 0.63
CA LEU A 26 9.58 -4.58 1.93
C LEU A 26 9.45 -3.30 2.75
N MET A 27 10.52 -2.52 2.84
CA MET A 27 10.50 -1.28 3.63
C MET A 27 9.84 -0.14 2.87
N LEU A 28 8.65 0.24 3.31
CA LEU A 28 7.91 1.33 2.67
C LEU A 28 7.64 2.48 3.64
N THR A 29 7.40 3.68 3.12
CA THR A 29 7.12 4.85 3.97
C THR A 29 5.69 5.34 3.72
N LEU A 30 4.80 5.11 4.68
CA LEU A 30 3.40 5.52 4.52
C LEU A 30 3.11 6.87 5.15
N GLU A 31 2.60 7.78 4.35
CA GLU A 31 2.25 9.11 4.82
C GLU A 31 0.74 9.36 4.73
N LEU A 32 0.20 10.11 5.67
CA LEU A 32 -1.23 10.40 5.70
C LEU A 32 -1.48 11.90 5.72
N LYS A 33 -2.70 12.29 5.32
CA LYS A 33 -3.12 13.70 5.29
C LYS A 33 -2.47 14.53 6.39
N ASP A 34 -2.29 13.92 7.56
CA ASP A 34 -1.67 14.59 8.69
C ASP A 34 -0.15 14.62 8.53
N GLY A 35 0.31 14.63 7.28
CA GLY A 35 1.73 14.64 7.00
C GLY A 35 2.48 13.66 7.88
N GLU A 36 1.83 12.55 8.22
CA GLU A 36 2.47 11.55 9.07
C GLU A 36 2.98 10.37 8.26
N LYS A 37 4.29 10.33 8.03
CA LYS A 37 4.91 9.27 7.27
C LYS A 37 5.69 8.32 8.18
N LEU A 38 5.65 7.03 7.85
CA LEU A 38 6.36 6.03 8.64
C LEU A 38 6.83 4.87 7.79
N GLN A 39 8.07 4.45 8.02
CA GLN A 39 8.64 3.34 7.28
C GLN A 39 8.38 2.03 8.01
N ALA A 40 8.19 0.96 7.26
CA ALA A 40 7.92 -0.34 7.85
C ALA A 40 8.76 -1.44 7.21
N LYS A 41 9.49 -2.18 8.05
CA LYS A 41 10.34 -3.27 7.61
C LYS A 41 9.50 -4.52 7.33
N ALA A 42 9.86 -5.25 6.29
CA ALA A 42 9.16 -6.47 5.91
C ALA A 42 7.70 -6.16 5.60
N SER A 43 7.12 -6.87 4.64
CA SER A 43 5.74 -6.62 4.27
C SER A 43 5.32 -7.41 3.04
N ASP A 44 4.03 -7.72 2.98
CA ASP A 44 3.43 -8.43 1.86
C ASP A 44 2.00 -7.90 1.75
N LEU A 45 1.24 -8.27 0.74
CA LEU A 45 -0.14 -7.79 0.63
C LEU A 45 -1.12 -8.95 0.53
N VAL A 46 -2.38 -8.69 0.87
CA VAL A 46 -3.42 -9.69 0.80
C VAL A 46 -4.65 -9.10 0.12
N SER A 47 -5.31 -9.86 -0.74
CA SER A 47 -6.49 -9.36 -1.44
C SER A 47 -7.77 -9.88 -0.79
N ARG A 48 -8.78 -9.02 -0.71
CA ARG A 48 -10.06 -9.39 -0.13
C ARG A 48 -11.08 -9.67 -1.22
N LYS A 49 -12.03 -10.55 -0.93
CA LYS A 49 -13.06 -10.90 -1.89
C LYS A 49 -13.68 -9.66 -2.53
N ASN A 50 -13.65 -8.53 -1.80
CA ASN A 50 -14.23 -7.30 -2.29
C ASN A 50 -13.17 -6.33 -2.83
N VAL A 51 -11.96 -6.37 -2.26
CA VAL A 51 -10.90 -5.46 -2.72
C VAL A 51 -9.50 -5.99 -2.41
N GLU A 52 -8.80 -5.38 -1.45
CA GLU A 52 -7.45 -5.81 -1.09
C GLU A 52 -6.76 -4.84 -0.16
N TYR A 53 -6.02 -5.39 0.80
CA TYR A 53 -5.28 -4.61 1.77
C TYR A 53 -3.84 -5.11 1.84
N LEU A 54 -2.92 -4.27 2.29
CA LEU A 54 -1.53 -4.66 2.44
C LEU A 54 -1.27 -4.99 3.90
N VAL A 55 -0.38 -5.94 4.15
CA VAL A 55 -0.06 -6.32 5.52
C VAL A 55 1.44 -6.38 5.73
N VAL A 56 1.97 -5.48 6.55
CA VAL A 56 3.39 -5.46 6.82
C VAL A 56 3.70 -5.95 8.23
N GLU A 57 4.79 -6.67 8.35
CA GLU A 57 5.21 -7.20 9.64
C GLU A 57 6.11 -6.19 10.35
N ALA A 58 5.65 -5.73 11.51
CA ALA A 58 6.39 -4.76 12.30
C ALA A 58 7.16 -5.44 13.44
N ALA A 59 8.39 -5.86 13.14
CA ALA A 59 9.23 -6.52 14.12
C ALA A 59 8.59 -7.83 14.60
N GLY A 60 7.64 -7.71 15.52
CA GLY A 60 6.97 -8.90 16.04
C GLY A 60 5.47 -8.72 16.10
N GLU A 61 4.94 -7.82 15.28
CA GLU A 61 3.50 -7.56 15.25
C GLU A 61 3.05 -7.16 13.83
N THR A 62 2.13 -7.92 13.28
CA THR A 62 1.61 -7.64 11.94
C THR A 62 0.73 -6.39 11.95
N ARG A 63 0.76 -5.64 10.86
CA ARG A 63 -0.04 -4.42 10.75
C ARG A 63 -0.78 -4.39 9.41
N GLU A 64 -1.87 -3.62 9.37
CA GLU A 64 -2.67 -3.50 8.15
C GLU A 64 -2.67 -2.07 7.62
N LEU A 65 -1.94 -1.84 6.54
CA LEU A 65 -1.85 -0.53 5.93
C LEU A 65 -2.23 -0.59 4.45
N ARG A 66 -3.08 0.35 4.02
CA ARG A 66 -3.58 0.44 2.63
C ARG A 66 -5.04 -0.03 2.56
N LEU A 67 -5.53 -0.58 3.66
CA LEU A 67 -6.91 -1.07 3.73
C LEU A 67 -7.90 0.08 3.88
N ASP A 68 -7.38 1.26 4.22
CA ASP A 68 -8.22 2.43 4.39
C ASP A 68 -7.96 3.46 3.30
N LYS A 69 -7.23 3.05 2.27
CA LYS A 69 -6.89 3.96 1.19
C LYS A 69 -6.17 5.16 1.80
N ILE A 70 -4.94 4.93 2.20
CA ILE A 70 -4.14 5.94 2.86
C ILE A 70 -3.68 7.02 1.89
N THR A 71 -3.89 8.27 2.29
CA THR A 71 -3.54 9.44 1.51
C THR A 71 -2.43 9.16 0.52
N SER A 72 -1.23 8.87 1.01
CA SER A 72 -0.12 8.60 0.10
C SER A 72 1.00 7.81 0.77
N PHE A 73 1.78 7.11 -0.04
CA PHE A 73 2.91 6.35 0.45
C PHE A 73 4.12 6.62 -0.41
N SER A 74 5.18 7.08 0.20
CA SER A 74 6.38 7.41 -0.53
C SER A 74 7.52 6.43 -0.28
N HIS A 75 8.38 6.35 -1.29
CA HIS A 75 9.54 5.48 -1.25
C HIS A 75 10.58 5.97 -2.25
N PRO A 76 11.78 6.38 -1.77
CA PRO A 76 12.86 6.88 -2.64
C PRO A 76 13.26 5.89 -3.71
N GLU A 77 12.43 5.81 -4.76
CA GLU A 77 12.66 4.90 -5.88
C GLU A 77 11.38 4.73 -6.70
N ILE A 78 10.31 4.36 -6.01
CA ILE A 78 9.02 4.14 -6.67
C ILE A 78 8.25 5.45 -6.81
N GLY A 79 8.07 6.17 -5.70
CA GLY A 79 7.33 7.42 -5.75
C GLY A 79 6.31 7.55 -4.63
N THR A 80 5.33 8.42 -4.83
CA THR A 80 4.25 8.63 -3.87
C THR A 80 2.89 8.31 -4.50
N VAL A 81 2.13 7.42 -3.90
CA VAL A 81 0.80 7.07 -4.45
C VAL A 81 -0.29 7.39 -3.44
N VAL A 82 -1.27 8.16 -3.88
CA VAL A 82 -2.38 8.57 -3.04
C VAL A 82 -3.65 7.78 -3.37
N VAL A 83 -4.41 7.43 -2.33
CA VAL A 83 -5.68 6.69 -2.46
C VAL A 83 -5.96 6.25 -3.91
N SER A 84 -5.77 4.96 -4.16
CA SER A 84 -6.00 4.41 -5.49
C SER A 84 -5.10 5.08 -6.52
N GLU A 85 -4.21 4.30 -7.12
CA GLU A 85 -3.28 4.82 -8.12
C GLU A 85 -3.98 4.95 -9.48
N SER A 86 -3.63 6.00 -10.22
CA SER A 86 -4.22 6.25 -11.53
C SER A 86 -5.73 6.41 -11.42
N MET A 1 -29.93 0.35 -14.38
CA MET A 1 -29.77 0.00 -12.94
C MET A 1 -28.45 -0.75 -12.70
N SER A 2 -27.37 0.00 -12.54
CA SER A 2 -26.06 -0.59 -12.31
C SER A 2 -25.80 -0.77 -10.81
N MET A 3 -25.00 -1.78 -10.48
CA MET A 3 -24.67 -2.06 -9.08
C MET A 3 -23.42 -2.94 -8.99
N ASN A 4 -22.27 -2.35 -9.25
CA ASN A 4 -21.00 -3.06 -9.20
C ASN A 4 -19.81 -2.10 -9.28
N ASP A 5 -18.78 -2.38 -8.48
CA ASP A 5 -17.60 -1.54 -8.47
C ASP A 5 -16.38 -2.32 -7.98
N THR A 6 -15.19 -1.82 -8.29
CA THR A 6 -13.95 -2.47 -7.89
C THR A 6 -12.77 -1.55 -8.13
N TYR A 7 -12.54 -0.62 -7.20
CA TYR A 7 -11.45 0.33 -7.32
C TYR A 7 -10.26 -0.10 -6.47
N GLN A 8 -9.06 0.11 -6.99
CA GLN A 8 -7.84 -0.26 -6.27
C GLN A 8 -7.54 0.74 -5.15
N PRO A 9 -7.60 0.29 -3.88
CA PRO A 9 -7.35 1.17 -2.72
C PRO A 9 -5.99 1.86 -2.79
N ILE A 10 -5.05 1.27 -3.53
CA ILE A 10 -3.71 1.84 -3.68
C ILE A 10 -2.82 0.91 -4.50
N ASN A 11 -2.59 -0.29 -3.98
CA ASN A 11 -1.77 -1.29 -4.66
C ASN A 11 -2.42 -1.80 -5.93
N CYS A 12 -1.59 -2.09 -6.94
CA CYS A 12 -2.09 -2.61 -8.22
C CYS A 12 -1.89 -4.11 -8.33
N ASP A 13 -2.19 -4.66 -9.50
CA ASP A 13 -2.05 -6.10 -9.74
C ASP A 13 -0.57 -6.50 -9.82
N ASP A 14 0.06 -6.17 -10.95
CA ASP A 14 1.47 -6.49 -11.17
C ASP A 14 2.38 -5.45 -10.54
N TYR A 15 2.11 -4.18 -10.82
CA TYR A 15 2.92 -3.08 -10.30
C TYR A 15 3.10 -3.19 -8.79
N ASP A 16 2.19 -3.91 -8.14
CA ASP A 16 2.25 -4.10 -6.70
C ASP A 16 3.31 -5.14 -6.32
N ASN A 17 3.49 -6.13 -7.18
CA ASN A 17 4.44 -7.20 -6.93
C ASN A 17 5.88 -6.76 -7.17
N LEU A 18 6.07 -5.95 -8.21
CA LEU A 18 7.39 -5.47 -8.57
C LEU A 18 7.78 -4.23 -7.78
N GLU A 19 6.77 -3.45 -7.36
CA GLU A 19 7.02 -2.25 -6.60
C GLU A 19 7.38 -2.57 -5.16
N LEU A 20 6.63 -3.47 -4.56
CA LEU A 20 6.87 -3.80 -3.17
C LEU A 20 8.11 -4.67 -3.00
N ALA A 21 8.38 -5.56 -3.95
CA ALA A 21 9.56 -6.40 -3.82
C ALA A 21 10.82 -5.65 -4.25
N CYS A 22 10.83 -5.19 -5.50
CA CYS A 22 12.00 -4.50 -6.03
C CYS A 22 12.06 -3.03 -5.65
N GLN A 23 10.92 -2.34 -5.62
CA GLN A 23 10.92 -0.91 -5.30
C GLN A 23 10.90 -0.65 -3.80
N HIS A 24 10.29 -1.52 -3.03
CA HIS A 24 10.22 -1.32 -1.58
C HIS A 24 10.99 -2.41 -0.82
N HIS A 25 11.04 -3.61 -1.39
CA HIS A 25 11.74 -4.74 -0.75
C HIS A 25 11.04 -5.18 0.55
N LEU A 26 10.46 -4.22 1.27
CA LEU A 26 9.75 -4.48 2.53
C LEU A 26 9.58 -3.21 3.35
N MET A 27 10.68 -2.49 3.58
CA MET A 27 10.64 -1.25 4.35
C MET A 27 10.03 -0.11 3.54
N LEU A 28 8.81 0.28 3.90
CA LEU A 28 8.12 1.36 3.19
C LEU A 28 7.83 2.54 4.13
N THR A 29 7.64 3.73 3.56
CA THR A 29 7.34 4.92 4.36
C THR A 29 5.93 5.41 4.07
N LEU A 30 5.02 5.23 5.03
CA LEU A 30 3.63 5.64 4.82
C LEU A 30 3.37 7.05 5.35
N GLU A 31 2.66 7.85 4.57
CA GLU A 31 2.34 9.21 4.96
C GLU A 31 0.86 9.52 4.77
N LEU A 32 0.33 10.39 5.63
CA LEU A 32 -1.09 10.76 5.58
C LEU A 32 -1.26 12.27 5.42
N LYS A 33 -2.44 12.69 4.96
CA LYS A 33 -2.74 14.11 4.79
C LYS A 33 -2.23 14.92 5.98
N ASP A 34 -2.30 14.31 7.16
CA ASP A 34 -1.83 14.95 8.39
C ASP A 34 -0.31 14.92 8.47
N GLY A 35 0.33 14.97 7.31
CA GLY A 35 1.78 14.96 7.23
C GLY A 35 2.39 13.79 7.98
N GLU A 36 1.65 12.68 8.08
CA GLU A 36 2.18 11.50 8.76
C GLU A 36 3.27 10.87 7.92
N LYS A 37 4.22 10.21 8.59
CA LYS A 37 5.32 9.56 7.90
C LYS A 37 5.95 8.48 8.78
N LEU A 38 5.91 7.23 8.33
CA LEU A 38 6.48 6.14 9.11
C LEU A 38 6.93 4.98 8.24
N GLN A 39 8.14 4.50 8.51
CA GLN A 39 8.68 3.36 7.77
C GLN A 39 8.36 2.07 8.50
N ALA A 40 8.16 0.99 7.73
CA ALA A 40 7.82 -0.29 8.32
C ALA A 40 8.67 -1.42 7.75
N LYS A 41 9.34 -2.16 8.64
CA LYS A 41 10.18 -3.28 8.25
C LYS A 41 9.35 -4.53 7.96
N ALA A 42 9.75 -5.28 6.95
CA ALA A 42 9.04 -6.50 6.56
C ALA A 42 7.61 -6.16 6.15
N SER A 43 7.08 -6.86 5.16
CA SER A 43 5.72 -6.60 4.71
C SER A 43 5.35 -7.42 3.48
N ASP A 44 4.05 -7.71 3.36
CA ASP A 44 3.50 -8.45 2.25
C ASP A 44 2.15 -7.82 1.94
N LEU A 45 1.45 -8.23 0.89
CA LEU A 45 0.14 -7.63 0.61
C LEU A 45 -0.94 -8.70 0.52
N VAL A 46 -2.18 -8.29 0.72
CA VAL A 46 -3.33 -9.19 0.65
C VAL A 46 -4.45 -8.55 -0.17
N SER A 47 -5.11 -9.33 -1.02
CA SER A 47 -6.19 -8.77 -1.84
C SER A 47 -7.54 -9.36 -1.46
N ARG A 48 -8.43 -8.48 -1.02
CA ARG A 48 -9.78 -8.86 -0.64
C ARG A 48 -10.61 -9.12 -1.89
N LYS A 49 -11.60 -10.00 -1.77
CA LYS A 49 -12.47 -10.34 -2.90
C LYS A 49 -13.03 -9.09 -3.57
N ASN A 50 -13.12 -7.98 -2.82
CA ASN A 50 -13.67 -6.74 -3.37
C ASN A 50 -12.57 -5.73 -3.75
N VAL A 51 -11.51 -5.68 -2.95
CA VAL A 51 -10.42 -4.74 -3.22
C VAL A 51 -9.07 -5.36 -2.85
N GLU A 52 -8.09 -4.52 -2.50
CA GLU A 52 -6.77 -5.01 -2.15
C GLU A 52 -6.05 -4.08 -1.18
N TYR A 53 -5.51 -4.66 -0.11
CA TYR A 53 -4.79 -3.90 0.90
C TYR A 53 -3.44 -4.55 1.20
N LEU A 54 -2.50 -3.78 1.72
CA LEU A 54 -1.18 -4.30 2.06
C LEU A 54 -1.13 -4.62 3.55
N VAL A 55 -0.36 -5.64 3.90
CA VAL A 55 -0.21 -6.05 5.28
C VAL A 55 1.26 -6.18 5.64
N VAL A 56 1.76 -5.33 6.54
CA VAL A 56 3.16 -5.38 6.92
C VAL A 56 3.35 -5.93 8.32
N GLU A 57 4.39 -6.72 8.48
CA GLU A 57 4.71 -7.33 9.76
C GLU A 57 5.60 -6.40 10.57
N ALA A 58 5.07 -5.94 11.71
CA ALA A 58 5.80 -5.04 12.59
C ALA A 58 6.75 -5.80 13.51
N ALA A 59 7.87 -6.26 12.95
CA ALA A 59 8.86 -6.99 13.73
C ALA A 59 8.31 -8.34 14.20
N GLY A 60 7.39 -8.29 15.16
CA GLY A 60 6.79 -9.50 15.68
C GLY A 60 5.27 -9.41 15.75
N GLU A 61 4.70 -8.48 14.98
CA GLU A 61 3.26 -8.29 14.95
C GLU A 61 2.76 -8.14 13.51
N THR A 62 1.46 -7.95 13.37
CA THR A 62 0.86 -7.79 12.05
C THR A 62 0.10 -6.47 11.95
N ARG A 63 0.31 -5.76 10.84
CA ARG A 63 -0.35 -4.47 10.61
C ARG A 63 -0.93 -4.41 9.20
N GLU A 64 -1.92 -3.55 9.01
CA GLU A 64 -2.57 -3.40 7.71
C GLU A 64 -2.58 -1.94 7.27
N LEU A 65 -1.82 -1.64 6.22
CA LEU A 65 -1.75 -0.28 5.69
C LEU A 65 -2.06 -0.25 4.20
N ARG A 66 -2.91 0.71 3.79
CA ARG A 66 -3.35 0.89 2.41
C ARG A 66 -4.77 0.36 2.22
N LEU A 67 -5.31 -0.26 3.26
CA LEU A 67 -6.66 -0.80 3.26
C LEU A 67 -7.70 0.31 3.40
N ASP A 68 -7.23 1.49 3.79
CA ASP A 68 -8.10 2.64 3.96
C ASP A 68 -7.82 3.69 2.90
N LYS A 69 -7.05 3.32 1.88
CA LYS A 69 -6.69 4.25 0.82
C LYS A 69 -5.99 5.45 1.44
N ILE A 70 -4.77 5.21 1.89
CA ILE A 70 -3.98 6.23 2.55
C ILE A 70 -3.45 7.26 1.56
N THR A 71 -3.65 8.54 1.92
CA THR A 71 -3.22 9.66 1.09
C THR A 71 -2.05 9.28 0.21
N SER A 72 -0.90 8.95 0.80
CA SER A 72 0.26 8.58 0.00
C SER A 72 1.33 7.86 0.80
N PHE A 73 2.22 7.18 0.09
CA PHE A 73 3.31 6.46 0.71
C PHE A 73 4.57 6.64 -0.13
N SER A 74 5.61 7.13 0.51
CA SER A 74 6.86 7.39 -0.20
C SER A 74 7.93 6.36 0.12
N HIS A 75 8.82 6.20 -0.85
CA HIS A 75 9.94 5.28 -0.74
C HIS A 75 11.12 5.79 -1.56
N PRO A 76 12.33 5.81 -0.95
CA PRO A 76 13.53 6.30 -1.63
C PRO A 76 13.74 5.68 -3.01
N GLU A 77 13.84 6.54 -4.02
CA GLU A 77 14.06 6.11 -5.41
C GLU A 77 12.76 5.76 -6.13
N ILE A 78 11.77 5.23 -5.40
CA ILE A 78 10.52 4.83 -6.02
C ILE A 78 9.59 6.00 -6.27
N GLY A 79 9.08 6.61 -5.20
CA GLY A 79 8.17 7.72 -5.36
C GLY A 79 7.10 7.78 -4.28
N THR A 80 6.09 8.62 -4.52
CA THR A 80 4.97 8.75 -3.60
C THR A 80 3.66 8.38 -4.32
N VAL A 81 2.89 7.47 -3.75
CA VAL A 81 1.63 7.07 -4.37
C VAL A 81 0.45 7.42 -3.47
N VAL A 82 -0.49 8.15 -4.04
CA VAL A 82 -1.70 8.57 -3.33
C VAL A 82 -2.90 7.74 -3.76
N VAL A 83 -3.73 7.34 -2.77
CA VAL A 83 -4.93 6.54 -3.02
C VAL A 83 -4.98 6.00 -4.45
N SER A 84 -4.10 5.03 -4.72
CA SER A 84 -4.00 4.41 -6.04
C SER A 84 -3.75 5.45 -7.11
N GLU A 85 -2.58 6.09 -7.06
CA GLU A 85 -2.22 7.11 -8.03
C GLU A 85 -2.24 6.55 -9.45
N SER A 86 -2.64 7.38 -10.40
CA SER A 86 -2.70 6.98 -11.80
C SER A 86 -3.33 8.07 -12.66
N MET A 1 -22.66 1.42 -18.88
CA MET A 1 -21.48 1.72 -18.03
C MET A 1 -21.00 0.48 -17.30
N SER A 2 -20.70 -0.57 -18.06
CA SER A 2 -20.23 -1.83 -17.49
C SER A 2 -18.89 -2.24 -18.10
N MET A 3 -17.98 -2.72 -17.25
CA MET A 3 -16.66 -3.14 -17.71
C MET A 3 -15.94 -3.94 -16.63
N ASN A 4 -14.68 -4.27 -16.88
CA ASN A 4 -13.89 -5.04 -15.93
C ASN A 4 -13.00 -4.12 -15.09
N ASP A 5 -13.45 -2.87 -14.91
CA ASP A 5 -12.69 -1.90 -14.13
C ASP A 5 -12.66 -2.29 -12.65
N THR A 6 -12.09 -1.42 -11.83
CA THR A 6 -12.00 -1.68 -10.40
C THR A 6 -11.50 -0.45 -9.65
N TYR A 7 -12.42 0.34 -9.12
CA TYR A 7 -12.06 1.55 -8.38
C TYR A 7 -11.55 1.18 -6.99
N GLN A 8 -10.23 1.22 -6.84
CA GLN A 8 -9.59 0.88 -5.57
C GLN A 8 -9.28 2.14 -4.75
N PRO A 9 -9.94 2.31 -3.59
CA PRO A 9 -9.73 3.47 -2.73
C PRO A 9 -8.27 3.61 -2.28
N ILE A 10 -7.51 2.52 -2.39
CA ILE A 10 -6.10 2.50 -2.01
C ILE A 10 -5.54 1.07 -2.00
N ASN A 11 -6.26 0.14 -2.63
CA ASN A 11 -5.84 -1.25 -2.70
C ASN A 11 -5.11 -1.52 -4.02
N CYS A 12 -4.11 -2.40 -3.99
CA CYS A 12 -3.36 -2.73 -5.19
C CYS A 12 -3.26 -4.25 -5.38
N ASP A 13 -3.88 -4.75 -6.46
CA ASP A 13 -3.86 -6.18 -6.76
C ASP A 13 -2.47 -6.63 -7.21
N ASP A 14 -2.14 -6.32 -8.47
CA ASP A 14 -0.85 -6.68 -9.03
C ASP A 14 0.20 -5.64 -8.65
N TYR A 15 -0.19 -4.38 -8.76
CA TYR A 15 0.68 -3.26 -8.42
C TYR A 15 1.29 -3.44 -7.03
N ASP A 16 0.64 -4.24 -6.20
CA ASP A 16 1.13 -4.50 -4.85
C ASP A 16 2.29 -5.48 -4.86
N ASN A 17 2.26 -6.45 -5.76
CA ASN A 17 3.32 -7.46 -5.83
C ASN A 17 4.55 -6.96 -6.57
N LEU A 18 4.34 -6.25 -7.67
CA LEU A 18 5.45 -5.76 -8.48
C LEU A 18 6.00 -4.44 -7.97
N GLU A 19 5.13 -3.59 -7.42
CA GLU A 19 5.58 -2.31 -6.91
C GLU A 19 6.12 -2.45 -5.49
N LEU A 20 5.42 -3.19 -4.64
CA LEU A 20 5.88 -3.35 -3.27
C LEU A 20 7.11 -4.25 -3.21
N ALA A 21 7.17 -5.25 -4.08
CA ALA A 21 8.31 -6.16 -4.07
C ALA A 21 9.50 -5.54 -4.81
N CYS A 22 9.31 -5.20 -6.08
CA CYS A 22 10.39 -4.63 -6.87
C CYS A 22 10.60 -3.13 -6.65
N GLN A 23 9.51 -2.37 -6.50
CA GLN A 23 9.63 -0.93 -6.30
C GLN A 23 9.87 -0.55 -4.85
N HIS A 24 9.30 -1.31 -3.91
CA HIS A 24 9.48 -1.01 -2.49
C HIS A 24 10.46 -1.98 -1.84
N HIS A 25 10.53 -3.20 -2.33
CA HIS A 25 11.43 -4.20 -1.77
C HIS A 25 11.16 -4.40 -0.28
N LEU A 26 9.90 -4.58 0.06
CA LEU A 26 9.47 -4.79 1.45
C LEU A 26 9.49 -3.50 2.26
N MET A 27 10.56 -2.72 2.13
CA MET A 27 10.67 -1.46 2.87
C MET A 27 9.90 -0.34 2.19
N LEU A 28 8.77 0.04 2.80
CA LEU A 28 7.93 1.11 2.26
C LEU A 28 7.86 2.29 3.23
N THR A 29 7.54 3.47 2.71
CA THR A 29 7.42 4.67 3.55
C THR A 29 5.98 5.18 3.57
N LEU A 30 5.31 5.03 4.72
CA LEU A 30 3.92 5.46 4.82
C LEU A 30 3.81 6.89 5.32
N GLU A 31 3.04 7.72 4.61
CA GLU A 31 2.87 9.12 4.99
C GLU A 31 1.41 9.51 5.07
N LEU A 32 1.09 10.43 5.98
CA LEU A 32 -0.28 10.90 6.18
C LEU A 32 -0.38 12.42 6.06
N LYS A 33 -1.59 12.90 5.81
CA LYS A 33 -1.85 14.34 5.68
C LYS A 33 -1.07 15.13 6.73
N ASP A 34 -0.94 14.53 7.91
CA ASP A 34 -0.21 15.12 9.03
C ASP A 34 1.29 15.03 8.79
N GLY A 35 1.69 15.05 7.53
CA GLY A 35 3.09 14.96 7.17
C GLY A 35 3.78 13.77 7.81
N GLU A 36 3.02 12.70 8.07
CA GLU A 36 3.60 11.50 8.66
C GLU A 36 4.45 10.79 7.62
N LYS A 37 5.47 10.08 8.08
CA LYS A 37 6.37 9.35 7.19
C LYS A 37 7.16 8.30 7.95
N LEU A 38 6.97 7.03 7.61
CA LEU A 38 7.68 5.95 8.29
C LEU A 38 7.89 4.75 7.39
N GLN A 39 9.13 4.25 7.39
CA GLN A 39 9.47 3.08 6.58
C GLN A 39 9.29 1.81 7.39
N ALA A 40 8.90 0.72 6.71
CA ALA A 40 8.68 -0.55 7.38
C ALA A 40 9.32 -1.71 6.63
N LYS A 41 10.11 -2.50 7.34
CA LYS A 41 10.80 -3.65 6.78
C LYS A 41 9.86 -4.85 6.67
N ALA A 42 10.00 -5.61 5.59
CA ALA A 42 9.16 -6.78 5.36
C ALA A 42 7.70 -6.37 5.24
N SER A 43 6.94 -7.07 4.40
CA SER A 43 5.53 -6.75 4.22
C SER A 43 4.89 -7.54 3.09
N ASP A 44 3.60 -7.77 3.22
CA ASP A 44 2.78 -8.47 2.24
C ASP A 44 1.42 -7.80 2.23
N LEU A 45 0.50 -8.18 1.34
CA LEU A 45 -0.82 -7.56 1.33
C LEU A 45 -1.91 -8.62 1.46
N VAL A 46 -3.08 -8.20 1.93
CA VAL A 46 -4.22 -9.10 2.08
C VAL A 46 -5.47 -8.45 1.50
N SER A 47 -6.33 -9.23 0.85
CA SER A 47 -7.53 -8.67 0.27
C SER A 47 -8.80 -9.19 0.95
N ARG A 48 -9.62 -8.26 1.41
CA ARG A 48 -10.88 -8.58 2.07
C ARG A 48 -11.97 -8.80 1.03
N LYS A 49 -12.95 -9.63 1.38
CA LYS A 49 -14.05 -9.94 0.47
C LYS A 49 -14.70 -8.68 -0.11
N ASN A 50 -14.54 -7.55 0.58
CA ASN A 50 -15.14 -6.29 0.12
C ASN A 50 -14.11 -5.39 -0.56
N VAL A 51 -12.87 -5.40 -0.07
CA VAL A 51 -11.82 -4.57 -0.63
C VAL A 51 -10.44 -5.21 -0.40
N GLU A 52 -9.41 -4.41 -0.13
CA GLU A 52 -8.08 -4.97 0.09
C GLU A 52 -7.20 -4.00 0.88
N TYR A 53 -6.43 -4.57 1.81
CA TYR A 53 -5.53 -3.80 2.66
C TYR A 53 -4.15 -4.44 2.65
N LEU A 54 -3.11 -3.66 2.97
CA LEU A 54 -1.76 -4.18 3.01
C LEU A 54 -1.39 -4.50 4.45
N VAL A 55 -0.57 -5.54 4.63
CA VAL A 55 -0.14 -5.93 5.97
C VAL A 55 1.37 -6.12 6.00
N VAL A 56 2.07 -5.32 6.79
CA VAL A 56 3.52 -5.42 6.87
C VAL A 56 3.94 -6.03 8.20
N GLU A 57 4.87 -6.97 8.13
CA GLU A 57 5.37 -7.61 9.35
C GLU A 57 6.81 -7.18 9.60
N ALA A 58 6.99 -6.32 10.59
CA ALA A 58 8.32 -5.82 10.92
C ALA A 58 8.95 -6.65 12.04
N ALA A 59 9.85 -7.56 11.65
CA ALA A 59 10.53 -8.42 12.61
C ALA A 59 9.57 -9.41 13.27
N GLY A 60 8.64 -8.88 14.06
CA GLY A 60 7.67 -9.72 14.73
C GLY A 60 6.42 -8.95 15.15
N GLU A 61 6.13 -7.87 14.42
CA GLU A 61 4.96 -7.05 14.72
C GLU A 61 4.16 -6.76 13.46
N THR A 62 3.07 -7.49 13.28
CA THR A 62 2.22 -7.31 12.11
C THR A 62 1.46 -5.98 12.18
N ARG A 63 1.39 -5.29 11.06
CA ARG A 63 0.69 -4.01 10.98
C ARG A 63 -0.26 -3.98 9.78
N GLU A 64 -1.21 -3.06 9.81
CA GLU A 64 -2.17 -2.94 8.72
C GLU A 64 -2.23 -1.51 8.18
N LEU A 65 -1.69 -1.31 6.98
CA LEU A 65 -1.67 0.00 6.35
C LEU A 65 -2.33 -0.07 4.97
N ARG A 66 -3.20 0.91 4.69
CA ARG A 66 -3.94 1.00 3.42
C ARG A 66 -5.42 0.64 3.64
N LEU A 67 -5.73 0.17 4.84
CA LEU A 67 -7.10 -0.21 5.19
C LEU A 67 -7.97 1.00 5.51
N ASP A 68 -7.32 2.15 5.73
CA ASP A 68 -8.03 3.37 6.04
C ASP A 68 -7.91 4.38 4.90
N LYS A 69 -7.36 3.94 3.76
CA LYS A 69 -7.17 4.83 2.64
C LYS A 69 -6.28 5.98 3.08
N ILE A 70 -5.01 5.64 3.33
CA ILE A 70 -4.05 6.62 3.81
C ILE A 70 -3.62 7.59 2.71
N THR A 71 -3.62 8.87 3.08
CA THR A 71 -3.24 9.94 2.17
C THR A 71 -2.28 9.45 1.12
N SER A 72 -1.08 9.04 1.53
CA SER A 72 -0.11 8.57 0.55
C SER A 72 1.03 7.77 1.16
N PHE A 73 1.67 6.97 0.32
CA PHE A 73 2.81 6.16 0.71
C PHE A 73 3.89 6.34 -0.33
N SER A 74 5.06 6.79 0.09
CA SER A 74 6.15 7.04 -0.82
C SER A 74 7.31 6.07 -0.65
N HIS A 75 8.04 5.90 -1.73
CA HIS A 75 9.22 5.04 -1.75
C HIS A 75 10.33 5.72 -2.53
N PRO A 76 11.55 5.80 -1.95
CA PRO A 76 12.70 6.44 -2.57
C PRO A 76 12.89 6.07 -4.04
N GLU A 77 12.94 7.10 -4.89
CA GLU A 77 13.15 6.92 -6.32
C GLU A 77 12.00 6.14 -6.97
N ILE A 78 10.84 6.10 -6.34
CA ILE A 78 9.69 5.39 -6.90
C ILE A 78 8.51 6.32 -7.10
N GLY A 79 7.92 6.77 -6.01
CA GLY A 79 6.77 7.65 -6.12
C GLY A 79 5.91 7.70 -4.88
N THR A 80 4.84 8.51 -4.93
CA THR A 80 3.90 8.63 -3.83
C THR A 80 2.49 8.22 -4.27
N VAL A 81 1.87 7.29 -3.57
CA VAL A 81 0.50 6.86 -3.91
C VAL A 81 -0.48 7.34 -2.85
N VAL A 82 -1.47 8.12 -3.29
CA VAL A 82 -2.49 8.64 -2.41
C VAL A 82 -3.81 7.90 -2.61
N VAL A 83 -4.53 7.66 -1.50
CA VAL A 83 -5.84 6.98 -1.53
C VAL A 83 -6.20 6.52 -2.95
N SER A 84 -5.69 5.33 -3.31
CA SER A 84 -5.93 4.73 -4.63
C SER A 84 -4.69 4.86 -5.52
N GLU A 85 -4.21 3.74 -6.02
CA GLU A 85 -3.03 3.73 -6.88
C GLU A 85 -3.43 3.61 -8.35
N SER A 86 -2.57 4.13 -9.23
CA SER A 86 -2.84 4.10 -10.66
C SER A 86 -4.13 4.84 -11.00
N MET A 1 -23.58 0.56 -19.82
CA MET A 1 -23.00 0.83 -18.47
C MET A 1 -22.23 -0.38 -17.97
N SER A 2 -21.60 -0.23 -16.80
CA SER A 2 -20.82 -1.31 -16.20
C SER A 2 -21.58 -1.93 -15.02
N MET A 3 -21.32 -3.20 -14.75
CA MET A 3 -21.97 -3.90 -13.65
C MET A 3 -20.93 -4.62 -12.78
N ASN A 4 -19.73 -4.05 -12.69
CA ASN A 4 -18.67 -4.63 -11.89
C ASN A 4 -17.98 -3.57 -11.04
N ASP A 5 -17.04 -4.00 -10.21
CA ASP A 5 -16.31 -3.09 -9.35
C ASP A 5 -14.84 -3.00 -9.78
N THR A 6 -14.21 -1.86 -9.50
CA THR A 6 -12.81 -1.65 -9.85
C THR A 6 -12.25 -0.47 -9.07
N TYR A 7 -12.56 -0.42 -7.78
CA TYR A 7 -12.08 0.66 -6.92
C TYR A 7 -10.91 0.18 -6.07
N GLN A 8 -9.70 0.56 -6.47
CA GLN A 8 -8.49 0.17 -5.76
C GLN A 8 -8.30 1.04 -4.52
N PRO A 9 -8.40 0.46 -3.32
CA PRO A 9 -8.23 1.20 -2.06
C PRO A 9 -6.96 2.02 -2.04
N ILE A 10 -5.95 1.56 -2.77
CA ILE A 10 -4.68 2.26 -2.84
C ILE A 10 -3.70 1.57 -3.78
N ASN A 11 -3.20 0.39 -3.39
CA ASN A 11 -2.26 -0.34 -4.22
C ASN A 11 -2.97 -1.36 -5.12
N CYS A 12 -2.42 -1.55 -6.31
CA CYS A 12 -2.99 -2.48 -7.28
C CYS A 12 -2.63 -3.93 -6.94
N ASP A 13 -3.15 -4.86 -7.73
CA ASP A 13 -2.88 -6.29 -7.50
C ASP A 13 -1.43 -6.65 -7.83
N ASP A 14 -1.00 -6.34 -9.05
CA ASP A 14 0.36 -6.63 -9.47
C ASP A 14 1.32 -5.55 -9.01
N TYR A 15 0.96 -4.29 -9.26
CA TYR A 15 1.78 -3.16 -8.87
C TYR A 15 2.15 -3.25 -7.39
N ASP A 16 1.37 -3.99 -6.62
CA ASP A 16 1.63 -4.17 -5.21
C ASP A 16 2.74 -5.19 -4.98
N ASN A 17 2.78 -6.22 -5.83
CA ASN A 17 3.78 -7.27 -5.68
C ASN A 17 5.13 -6.89 -6.28
N LEU A 18 5.12 -6.25 -7.45
CA LEU A 18 6.35 -5.89 -8.12
C LEU A 18 6.92 -4.57 -7.61
N GLU A 19 6.04 -3.65 -7.24
CA GLU A 19 6.50 -2.36 -6.74
C GLU A 19 6.83 -2.44 -5.26
N LEU A 20 6.00 -3.11 -4.48
CA LEU A 20 6.27 -3.21 -3.06
C LEU A 20 7.42 -4.16 -2.78
N ALA A 21 7.56 -5.20 -3.58
CA ALA A 21 8.64 -6.15 -3.39
C ALA A 21 9.93 -5.62 -3.99
N CYS A 22 9.92 -5.34 -5.30
CA CYS A 22 11.12 -4.88 -5.98
C CYS A 22 11.37 -3.38 -5.82
N GLN A 23 10.31 -2.56 -5.83
CA GLN A 23 10.48 -1.12 -5.71
C GLN A 23 10.60 -0.68 -4.26
N HIS A 24 9.89 -1.36 -3.36
CA HIS A 24 9.94 -1.01 -1.95
C HIS A 24 10.83 -1.95 -1.15
N HIS A 25 10.92 -3.20 -1.59
CA HIS A 25 11.76 -4.18 -0.89
C HIS A 25 11.34 -4.31 0.58
N LEU A 26 10.05 -4.54 0.80
CA LEU A 26 9.52 -4.69 2.15
C LEU A 26 9.50 -3.36 2.91
N MET A 27 10.67 -2.73 3.03
CA MET A 27 10.77 -1.46 3.75
C MET A 27 10.12 -0.34 2.97
N LEU A 28 8.92 0.05 3.38
CA LEU A 28 8.19 1.13 2.70
C LEU A 28 7.99 2.33 3.63
N THR A 29 7.80 3.51 3.05
CA THR A 29 7.56 4.72 3.83
C THR A 29 6.16 5.26 3.59
N LEU A 30 5.25 5.08 4.55
CA LEU A 30 3.87 5.55 4.34
C LEU A 30 3.65 6.94 4.93
N GLU A 31 3.18 7.85 4.08
CA GLU A 31 2.90 9.23 4.48
C GLU A 31 1.41 9.52 4.44
N LEU A 32 0.94 10.33 5.38
CA LEU A 32 -0.48 10.67 5.47
C LEU A 32 -0.69 12.18 5.48
N LYS A 33 -1.92 12.60 5.13
CA LYS A 33 -2.31 14.01 5.09
C LYS A 33 -1.55 14.87 6.09
N ASP A 34 -1.30 14.32 7.27
CA ASP A 34 -0.57 15.03 8.31
C ASP A 34 0.93 14.95 8.07
N GLY A 35 1.31 14.85 6.79
CA GLY A 35 2.72 14.75 6.43
C GLY A 35 3.46 13.78 7.33
N GLU A 36 2.77 12.73 7.76
CA GLU A 36 3.40 11.75 8.64
C GLU A 36 3.81 10.50 7.88
N LYS A 37 5.10 10.39 7.61
CA LYS A 37 5.64 9.23 6.88
C LYS A 37 6.37 8.29 7.81
N LEU A 38 6.21 6.99 7.59
CA LEU A 38 6.87 6.00 8.43
C LEU A 38 7.29 4.77 7.63
N GLN A 39 8.51 4.31 7.85
CA GLN A 39 9.02 3.14 7.16
C GLN A 39 8.76 1.89 7.97
N ALA A 40 8.56 0.76 7.29
CA ALA A 40 8.30 -0.50 7.96
C ALA A 40 9.00 -1.66 7.28
N LYS A 41 9.69 -2.47 8.09
CA LYS A 41 10.42 -3.64 7.63
C LYS A 41 9.47 -4.82 7.38
N ALA A 42 9.74 -5.58 6.32
CA ALA A 42 8.92 -6.73 5.97
C ALA A 42 7.49 -6.30 5.68
N SER A 43 6.84 -6.98 4.75
CA SER A 43 5.47 -6.63 4.39
C SER A 43 4.96 -7.39 3.17
N ASP A 44 3.65 -7.55 3.11
CA ASP A 44 2.96 -8.22 2.02
C ASP A 44 1.57 -7.60 1.96
N LEU A 45 0.75 -7.93 0.97
CA LEU A 45 -0.60 -7.37 0.91
C LEU A 45 -1.65 -8.48 0.85
N VAL A 46 -2.87 -8.15 1.24
CA VAL A 46 -3.97 -9.11 1.23
C VAL A 46 -5.22 -8.46 0.63
N SER A 47 -6.00 -9.21 -0.14
CA SER A 47 -7.20 -8.66 -0.75
C SER A 47 -8.44 -9.06 0.04
N ARG A 48 -9.37 -8.13 0.17
CA ARG A 48 -10.60 -8.38 0.89
C ARG A 48 -11.73 -8.69 -0.09
N LYS A 49 -12.70 -9.49 0.36
CA LYS A 49 -13.82 -9.85 -0.48
C LYS A 49 -14.44 -8.62 -1.14
N ASN A 50 -14.30 -7.47 -0.49
CA ASN A 50 -14.86 -6.23 -1.02
C ASN A 50 -13.80 -5.35 -1.69
N VAL A 51 -12.55 -5.43 -1.23
CA VAL A 51 -11.50 -4.60 -1.81
C VAL A 51 -10.10 -5.21 -1.59
N GLU A 52 -9.30 -4.60 -0.71
CA GLU A 52 -7.94 -5.09 -0.44
C GLU A 52 -7.14 -4.13 0.43
N TYR A 53 -6.40 -4.70 1.37
CA TYR A 53 -5.55 -3.93 2.27
C TYR A 53 -4.15 -4.54 2.29
N LEU A 54 -3.15 -3.76 2.69
CA LEU A 54 -1.79 -4.26 2.79
C LEU A 54 -1.52 -4.65 4.24
N VAL A 55 -0.70 -5.66 4.44
CA VAL A 55 -0.35 -6.11 5.77
C VAL A 55 1.15 -6.26 5.90
N VAL A 56 1.76 -5.47 6.77
CA VAL A 56 3.19 -5.53 6.97
C VAL A 56 3.53 -6.17 8.31
N GLU A 57 4.51 -7.05 8.30
CA GLU A 57 4.93 -7.71 9.52
C GLU A 57 6.33 -7.24 9.91
N ALA A 58 6.40 -6.40 10.94
CA ALA A 58 7.68 -5.88 11.39
C ALA A 58 8.35 -6.83 12.37
N ALA A 59 9.32 -7.60 11.87
CA ALA A 59 10.05 -8.56 12.69
C ALA A 59 9.15 -9.70 13.15
N GLY A 60 8.13 -9.36 13.94
CA GLY A 60 7.21 -10.37 14.43
C GLY A 60 5.78 -9.86 14.51
N GLU A 61 5.63 -8.55 14.73
CA GLU A 61 4.31 -7.95 14.83
C GLU A 61 3.67 -7.76 13.46
N THR A 62 2.35 -7.60 13.44
CA THR A 62 1.62 -7.41 12.20
C THR A 62 0.82 -6.10 12.22
N ARG A 63 0.85 -5.37 11.13
CA ARG A 63 0.13 -4.09 11.03
C ARG A 63 -0.72 -4.04 9.76
N GLU A 64 -1.73 -3.18 9.77
CA GLU A 64 -2.62 -3.04 8.63
C GLU A 64 -2.57 -1.61 8.08
N LEU A 65 -1.90 -1.44 6.94
CA LEU A 65 -1.76 -0.13 6.32
C LEU A 65 -2.20 -0.18 4.86
N ARG A 66 -3.00 0.82 4.45
CA ARG A 66 -3.55 0.93 3.09
C ARG A 66 -5.03 0.56 3.04
N LEU A 67 -5.53 0.04 4.17
CA LEU A 67 -6.93 -0.36 4.30
C LEU A 67 -7.83 0.85 4.50
N ASP A 68 -7.23 2.00 4.82
CA ASP A 68 -7.99 3.22 5.06
C ASP A 68 -7.76 4.22 3.95
N LYS A 69 -7.15 3.79 2.85
CA LYS A 69 -6.89 4.68 1.75
C LYS A 69 -5.94 5.79 2.21
N ILE A 70 -4.72 5.41 2.55
CA ILE A 70 -3.74 6.37 3.05
C ILE A 70 -3.21 7.28 1.94
N THR A 71 -3.33 8.58 2.19
CA THR A 71 -2.90 9.62 1.27
C THR A 71 -1.86 9.13 0.29
N SER A 72 -0.68 8.76 0.78
CA SER A 72 0.36 8.29 -0.12
C SER A 72 1.48 7.54 0.61
N PHE A 73 2.27 6.81 -0.17
CA PHE A 73 3.40 6.08 0.36
C PHE A 73 4.59 6.26 -0.56
N SER A 74 5.68 6.75 -0.02
CA SER A 74 6.87 7.01 -0.78
C SER A 74 7.99 6.02 -0.48
N HIS A 75 8.84 5.85 -1.48
CA HIS A 75 10.00 4.97 -1.37
C HIS A 75 11.22 5.64 -2.02
N PRO A 76 12.35 5.71 -1.30
CA PRO A 76 13.58 6.34 -1.79
C PRO A 76 13.91 6.00 -3.24
N GLU A 77 14.02 7.03 -4.05
CA GLU A 77 14.37 6.89 -5.46
C GLU A 77 13.34 6.07 -6.24
N ILE A 78 12.11 5.99 -5.73
CA ILE A 78 11.07 5.25 -6.41
C ILE A 78 9.87 6.14 -6.73
N GLY A 79 9.15 6.55 -5.70
CA GLY A 79 8.00 7.42 -5.94
C GLY A 79 6.99 7.40 -4.80
N THR A 80 5.95 8.23 -4.94
CA THR A 80 4.87 8.30 -3.95
C THR A 80 3.52 7.95 -4.59
N VAL A 81 2.76 7.06 -3.97
CA VAL A 81 1.45 6.69 -4.50
C VAL A 81 0.36 7.11 -3.52
N VAL A 82 -0.62 7.86 -4.02
CA VAL A 82 -1.71 8.32 -3.18
C VAL A 82 -2.96 7.48 -3.39
N VAL A 83 -3.37 6.81 -2.32
CA VAL A 83 -4.58 5.96 -2.33
C VAL A 83 -5.00 5.59 -3.77
N SER A 84 -6.04 6.25 -4.28
CA SER A 84 -6.52 5.98 -5.64
C SER A 84 -6.09 7.07 -6.60
N GLU A 85 -5.27 6.69 -7.59
CA GLU A 85 -4.79 7.64 -8.58
C GLU A 85 -5.94 8.21 -9.40
N SER A 86 -5.89 9.51 -9.67
CA SER A 86 -6.93 10.17 -10.45
C SER A 86 -8.28 10.04 -9.76
#